data_1HAR
# 
_entry.id   1HAR 
# 
_audit_conform.dict_name       mmcif_pdbx.dic 
_audit_conform.dict_version    5.386 
_audit_conform.dict_location   http://mmcif.pdb.org/dictionaries/ascii/mmcif_pdbx.dic 
# 
loop_
_database_2.database_id 
_database_2.database_code 
_database_2.pdbx_database_accession 
_database_2.pdbx_DOI 
PDB   1HAR         pdb_00001har 10.2210/pdb1har/pdb 
WWPDB D_1000173751 ?            ?                   
# 
loop_
_pdbx_audit_revision_history.ordinal 
_pdbx_audit_revision_history.data_content_type 
_pdbx_audit_revision_history.major_revision 
_pdbx_audit_revision_history.minor_revision 
_pdbx_audit_revision_history.revision_date 
1 'Structure model' 1 0 1995-04-20 
2 'Structure model' 1 1 2008-03-03 
3 'Structure model' 1 2 2011-07-13 
4 'Structure model' 1 3 2024-02-07 
# 
_pdbx_audit_revision_details.ordinal             1 
_pdbx_audit_revision_details.revision_ordinal    1 
_pdbx_audit_revision_details.data_content_type   'Structure model' 
_pdbx_audit_revision_details.provider            repository 
_pdbx_audit_revision_details.type                'Initial release' 
_pdbx_audit_revision_details.description         ? 
_pdbx_audit_revision_details.details             ? 
# 
loop_
_pdbx_audit_revision_group.ordinal 
_pdbx_audit_revision_group.revision_ordinal 
_pdbx_audit_revision_group.data_content_type 
_pdbx_audit_revision_group.group 
1 2 'Structure model' 'Version format compliance' 
2 3 'Structure model' 'Version format compliance' 
3 4 'Structure model' 'Data collection'           
4 4 'Structure model' 'Database references'       
5 4 'Structure model' Other                       
# 
loop_
_pdbx_audit_revision_category.ordinal 
_pdbx_audit_revision_category.revision_ordinal 
_pdbx_audit_revision_category.data_content_type 
_pdbx_audit_revision_category.category 
1 4 'Structure model' chem_comp_atom       
2 4 'Structure model' chem_comp_bond       
3 4 'Structure model' database_2           
4 4 'Structure model' pdbx_database_status 
5 4 'Structure model' struct_ref_seq_dif   
# 
loop_
_pdbx_audit_revision_item.ordinal 
_pdbx_audit_revision_item.revision_ordinal 
_pdbx_audit_revision_item.data_content_type 
_pdbx_audit_revision_item.item 
1 4 'Structure model' '_database_2.pdbx_DOI'                
2 4 'Structure model' '_database_2.pdbx_database_accession' 
3 4 'Structure model' '_pdbx_database_status.process_site'  
4 4 'Structure model' '_struct_ref_seq_dif.details'         
# 
_pdbx_database_status.status_code                     REL 
_pdbx_database_status.entry_id                        1HAR 
_pdbx_database_status.recvd_initial_deposition_date   1994-10-28 
_pdbx_database_status.deposit_site                    ? 
_pdbx_database_status.process_site                    BNL 
_pdbx_database_status.status_code_sf                  REL 
_pdbx_database_status.status_code_mr                  ? 
_pdbx_database_status.SG_entry                        ? 
_pdbx_database_status.pdb_format_compatible           Y 
_pdbx_database_status.status_code_cs                  ? 
_pdbx_database_status.status_code_nmr_data            ? 
_pdbx_database_status.methods_development_category    ? 
# 
loop_
_audit_author.name 
_audit_author.pdbx_ordinal 
'Unge, T.'       1 
'Knight, S.'     2 
'Strandberg, B.' 3 
# 
_citation.id                        primary 
_citation.title                     
'2.2 A resolution structure of the amino-terminal half of HIV-1 reverse transcriptase (fingers and palm subdomains).' 
_citation.journal_abbrev            Structure 
_citation.journal_volume            2 
_citation.page_first                953 
_citation.page_last                 961 
_citation.year                      1994 
_citation.journal_id_ASTM           STRUE6 
_citation.country                   UK 
_citation.journal_id_ISSN           0969-2126 
_citation.journal_id_CSD            2005 
_citation.book_publisher            ? 
_citation.pdbx_database_id_PubMed   7532533 
_citation.pdbx_database_id_DOI      '10.1016/S0969-2126(94)00097-2' 
# 
loop_
_citation_author.citation_id 
_citation_author.name 
_citation_author.ordinal 
_citation_author.identifier_ORCID 
primary 'Unge, T.'       1 ? 
primary 'Knight, S.'     2 ? 
primary 'Bhikhabhai, R.' 3 ? 
primary 'Lovgren, S.'    4 ? 
primary 'Dauter, Z.'     5 ? 
primary 'Wilson, K.'     6 ? 
primary 'Strandberg, B.' 7 ? 
# 
loop_
_entity.id 
_entity.type 
_entity.src_method 
_entity.pdbx_description 
_entity.formula_weight 
_entity.pdbx_number_of_molecules 
_entity.pdbx_ec 
_entity.pdbx_mutation 
_entity.pdbx_fragment 
_entity.details 
1 polymer man 'HIV-1 REVERSE TRANSCRIPTASE (FINGERS AND PALM SUBDOMAINS)' 24261.102 1  2.7.7.49 ? ? ? 
2 water   nat water                                                       18.015    90 ?        ? ? ? 
# 
_entity_poly.entity_id                      1 
_entity_poly.type                           'polypeptide(L)' 
_entity_poly.nstd_linkage                   no 
_entity_poly.nstd_monomer                   no 
_entity_poly.pdbx_seq_one_letter_code       
;PISPIETVPVKLKPGMDGPKVAQWPLTAAKIAALVAICTEMEKEGKISKIGPENPYNTPVFAIKKKDSTKWAKLVDFREL
NKRTQDFWEVQLGIPHPAGLKKKKSVTVLDVGDAYFSVPLDEDFRKYTAFTIPSINNETPGIRYQYNVLPQGWKGSPAIF
QSSMTKILAPFKAANPDIVIYQYMDDLYVGSDLAIGAHRTKIEELRQHLLRWGLTT
;
_entity_poly.pdbx_seq_one_letter_code_can   
;PISPIETVPVKLKPGMDGPKVAQWPLTAAKIAALVAICTEMEKEGKISKIGPENPYNTPVFAIKKKDSTKWAKLVDFREL
NKRTQDFWEVQLGIPHPAGLKKKKSVTVLDVGDAYFSVPLDEDFRKYTAFTIPSINNETPGIRYQYNVLPQGWKGSPAIF
QSSMTKILAPFKAANPDIVIYQYMDDLYVGSDLAIGAHRTKIEELRQHLLRWGLTT
;
_entity_poly.pdbx_strand_id                 A 
_entity_poly.pdbx_target_identifier         ? 
# 
_pdbx_entity_nonpoly.entity_id   2 
_pdbx_entity_nonpoly.name        water 
_pdbx_entity_nonpoly.comp_id     HOH 
# 
loop_
_entity_poly_seq.entity_id 
_entity_poly_seq.num 
_entity_poly_seq.mon_id 
_entity_poly_seq.hetero 
1 1   PRO n 
1 2   ILE n 
1 3   SER n 
1 4   PRO n 
1 5   ILE n 
1 6   GLU n 
1 7   THR n 
1 8   VAL n 
1 9   PRO n 
1 10  VAL n 
1 11  LYS n 
1 12  LEU n 
1 13  LYS n 
1 14  PRO n 
1 15  GLY n 
1 16  MET n 
1 17  ASP n 
1 18  GLY n 
1 19  PRO n 
1 20  LYS n 
1 21  VAL n 
1 22  ALA n 
1 23  GLN n 
1 24  TRP n 
1 25  PRO n 
1 26  LEU n 
1 27  THR n 
1 28  ALA n 
1 29  ALA n 
1 30  LYS n 
1 31  ILE n 
1 32  ALA n 
1 33  ALA n 
1 34  LEU n 
1 35  VAL n 
1 36  ALA n 
1 37  ILE n 
1 38  CYS n 
1 39  THR n 
1 40  GLU n 
1 41  MET n 
1 42  GLU n 
1 43  LYS n 
1 44  GLU n 
1 45  GLY n 
1 46  LYS n 
1 47  ILE n 
1 48  SER n 
1 49  LYS n 
1 50  ILE n 
1 51  GLY n 
1 52  PRO n 
1 53  GLU n 
1 54  ASN n 
1 55  PRO n 
1 56  TYR n 
1 57  ASN n 
1 58  THR n 
1 59  PRO n 
1 60  VAL n 
1 61  PHE n 
1 62  ALA n 
1 63  ILE n 
1 64  LYS n 
1 65  LYS n 
1 66  LYS n 
1 67  ASP n 
1 68  SER n 
1 69  THR n 
1 70  LYS n 
1 71  TRP n 
1 72  ALA n 
1 73  LYS n 
1 74  LEU n 
1 75  VAL n 
1 76  ASP n 
1 77  PHE n 
1 78  ARG n 
1 79  GLU n 
1 80  LEU n 
1 81  ASN n 
1 82  LYS n 
1 83  ARG n 
1 84  THR n 
1 85  GLN n 
1 86  ASP n 
1 87  PHE n 
1 88  TRP n 
1 89  GLU n 
1 90  VAL n 
1 91  GLN n 
1 92  LEU n 
1 93  GLY n 
1 94  ILE n 
1 95  PRO n 
1 96  HIS n 
1 97  PRO n 
1 98  ALA n 
1 99  GLY n 
1 100 LEU n 
1 101 LYS n 
1 102 LYS n 
1 103 LYS n 
1 104 LYS n 
1 105 SER n 
1 106 VAL n 
1 107 THR n 
1 108 VAL n 
1 109 LEU n 
1 110 ASP n 
1 111 VAL n 
1 112 GLY n 
1 113 ASP n 
1 114 ALA n 
1 115 TYR n 
1 116 PHE n 
1 117 SER n 
1 118 VAL n 
1 119 PRO n 
1 120 LEU n 
1 121 ASP n 
1 122 GLU n 
1 123 ASP n 
1 124 PHE n 
1 125 ARG n 
1 126 LYS n 
1 127 TYR n 
1 128 THR n 
1 129 ALA n 
1 130 PHE n 
1 131 THR n 
1 132 ILE n 
1 133 PRO n 
1 134 SER n 
1 135 ILE n 
1 136 ASN n 
1 137 ASN n 
1 138 GLU n 
1 139 THR n 
1 140 PRO n 
1 141 GLY n 
1 142 ILE n 
1 143 ARG n 
1 144 TYR n 
1 145 GLN n 
1 146 TYR n 
1 147 ASN n 
1 148 VAL n 
1 149 LEU n 
1 150 PRO n 
1 151 GLN n 
1 152 GLY n 
1 153 TRP n 
1 154 LYS n 
1 155 GLY n 
1 156 SER n 
1 157 PRO n 
1 158 ALA n 
1 159 ILE n 
1 160 PHE n 
1 161 GLN n 
1 162 SER n 
1 163 SER n 
1 164 MET n 
1 165 THR n 
1 166 LYS n 
1 167 ILE n 
1 168 LEU n 
1 169 ALA n 
1 170 PRO n 
1 171 PHE n 
1 172 LYS n 
1 173 ALA n 
1 174 ALA n 
1 175 ASN n 
1 176 PRO n 
1 177 ASP n 
1 178 ILE n 
1 179 VAL n 
1 180 ILE n 
1 181 TYR n 
1 182 GLN n 
1 183 TYR n 
1 184 MET n 
1 185 ASP n 
1 186 ASP n 
1 187 LEU n 
1 188 TYR n 
1 189 VAL n 
1 190 GLY n 
1 191 SER n 
1 192 ASP n 
1 193 LEU n 
1 194 ALA n 
1 195 ILE n 
1 196 GLY n 
1 197 ALA n 
1 198 HIS n 
1 199 ARG n 
1 200 THR n 
1 201 LYS n 
1 202 ILE n 
1 203 GLU n 
1 204 GLU n 
1 205 LEU n 
1 206 ARG n 
1 207 GLN n 
1 208 HIS n 
1 209 LEU n 
1 210 LEU n 
1 211 ARG n 
1 212 TRP n 
1 213 GLY n 
1 214 LEU n 
1 215 THR n 
1 216 THR n 
# 
_entity_src_gen.entity_id                          1 
_entity_src_gen.pdbx_src_id                        1 
_entity_src_gen.pdbx_alt_source_flag               sample 
_entity_src_gen.pdbx_seq_type                      ? 
_entity_src_gen.pdbx_beg_seq_num                   ? 
_entity_src_gen.pdbx_end_seq_num                   ? 
_entity_src_gen.gene_src_common_name               ? 
_entity_src_gen.gene_src_genus                     Lentivirus 
_entity_src_gen.pdbx_gene_src_gene                 ? 
_entity_src_gen.gene_src_species                   ? 
_entity_src_gen.gene_src_strain                    ? 
_entity_src_gen.gene_src_tissue                    ? 
_entity_src_gen.gene_src_tissue_fraction           ? 
_entity_src_gen.gene_src_details                   ? 
_entity_src_gen.pdbx_gene_src_fragment             ? 
_entity_src_gen.pdbx_gene_src_scientific_name      'Human immunodeficiency virus 1' 
_entity_src_gen.pdbx_gene_src_ncbi_taxonomy_id     11676 
_entity_src_gen.pdbx_gene_src_variant              ? 
_entity_src_gen.pdbx_gene_src_cell_line            ? 
_entity_src_gen.pdbx_gene_src_atcc                 ? 
_entity_src_gen.pdbx_gene_src_organ                ? 
_entity_src_gen.pdbx_gene_src_organelle            ? 
_entity_src_gen.pdbx_gene_src_cell                 ? 
_entity_src_gen.pdbx_gene_src_cellular_location    ? 
_entity_src_gen.host_org_common_name               ? 
_entity_src_gen.pdbx_host_org_scientific_name      'Escherichia coli' 
_entity_src_gen.pdbx_host_org_ncbi_taxonomy_id     562 
_entity_src_gen.host_org_genus                     Escherichia 
_entity_src_gen.pdbx_host_org_gene                 ? 
_entity_src_gen.pdbx_host_org_organ                ? 
_entity_src_gen.host_org_species                   ? 
_entity_src_gen.pdbx_host_org_tissue               ? 
_entity_src_gen.pdbx_host_org_tissue_fraction      ? 
_entity_src_gen.pdbx_host_org_strain               ? 
_entity_src_gen.pdbx_host_org_variant              ? 
_entity_src_gen.pdbx_host_org_cell_line            ? 
_entity_src_gen.pdbx_host_org_atcc                 ? 
_entity_src_gen.pdbx_host_org_culture_collection   ? 
_entity_src_gen.pdbx_host_org_cell                 ? 
_entity_src_gen.pdbx_host_org_organelle            ? 
_entity_src_gen.pdbx_host_org_cellular_location    ? 
_entity_src_gen.pdbx_host_org_vector_type          ? 
_entity_src_gen.pdbx_host_org_vector               ? 
_entity_src_gen.host_org_details                   ? 
_entity_src_gen.expression_system_id               ? 
_entity_src_gen.plasmid_name                       'PRT216.ET (DERIVATIVE OF PET)' 
_entity_src_gen.plasmid_details                    ? 
_entity_src_gen.pdbx_description                   ? 
# 
loop_
_chem_comp.id 
_chem_comp.type 
_chem_comp.mon_nstd_flag 
_chem_comp.name 
_chem_comp.pdbx_synonyms 
_chem_comp.formula 
_chem_comp.formula_weight 
ALA 'L-peptide linking' y ALANINE         ? 'C3 H7 N O2'     89.093  
ARG 'L-peptide linking' y ARGININE        ? 'C6 H15 N4 O2 1' 175.209 
ASN 'L-peptide linking' y ASPARAGINE      ? 'C4 H8 N2 O3'    132.118 
ASP 'L-peptide linking' y 'ASPARTIC ACID' ? 'C4 H7 N O4'     133.103 
CYS 'L-peptide linking' y CYSTEINE        ? 'C3 H7 N O2 S'   121.158 
GLN 'L-peptide linking' y GLUTAMINE       ? 'C5 H10 N2 O3'   146.144 
GLU 'L-peptide linking' y 'GLUTAMIC ACID' ? 'C5 H9 N O4'     147.129 
GLY 'peptide linking'   y GLYCINE         ? 'C2 H5 N O2'     75.067  
HIS 'L-peptide linking' y HISTIDINE       ? 'C6 H10 N3 O2 1' 156.162 
HOH non-polymer         . WATER           ? 'H2 O'           18.015  
ILE 'L-peptide linking' y ISOLEUCINE      ? 'C6 H13 N O2'    131.173 
LEU 'L-peptide linking' y LEUCINE         ? 'C6 H13 N O2'    131.173 
LYS 'L-peptide linking' y LYSINE          ? 'C6 H15 N2 O2 1' 147.195 
MET 'L-peptide linking' y METHIONINE      ? 'C5 H11 N O2 S'  149.211 
PHE 'L-peptide linking' y PHENYLALANINE   ? 'C9 H11 N O2'    165.189 
PRO 'L-peptide linking' y PROLINE         ? 'C5 H9 N O2'     115.130 
SER 'L-peptide linking' y SERINE          ? 'C3 H7 N O3'     105.093 
THR 'L-peptide linking' y THREONINE       ? 'C4 H9 N O3'     119.119 
TRP 'L-peptide linking' y TRYPTOPHAN      ? 'C11 H12 N2 O2'  204.225 
TYR 'L-peptide linking' y TYROSINE        ? 'C9 H11 N O3'    181.189 
VAL 'L-peptide linking' y VALINE          ? 'C5 H11 N O2'    117.146 
# 
loop_
_pdbx_poly_seq_scheme.asym_id 
_pdbx_poly_seq_scheme.entity_id 
_pdbx_poly_seq_scheme.seq_id 
_pdbx_poly_seq_scheme.mon_id 
_pdbx_poly_seq_scheme.ndb_seq_num 
_pdbx_poly_seq_scheme.pdb_seq_num 
_pdbx_poly_seq_scheme.auth_seq_num 
_pdbx_poly_seq_scheme.pdb_mon_id 
_pdbx_poly_seq_scheme.auth_mon_id 
_pdbx_poly_seq_scheme.pdb_strand_id 
_pdbx_poly_seq_scheme.pdb_ins_code 
_pdbx_poly_seq_scheme.hetero 
A 1 1   PRO 1   1   1   PRO PRO A . n 
A 1 2   ILE 2   2   2   ILE ILE A . n 
A 1 3   SER 3   3   3   SER SER A . n 
A 1 4   PRO 4   4   4   PRO PRO A . n 
A 1 5   ILE 5   5   5   ILE ILE A . n 
A 1 6   GLU 6   6   6   GLU GLU A . n 
A 1 7   THR 7   7   7   THR THR A . n 
A 1 8   VAL 8   8   8   VAL VAL A . n 
A 1 9   PRO 9   9   9   PRO PRO A . n 
A 1 10  VAL 10  10  10  VAL VAL A . n 
A 1 11  LYS 11  11  11  LYS LYS A . n 
A 1 12  LEU 12  12  12  LEU LEU A . n 
A 1 13  LYS 13  13  13  LYS LYS A . n 
A 1 14  PRO 14  14  14  PRO PRO A . n 
A 1 15  GLY 15  15  15  GLY GLY A . n 
A 1 16  MET 16  16  16  MET MET A . n 
A 1 17  ASP 17  17  17  ASP ASP A . n 
A 1 18  GLY 18  18  18  GLY GLY A . n 
A 1 19  PRO 19  19  19  PRO PRO A . n 
A 1 20  LYS 20  20  20  LYS LYS A . n 
A 1 21  VAL 21  21  21  VAL VAL A . n 
A 1 22  ALA 22  22  22  ALA ALA A . n 
A 1 23  GLN 23  23  23  GLN GLN A . n 
A 1 24  TRP 24  24  24  TRP TRP A . n 
A 1 25  PRO 25  25  25  PRO PRO A . n 
A 1 26  LEU 26  26  26  LEU LEU A . n 
A 1 27  THR 27  27  27  THR THR A . n 
A 1 28  ALA 28  28  28  ALA ALA A . n 
A 1 29  ALA 29  29  29  ALA ALA A . n 
A 1 30  LYS 30  30  30  LYS LYS A . n 
A 1 31  ILE 31  31  31  ILE ILE A . n 
A 1 32  ALA 32  32  32  ALA ALA A . n 
A 1 33  ALA 33  33  33  ALA ALA A . n 
A 1 34  LEU 34  34  34  LEU LEU A . n 
A 1 35  VAL 35  35  35  VAL VAL A . n 
A 1 36  ALA 36  36  36  ALA ALA A . n 
A 1 37  ILE 37  37  37  ILE ILE A . n 
A 1 38  CYS 38  38  38  CYS CYS A . n 
A 1 39  THR 39  39  39  THR THR A . n 
A 1 40  GLU 40  40  40  GLU GLU A . n 
A 1 41  MET 41  41  41  MET MET A . n 
A 1 42  GLU 42  42  42  GLU GLU A . n 
A 1 43  LYS 43  43  43  LYS LYS A . n 
A 1 44  GLU 44  44  44  GLU GLU A . n 
A 1 45  GLY 45  45  45  GLY GLY A . n 
A 1 46  LYS 46  46  46  LYS LYS A . n 
A 1 47  ILE 47  47  47  ILE ILE A . n 
A 1 48  SER 48  48  48  SER SER A . n 
A 1 49  LYS 49  49  49  LYS LYS A . n 
A 1 50  ILE 50  50  50  ILE ILE A . n 
A 1 51  GLY 51  51  51  GLY GLY A . n 
A 1 52  PRO 52  52  52  PRO PRO A . n 
A 1 53  GLU 53  53  53  GLU GLU A . n 
A 1 54  ASN 54  54  54  ASN ASN A . n 
A 1 55  PRO 55  55  55  PRO PRO A . n 
A 1 56  TYR 56  56  56  TYR TYR A . n 
A 1 57  ASN 57  57  57  ASN ASN A . n 
A 1 58  THR 58  58  58  THR THR A . n 
A 1 59  PRO 59  59  59  PRO PRO A . n 
A 1 60  VAL 60  60  60  VAL VAL A . n 
A 1 61  PHE 61  61  61  PHE PHE A . n 
A 1 62  ALA 62  62  62  ALA ALA A . n 
A 1 63  ILE 63  63  63  ILE ILE A . n 
A 1 64  LYS 64  64  ?   ?   ?   A . n 
A 1 65  LYS 65  65  ?   ?   ?   A . n 
A 1 66  LYS 66  66  ?   ?   ?   A . n 
A 1 67  ASP 67  67  ?   ?   ?   A . n 
A 1 68  SER 68  68  ?   ?   ?   A . n 
A 1 69  THR 69  69  ?   ?   ?   A . n 
A 1 70  LYS 70  70  ?   ?   ?   A . n 
A 1 71  TRP 71  71  71  TRP TRP A . n 
A 1 72  ALA 72  72  72  ALA ALA A . n 
A 1 73  LYS 73  73  73  LYS LYS A . n 
A 1 74  LEU 74  74  74  LEU LEU A . n 
A 1 75  VAL 75  75  75  VAL VAL A . n 
A 1 76  ASP 76  76  76  ASP ASP A . n 
A 1 77  PHE 77  77  77  PHE PHE A . n 
A 1 78  ARG 78  78  78  ARG ARG A . n 
A 1 79  GLU 79  79  79  GLU GLU A . n 
A 1 80  LEU 80  80  80  LEU LEU A . n 
A 1 81  ASN 81  81  81  ASN ASN A . n 
A 1 82  LYS 82  82  82  LYS LYS A . n 
A 1 83  ARG 83  83  83  ARG ARG A . n 
A 1 84  THR 84  84  84  THR THR A . n 
A 1 85  GLN 85  85  85  GLN GLN A . n 
A 1 86  ASP 86  86  86  ASP ASP A . n 
A 1 87  PHE 87  87  87  PHE PHE A . n 
A 1 88  TRP 88  88  88  TRP TRP A . n 
A 1 89  GLU 89  89  89  GLU GLU A . n 
A 1 90  VAL 90  90  90  VAL VAL A . n 
A 1 91  GLN 91  91  ?   ?   ?   A . n 
A 1 92  LEU 92  92  ?   ?   ?   A . n 
A 1 93  GLY 93  93  ?   ?   ?   A . n 
A 1 94  ILE 94  94  ?   ?   ?   A . n 
A 1 95  PRO 95  95  ?   ?   ?   A . n 
A 1 96  HIS 96  96  ?   ?   ?   A . n 
A 1 97  PRO 97  97  ?   ?   ?   A . n 
A 1 98  ALA 98  98  ?   ?   ?   A . n 
A 1 99  GLY 99  99  ?   ?   ?   A . n 
A 1 100 LEU 100 100 ?   ?   ?   A . n 
A 1 101 LYS 101 101 ?   ?   ?   A . n 
A 1 102 LYS 102 102 ?   ?   ?   A . n 
A 1 103 LYS 103 103 ?   ?   ?   A . n 
A 1 104 LYS 104 104 104 LYS LYS A . n 
A 1 105 SER 105 105 105 SER SER A . n 
A 1 106 VAL 106 106 106 VAL VAL A . n 
A 1 107 THR 107 107 107 THR THR A . n 
A 1 108 VAL 108 108 108 VAL VAL A . n 
A 1 109 LEU 109 109 109 LEU LEU A . n 
A 1 110 ASP 110 110 110 ASP ASP A . n 
A 1 111 VAL 111 111 111 VAL VAL A . n 
A 1 112 GLY 112 112 112 GLY GLY A . n 
A 1 113 ASP 113 113 113 ASP ASP A . n 
A 1 114 ALA 114 114 114 ALA ALA A . n 
A 1 115 TYR 115 115 115 TYR TYR A . n 
A 1 116 PHE 116 116 116 PHE PHE A . n 
A 1 117 SER 117 117 117 SER SER A . n 
A 1 118 VAL 118 118 118 VAL VAL A . n 
A 1 119 PRO 119 119 119 PRO PRO A . n 
A 1 120 LEU 120 120 120 LEU LEU A . n 
A 1 121 ASP 121 121 121 ASP ASP A . n 
A 1 122 GLU 122 122 122 GLU GLU A . n 
A 1 123 ASP 123 123 123 ASP ASP A . n 
A 1 124 PHE 124 124 124 PHE PHE A . n 
A 1 125 ARG 125 125 125 ARG ARG A . n 
A 1 126 LYS 126 126 126 LYS LYS A . n 
A 1 127 TYR 127 127 127 TYR TYR A . n 
A 1 128 THR 128 128 128 THR THR A . n 
A 1 129 ALA 129 129 129 ALA ALA A . n 
A 1 130 PHE 130 130 130 PHE PHE A . n 
A 1 131 THR 131 131 131 THR THR A . n 
A 1 132 ILE 132 132 132 ILE ILE A . n 
A 1 133 PRO 133 133 133 PRO PRO A . n 
A 1 134 SER 134 134 134 SER SER A . n 
A 1 135 ILE 135 135 135 ILE ILE A . n 
A 1 136 ASN 136 136 136 ASN ASN A . n 
A 1 137 ASN 137 137 137 ASN ASN A . n 
A 1 138 GLU 138 138 138 GLU GLU A . n 
A 1 139 THR 139 139 139 THR THR A . n 
A 1 140 PRO 140 140 140 PRO PRO A . n 
A 1 141 GLY 141 141 141 GLY GLY A . n 
A 1 142 ILE 142 142 142 ILE ILE A . n 
A 1 143 ARG 143 143 143 ARG ARG A . n 
A 1 144 TYR 144 144 144 TYR TYR A . n 
A 1 145 GLN 145 145 145 GLN GLN A . n 
A 1 146 TYR 146 146 146 TYR TYR A . n 
A 1 147 ASN 147 147 147 ASN ASN A . n 
A 1 148 VAL 148 148 148 VAL VAL A . n 
A 1 149 LEU 149 149 149 LEU LEU A . n 
A 1 150 PRO 150 150 150 PRO PRO A . n 
A 1 151 GLN 151 151 151 GLN GLN A . n 
A 1 152 GLY 152 152 152 GLY GLY A . n 
A 1 153 TRP 153 153 153 TRP TRP A . n 
A 1 154 LYS 154 154 154 LYS LYS A . n 
A 1 155 GLY 155 155 155 GLY GLY A . n 
A 1 156 SER 156 156 156 SER SER A . n 
A 1 157 PRO 157 157 157 PRO PRO A . n 
A 1 158 ALA 158 158 158 ALA ALA A . n 
A 1 159 ILE 159 159 159 ILE ILE A . n 
A 1 160 PHE 160 160 160 PHE PHE A . n 
A 1 161 GLN 161 161 161 GLN GLN A . n 
A 1 162 SER 162 162 162 SER SER A . n 
A 1 163 SER 163 163 163 SER SER A . n 
A 1 164 MET 164 164 164 MET MET A . n 
A 1 165 THR 165 165 165 THR THR A . n 
A 1 166 LYS 166 166 166 LYS LYS A . n 
A 1 167 ILE 167 167 167 ILE ILE A . n 
A 1 168 LEU 168 168 168 LEU LEU A . n 
A 1 169 ALA 169 169 169 ALA ALA A . n 
A 1 170 PRO 170 170 170 PRO PRO A . n 
A 1 171 PHE 171 171 171 PHE PHE A . n 
A 1 172 LYS 172 172 172 LYS LYS A . n 
A 1 173 ALA 173 173 173 ALA ALA A . n 
A 1 174 ALA 174 174 174 ALA ALA A . n 
A 1 175 ASN 175 175 175 ASN ASN A . n 
A 1 176 PRO 176 176 176 PRO PRO A . n 
A 1 177 ASP 177 177 177 ASP ASP A . n 
A 1 178 ILE 178 178 178 ILE ILE A . n 
A 1 179 VAL 179 179 179 VAL VAL A . n 
A 1 180 ILE 180 180 180 ILE ILE A . n 
A 1 181 TYR 181 181 181 TYR TYR A . n 
A 1 182 GLN 182 182 182 GLN GLN A . n 
A 1 183 TYR 183 183 183 TYR TYR A . n 
A 1 184 MET 184 184 184 MET MET A . n 
A 1 185 ASP 185 185 185 ASP ASP A . n 
A 1 186 ASP 186 186 186 ASP ASP A . n 
A 1 187 LEU 187 187 187 LEU LEU A . n 
A 1 188 TYR 188 188 188 TYR TYR A . n 
A 1 189 VAL 189 189 189 VAL VAL A . n 
A 1 190 GLY 190 190 190 GLY GLY A . n 
A 1 191 SER 191 191 191 SER SER A . n 
A 1 192 ASP 192 192 192 ASP ASP A . n 
A 1 193 LEU 193 193 193 LEU LEU A . n 
A 1 194 ALA 194 194 194 ALA ALA A . n 
A 1 195 ILE 195 195 195 ILE ILE A . n 
A 1 196 GLY 196 196 196 GLY GLY A . n 
A 1 197 ALA 197 197 197 ALA ALA A . n 
A 1 198 HIS 198 198 198 HIS HIS A . n 
A 1 199 ARG 199 199 199 ARG ARG A . n 
A 1 200 THR 200 200 200 THR THR A . n 
A 1 201 LYS 201 201 201 LYS LYS A . n 
A 1 202 ILE 202 202 202 ILE ILE A . n 
A 1 203 GLU 203 203 203 GLU GLU A . n 
A 1 204 GLU 204 204 204 GLU GLU A . n 
A 1 205 LEU 205 205 205 LEU LEU A . n 
A 1 206 ARG 206 206 206 ARG ARG A . n 
A 1 207 GLN 207 207 207 GLN GLN A . n 
A 1 208 HIS 208 208 208 HIS HIS A . n 
A 1 209 LEU 209 209 209 LEU LEU A . n 
A 1 210 LEU 210 210 210 LEU LEU A . n 
A 1 211 ARG 211 211 211 ARG ARG A . n 
A 1 212 TRP 212 212 212 TRP TRP A . n 
A 1 213 GLY 213 213 213 GLY GLY A . n 
A 1 214 LEU 214 214 214 LEU LEU A . n 
A 1 215 THR 215 215 215 THR THR A . n 
A 1 216 THR 216 216 216 THR THR A . n 
# 
loop_
_pdbx_nonpoly_scheme.asym_id 
_pdbx_nonpoly_scheme.entity_id 
_pdbx_nonpoly_scheme.mon_id 
_pdbx_nonpoly_scheme.ndb_seq_num 
_pdbx_nonpoly_scheme.pdb_seq_num 
_pdbx_nonpoly_scheme.auth_seq_num 
_pdbx_nonpoly_scheme.pdb_mon_id 
_pdbx_nonpoly_scheme.auth_mon_id 
_pdbx_nonpoly_scheme.pdb_strand_id 
_pdbx_nonpoly_scheme.pdb_ins_code 
B 2 HOH 1  600 600 HOH HOH A . 
B 2 HOH 2  601 601 HOH HOH A . 
B 2 HOH 3  602 602 HOH HOH A . 
B 2 HOH 4  603 603 HOH HOH A . 
B 2 HOH 5  604 604 HOH HOH A . 
B 2 HOH 6  605 605 HOH HOH A . 
B 2 HOH 7  606 606 HOH HOH A . 
B 2 HOH 8  607 607 HOH HOH A . 
B 2 HOH 9  608 608 HOH HOH A . 
B 2 HOH 10 609 609 HOH HOH A . 
B 2 HOH 11 610 610 HOH HOH A . 
B 2 HOH 12 611 611 HOH HOH A . 
B 2 HOH 13 612 612 HOH HOH A . 
B 2 HOH 14 613 613 HOH HOH A . 
B 2 HOH 15 614 614 HOH HOH A . 
B 2 HOH 16 615 615 HOH HOH A . 
B 2 HOH 17 616 616 HOH HOH A . 
B 2 HOH 18 617 617 HOH HOH A . 
B 2 HOH 19 618 618 HOH HOH A . 
B 2 HOH 20 619 619 HOH HOH A . 
B 2 HOH 21 620 620 HOH HOH A . 
B 2 HOH 22 621 621 HOH HOH A . 
B 2 HOH 23 622 622 HOH HOH A . 
B 2 HOH 24 623 623 HOH HOH A . 
B 2 HOH 25 624 624 HOH HOH A . 
B 2 HOH 26 625 625 HOH HOH A . 
B 2 HOH 27 626 626 HOH HOH A . 
B 2 HOH 28 627 627 HOH HOH A . 
B 2 HOH 29 628 628 HOH HOH A . 
B 2 HOH 30 629 629 HOH HOH A . 
B 2 HOH 31 630 630 HOH HOH A . 
B 2 HOH 32 631 631 HOH HOH A . 
B 2 HOH 33 632 632 HOH HOH A . 
B 2 HOH 34 633 633 HOH HOH A . 
B 2 HOH 35 634 634 HOH HOH A . 
B 2 HOH 36 635 635 HOH HOH A . 
B 2 HOH 37 636 636 HOH HOH A . 
B 2 HOH 38 637 637 HOH HOH A . 
B 2 HOH 39 638 638 HOH HOH A . 
B 2 HOH 40 639 639 HOH HOH A . 
B 2 HOH 41 640 640 HOH HOH A . 
B 2 HOH 42 641 641 HOH HOH A . 
B 2 HOH 43 642 642 HOH HOH A . 
B 2 HOH 44 643 643 HOH HOH A . 
B 2 HOH 45 644 644 HOH HOH A . 
B 2 HOH 46 645 645 HOH HOH A . 
B 2 HOH 47 646 646 HOH HOH A . 
B 2 HOH 48 647 647 HOH HOH A . 
B 2 HOH 49 648 648 HOH HOH A . 
B 2 HOH 50 649 649 HOH HOH A . 
B 2 HOH 51 650 650 HOH HOH A . 
B 2 HOH 52 651 651 HOH HOH A . 
B 2 HOH 53 652 652 HOH HOH A . 
B 2 HOH 54 653 653 HOH HOH A . 
B 2 HOH 55 654 654 HOH HOH A . 
B 2 HOH 56 655 655 HOH HOH A . 
B 2 HOH 57 656 656 HOH HOH A . 
B 2 HOH 58 657 657 HOH HOH A . 
B 2 HOH 59 658 658 HOH HOH A . 
B 2 HOH 60 659 659 HOH HOH A . 
B 2 HOH 61 660 660 HOH HOH A . 
B 2 HOH 62 661 661 HOH HOH A . 
B 2 HOH 63 662 662 HOH HOH A . 
B 2 HOH 64 663 663 HOH HOH A . 
B 2 HOH 65 664 664 HOH HOH A . 
B 2 HOH 66 665 665 HOH HOH A . 
B 2 HOH 67 666 666 HOH HOH A . 
B 2 HOH 68 667 667 HOH HOH A . 
B 2 HOH 69 668 668 HOH HOH A . 
B 2 HOH 70 669 669 HOH HOH A . 
B 2 HOH 71 670 670 HOH HOH A . 
B 2 HOH 72 671 671 HOH HOH A . 
B 2 HOH 73 672 672 HOH HOH A . 
B 2 HOH 74 673 673 HOH HOH A . 
B 2 HOH 75 674 674 HOH HOH A . 
B 2 HOH 76 675 675 HOH HOH A . 
B 2 HOH 77 676 676 HOH HOH A . 
B 2 HOH 78 677 677 HOH HOH A . 
B 2 HOH 79 678 678 HOH HOH A . 
B 2 HOH 80 679 679 HOH HOH A . 
B 2 HOH 81 680 680 HOH HOH A . 
B 2 HOH 82 681 681 HOH HOH A . 
B 2 HOH 83 682 682 HOH HOH A . 
B 2 HOH 84 683 683 HOH HOH A . 
B 2 HOH 85 684 684 HOH HOH A . 
B 2 HOH 86 685 685 HOH HOH A . 
B 2 HOH 87 686 686 HOH HOH A . 
B 2 HOH 88 687 687 HOH HOH A . 
B 2 HOH 89 688 688 HOH HOH A . 
B 2 HOH 90 689 689 HOH HOH A . 
# 
loop_
_pdbx_unobs_or_zero_occ_atoms.id 
_pdbx_unobs_or_zero_occ_atoms.PDB_model_num 
_pdbx_unobs_or_zero_occ_atoms.polymer_flag 
_pdbx_unobs_or_zero_occ_atoms.occupancy_flag 
_pdbx_unobs_or_zero_occ_atoms.auth_asym_id 
_pdbx_unobs_or_zero_occ_atoms.auth_comp_id 
_pdbx_unobs_or_zero_occ_atoms.auth_seq_id 
_pdbx_unobs_or_zero_occ_atoms.PDB_ins_code 
_pdbx_unobs_or_zero_occ_atoms.auth_atom_id 
_pdbx_unobs_or_zero_occ_atoms.label_alt_id 
_pdbx_unobs_or_zero_occ_atoms.label_asym_id 
_pdbx_unobs_or_zero_occ_atoms.label_comp_id 
_pdbx_unobs_or_zero_occ_atoms.label_seq_id 
_pdbx_unobs_or_zero_occ_atoms.label_atom_id 
1  1 Y 1 A SER 134 ? OG  ? A SER 134 OG  
2  1 Y 1 A ILE 135 ? CG1 ? A ILE 135 CG1 
3  1 Y 1 A ILE 135 ? CG2 ? A ILE 135 CG2 
4  1 Y 1 A ILE 135 ? CD1 ? A ILE 135 CD1 
5  1 Y 1 A ASN 136 ? CG  ? A ASN 136 CG  
6  1 Y 1 A ASN 136 ? OD1 ? A ASN 136 OD1 
7  1 Y 1 A ASN 136 ? ND2 ? A ASN 136 ND2 
8  1 Y 1 A ASN 137 ? CG  ? A ASN 137 CG  
9  1 Y 1 A ASN 137 ? OD1 ? A ASN 137 OD1 
10 1 Y 1 A ASN 137 ? ND2 ? A ASN 137 ND2 
11 1 Y 1 A GLU 138 ? CG  ? A GLU 138 CG  
12 1 Y 1 A GLU 138 ? CD  ? A GLU 138 CD  
13 1 Y 1 A GLU 138 ? OE1 ? A GLU 138 OE1 
14 1 Y 1 A GLU 138 ? OE2 ? A GLU 138 OE2 
15 1 Y 1 A THR 139 ? OG1 ? A THR 139 OG1 
16 1 Y 1 A THR 139 ? CG2 ? A THR 139 CG2 
# 
loop_
_software.name 
_software.classification 
_software.version 
_software.citation_id 
_software.pdbx_ordinal 
X-PLOR 'model building' . ? 1 
X-PLOR refinement       . ? 2 
X-PLOR phasing          . ? 3 
# 
_cell.entry_id           1HAR 
_cell.length_a           98.200 
_cell.length_b           98.200 
_cell.length_c           31.700 
_cell.angle_alpha        90.00 
_cell.angle_beta         90.00 
_cell.angle_gamma        90.00 
_cell.Z_PDB              4 
_cell.pdbx_unique_axis   ? 
# 
_symmetry.entry_id                         1HAR 
_symmetry.space_group_name_H-M             'P 43' 
_symmetry.pdbx_full_space_group_name_H-M   ? 
_symmetry.cell_setting                     ? 
_symmetry.Int_Tables_number                78 
# 
_exptl.entry_id          1HAR 
_exptl.method            'X-RAY DIFFRACTION' 
_exptl.crystals_number   ? 
# 
_exptl_crystal.id                    1 
_exptl_crystal.density_meas          ? 
_exptl_crystal.density_Matthews      3.15 
_exptl_crystal.density_percent_sol   60.92 
_exptl_crystal.description           ? 
# 
_diffrn.id                     1 
_diffrn.ambient_temp           ? 
_diffrn.ambient_temp_details   ? 
_diffrn.crystal_id             1 
# 
_diffrn_radiation.diffrn_id                        1 
_diffrn_radiation.wavelength_id                    1 
_diffrn_radiation.pdbx_monochromatic_or_laue_m_l   ? 
_diffrn_radiation.monochromator                    ? 
_diffrn_radiation.pdbx_diffrn_protocol             ? 
_diffrn_radiation.pdbx_scattering_type             x-ray 
# 
_diffrn_radiation_wavelength.id           1 
_diffrn_radiation_wavelength.wavelength   . 
_diffrn_radiation_wavelength.wt           1.0 
# 
_reflns.entry_id                     1HAR 
_reflns.observed_criterion_sigma_I   ? 
_reflns.observed_criterion_sigma_F   ? 
_reflns.d_resolution_low             ? 
_reflns.d_resolution_high            ? 
_reflns.number_obs                   14650 
_reflns.number_all                   ? 
_reflns.percent_possible_obs         96. 
_reflns.pdbx_Rmerge_I_obs            ? 
_reflns.pdbx_Rsym_value              ? 
_reflns.pdbx_netI_over_sigmaI        ? 
_reflns.B_iso_Wilson_estimate        ? 
_reflns.pdbx_redundancy              ? 
_reflns.pdbx_diffrn_id               1 
_reflns.pdbx_ordinal                 1 
# 
_refine.entry_id                                 1HAR 
_refine.ls_number_reflns_obs                     14650 
_refine.ls_number_reflns_all                     ? 
_refine.pdbx_ls_sigma_I                          ? 
_refine.pdbx_ls_sigma_F                          2.0 
_refine.pdbx_data_cutoff_high_absF               ? 
_refine.pdbx_data_cutoff_low_absF                ? 
_refine.pdbx_data_cutoff_high_rms_absF           ? 
_refine.ls_d_res_low                             7.0 
_refine.ls_d_res_high                            2.2 
_refine.ls_percent_reflns_obs                    ? 
_refine.ls_R_factor_obs                          0.2080000 
_refine.ls_R_factor_all                          ? 
_refine.ls_R_factor_R_work                       0.2080000 
_refine.ls_R_factor_R_free                       0.2700000 
_refine.ls_R_factor_R_free_error                 ? 
_refine.ls_R_factor_R_free_error_details         ? 
_refine.ls_percent_reflns_R_free                 ? 
_refine.ls_number_reflns_R_free                  ? 
_refine.ls_number_parameters                     ? 
_refine.ls_number_restraints                     ? 
_refine.occupancy_min                            ? 
_refine.occupancy_max                            ? 
_refine.B_iso_mean                               45. 
_refine.aniso_B[1][1]                            ? 
_refine.aniso_B[2][2]                            ? 
_refine.aniso_B[3][3]                            ? 
_refine.aniso_B[1][2]                            ? 
_refine.aniso_B[1][3]                            ? 
_refine.aniso_B[2][3]                            ? 
_refine.solvent_model_details                    ? 
_refine.solvent_model_param_ksol                 ? 
_refine.solvent_model_param_bsol                 ? 
_refine.pdbx_ls_cross_valid_method               ? 
_refine.details                                  ? 
_refine.pdbx_starting_model                      ? 
_refine.pdbx_method_to_determine_struct          ? 
_refine.pdbx_isotropic_thermal_model             ? 
_refine.pdbx_stereochemistry_target_values       ? 
_refine.pdbx_stereochem_target_val_spec_case     ? 
_refine.pdbx_R_Free_selection_details            ? 
_refine.pdbx_overall_ESU_R                       ? 
_refine.pdbx_overall_ESU_R_Free                  ? 
_refine.overall_SU_ML                            ? 
_refine.overall_SU_B                             ? 
_refine.pdbx_refine_id                           'X-RAY DIFFRACTION' 
_refine.pdbx_diffrn_id                           1 
_refine.pdbx_TLS_residual_ADP_flag               ? 
_refine.correlation_coeff_Fo_to_Fc               ? 
_refine.correlation_coeff_Fo_to_Fc_free          ? 
_refine.pdbx_solvent_vdw_probe_radii             ? 
_refine.pdbx_solvent_ion_probe_radii             ? 
_refine.pdbx_solvent_shrinkage_radii             ? 
_refine.pdbx_overall_phase_error                 ? 
_refine.overall_SU_R_Cruickshank_DPI             ? 
_refine.pdbx_overall_SU_R_free_Cruickshank_DPI   ? 
_refine.pdbx_overall_SU_R_Blow_DPI               ? 
_refine.pdbx_overall_SU_R_free_Blow_DPI          ? 
# 
_refine_hist.pdbx_refine_id                   'X-RAY DIFFRACTION' 
_refine_hist.cycle_id                         LAST 
_refine_hist.pdbx_number_atoms_protein        1542 
_refine_hist.pdbx_number_atoms_nucleic_acid   0 
_refine_hist.pdbx_number_atoms_ligand         0 
_refine_hist.number_atoms_solvent             90 
_refine_hist.number_atoms_total               1632 
_refine_hist.d_res_high                       2.2 
_refine_hist.d_res_low                        7.0 
# 
loop_
_refine_ls_restr.type 
_refine_ls_restr.dev_ideal 
_refine_ls_restr.dev_ideal_target 
_refine_ls_restr.weight 
_refine_ls_restr.number 
_refine_ls_restr.pdbx_refine_id 
_refine_ls_restr.pdbx_restraint_function 
x_bond_d                0.012 ? ? ? 'X-RAY DIFFRACTION' ? 
x_bond_d_na             ?     ? ? ? 'X-RAY DIFFRACTION' ? 
x_bond_d_prot           ?     ? ? ? 'X-RAY DIFFRACTION' ? 
x_angle_d               ?     ? ? ? 'X-RAY DIFFRACTION' ? 
x_angle_d_na            ?     ? ? ? 'X-RAY DIFFRACTION' ? 
x_angle_d_prot          ?     ? ? ? 'X-RAY DIFFRACTION' ? 
x_angle_deg             1.3   ? ? ? 'X-RAY DIFFRACTION' ? 
x_angle_deg_na          ?     ? ? ? 'X-RAY DIFFRACTION' ? 
x_angle_deg_prot        ?     ? ? ? 'X-RAY DIFFRACTION' ? 
x_dihedral_angle_d      ?     ? ? ? 'X-RAY DIFFRACTION' ? 
x_dihedral_angle_d_na   ?     ? ? ? 'X-RAY DIFFRACTION' ? 
x_dihedral_angle_d_prot ?     ? ? ? 'X-RAY DIFFRACTION' ? 
x_improper_angle_d      ?     ? ? ? 'X-RAY DIFFRACTION' ? 
x_improper_angle_d_na   ?     ? ? ? 'X-RAY DIFFRACTION' ? 
x_improper_angle_d_prot ?     ? ? ? 'X-RAY DIFFRACTION' ? 
x_mcbond_it             ?     ? ? ? 'X-RAY DIFFRACTION' ? 
x_mcangle_it            ?     ? ? ? 'X-RAY DIFFRACTION' ? 
x_scbond_it             ?     ? ? ? 'X-RAY DIFFRACTION' ? 
x_scangle_it            ?     ? ? ? 'X-RAY DIFFRACTION' ? 
# 
_struct.entry_id                  1HAR 
_struct.title                     
'2.2 ANGSTROMS RESOLUTION STRUCTURE OF THE AMINO-TERMINAL HALF OF HIV-1 REVERSE TRANSCRIPTASE (FINGERS AND PALM SUBDOMAINS)' 
_struct.pdbx_model_details        ? 
_struct.pdbx_CASP_flag            ? 
_struct.pdbx_model_type_details   ? 
# 
_struct_keywords.entry_id        1HAR 
_struct_keywords.pdbx_keywords   'Viral protein, transferase' 
_struct_keywords.text            
'REVERSE TRANSCRIPTASE, Viral protein, transferase, DNA POLYMERASE, FINGERS-PALM SUBDOMAINS, N-TERMINAL HALF' 
# 
loop_
_struct_asym.id 
_struct_asym.pdbx_blank_PDB_chainid_flag 
_struct_asym.pdbx_modified 
_struct_asym.entity_id 
_struct_asym.details 
A N N 1 ? 
B N N 2 ? 
# 
_struct_ref.id                         1 
_struct_ref.db_name                    UNP 
_struct_ref.db_code                    Q8UTX6_9HIV1 
_struct_ref.entity_id                  1 
_struct_ref.pdbx_db_accession          Q8UTX6 
_struct_ref.pdbx_align_begin           1 
_struct_ref.pdbx_seq_one_letter_code   
;FFREDLAFLQGKAREFSSEQTRANSPTISSEQTRANSPTRRELQVWGRDNNSPSEAGADRQGTVSFNFPQITLWQRPLVT
IKIGGQLKEALLDTGADDTVLEEMSLPGRWKPKMIGGIGGFIKVRQYDQILIEICGHKAIGTVLVGPTPVNIIGRNLLTQ
IGCTLNFPISPIETVPVKLKPGMDGPKVKQWPLTEEKIKALVEICTEMEKEGKISKIGPENPYNTPVFAIKKKDSTKWRK
LVDFRELNKRTQDFWEVQLGIPHPAGLKKKKSVTVLDVGDAYFSVPLDEDFRKYTAFTIPSINNETPGIRYQYNVLPQGW
KGSPAIFQSSMTKILEPFKKQNPDIVIYQYMDDLYVGSDLEIGQHRTKIEELRQHLLRWGLTTPDKKHQKEPPFLWMGYE
LHPDKWTVQPIVLPEKDSWTVNDIQKLVGKLNWASQIYPGIKVRQLCKLLRGTKALTEVIPLTEEAELELAENREILKEP
VHGVYYDPSKDLIAEIQKQGQGQWTYQIYQEPFKNLKTGKYARMRGAHTNDVKQLTEAVQKITTESIVIWGKTPKFKLPI
QKETWETWWTEYWQATWIPEWEFVNTPPLVKLWYQLEKEPIVGAETFYVDGAANRETKLGKAGYVTNKGRQKVVPLTNTT
NQKTELQAIYLALQDSGLEVNIVTDSQYALGIIQAQPDKSESELVNQIIEQLIKKEKVYLAWVPAHKGIGGNEQVDKLVS
AGIRKILFLDGIDKAQDEHEKYHSNWRAMASDFNLPPVVAKEIVASCDKCQLKGEAMHGQVDCSPGIWQLDCTHLEGKVI
LVAVHVASGYIEAEVIPAETGQETAYFLLKLAGRWPVKTIHTDNGSNFTSATVKAACWWAGIKQEFGIPYNPQSQGVVES
MNKELKKIIGQVRDQAEHLKTAVQMAVFIHNFKRKGGIGGYSAGERIVDIIATDIQTKELQKQITKIQNFRVYYRDSRNP
LWKGPAKLLWKGEGAVVIQDNSDIKVVPRRKAKIIRDYGKQMAGDDCVASRQDED
;
_struct_ref.pdbx_db_isoform            ? 
# 
_struct_ref_seq.align_id                      1 
_struct_ref_seq.ref_id                        1 
_struct_ref_seq.pdbx_PDB_id_code              1HAR 
_struct_ref_seq.pdbx_strand_id                A 
_struct_ref_seq.seq_align_beg                 1 
_struct_ref_seq.pdbx_seq_align_beg_ins_code   ? 
_struct_ref_seq.seq_align_end                 216 
_struct_ref_seq.pdbx_seq_align_end_ins_code   ? 
_struct_ref_seq.pdbx_db_accession             Q8UTX6 
_struct_ref_seq.db_align_beg                  168 
_struct_ref_seq.pdbx_db_align_beg_ins_code    ? 
_struct_ref_seq.db_align_end                  383 
_struct_ref_seq.pdbx_db_align_end_ins_code    ? 
_struct_ref_seq.pdbx_auth_seq_align_beg       1 
_struct_ref_seq.pdbx_auth_seq_align_end       216 
# 
loop_
_struct_ref_seq_dif.align_id 
_struct_ref_seq_dif.pdbx_pdb_id_code 
_struct_ref_seq_dif.mon_id 
_struct_ref_seq_dif.pdbx_pdb_strand_id 
_struct_ref_seq_dif.seq_num 
_struct_ref_seq_dif.pdbx_pdb_ins_code 
_struct_ref_seq_dif.pdbx_seq_db_name 
_struct_ref_seq_dif.pdbx_seq_db_accession_code 
_struct_ref_seq_dif.db_mon_id 
_struct_ref_seq_dif.pdbx_seq_db_seq_num 
_struct_ref_seq_dif.details 
_struct_ref_seq_dif.pdbx_auth_seq_num 
_struct_ref_seq_dif.pdbx_ordinal 
1 1HAR ALA A 22  ? UNP Q8UTX6 LYS 189 conflict 22  1  
1 1HAR ALA A 28  ? UNP Q8UTX6 GLU 195 conflict 28  2  
1 1HAR ALA A 29  ? UNP Q8UTX6 GLU 196 conflict 29  3  
1 1HAR ALA A 32  ? UNP Q8UTX6 LYS 199 conflict 32  4  
1 1HAR ALA A 36  ? UNP Q8UTX6 GLU 203 conflict 36  5  
1 1HAR ALA A 72  ? UNP Q8UTX6 ARG 239 conflict 72  6  
1 1HAR ALA A 169 ? UNP Q8UTX6 GLU 336 conflict 169 7  
1 1HAR ALA A 173 ? UNP Q8UTX6 LYS 340 conflict 173 8  
1 1HAR ALA A 174 ? UNP Q8UTX6 GLN 341 conflict 174 9  
1 1HAR ALA A 194 ? UNP Q8UTX6 GLU 361 conflict 194 10 
1 1HAR ALA A 197 ? UNP Q8UTX6 GLN 364 conflict 197 11 
# 
_pdbx_struct_assembly.id                   1 
_pdbx_struct_assembly.details              author_defined_assembly 
_pdbx_struct_assembly.method_details       ? 
_pdbx_struct_assembly.oligomeric_details   monomeric 
_pdbx_struct_assembly.oligomeric_count     1 
# 
_pdbx_struct_assembly_gen.assembly_id       1 
_pdbx_struct_assembly_gen.oper_expression   1 
_pdbx_struct_assembly_gen.asym_id_list      A,B 
# 
_pdbx_struct_oper_list.id                   1 
_pdbx_struct_oper_list.type                 'identity operation' 
_pdbx_struct_oper_list.name                 1_555 
_pdbx_struct_oper_list.symmetry_operation   x,y,z 
_pdbx_struct_oper_list.matrix[1][1]         1.0000000000 
_pdbx_struct_oper_list.matrix[1][2]         0.0000000000 
_pdbx_struct_oper_list.matrix[1][3]         0.0000000000 
_pdbx_struct_oper_list.vector[1]            0.0000000000 
_pdbx_struct_oper_list.matrix[2][1]         0.0000000000 
_pdbx_struct_oper_list.matrix[2][2]         1.0000000000 
_pdbx_struct_oper_list.matrix[2][3]         0.0000000000 
_pdbx_struct_oper_list.vector[2]            0.0000000000 
_pdbx_struct_oper_list.matrix[3][1]         0.0000000000 
_pdbx_struct_oper_list.matrix[3][2]         0.0000000000 
_pdbx_struct_oper_list.matrix[3][3]         1.0000000000 
_pdbx_struct_oper_list.vector[3]            0.0000000000 
# 
_struct_biol.id   1 
# 
loop_
_struct_conf.conf_type_id 
_struct_conf.id 
_struct_conf.pdbx_PDB_helix_id 
_struct_conf.beg_label_comp_id 
_struct_conf.beg_label_asym_id 
_struct_conf.beg_label_seq_id 
_struct_conf.pdbx_beg_PDB_ins_code 
_struct_conf.end_label_comp_id 
_struct_conf.end_label_asym_id 
_struct_conf.end_label_seq_id 
_struct_conf.pdbx_end_PDB_ins_code 
_struct_conf.beg_auth_comp_id 
_struct_conf.beg_auth_asym_id 
_struct_conf.beg_auth_seq_id 
_struct_conf.end_auth_comp_id 
_struct_conf.end_auth_asym_id 
_struct_conf.end_auth_seq_id 
_struct_conf.pdbx_PDB_helix_class 
_struct_conf.details 
_struct_conf.pdbx_PDB_helix_length 
HELX_P HELX_P1 1 ALA A 28  ? LYS A 43  ? ALA A 28  LYS A 43  1 ? 16 
HELX_P HELX_P2 2 ARG A 78  ? ARG A 83  ? ARG A 78  ARG A 83  1 ? 6  
HELX_P HELX_P3 3 GLY A 112 ? SER A 117 ? GLY A 112 SER A 117 5 ? 6  
HELX_P HELX_P4 4 ARG A 125 ? THR A 128 ? ARG A 125 THR A 128 5 ? 4  
HELX_P HELX_P5 5 ILE A 135 ? ASN A 137 ? ILE A 135 ASN A 137 5 ? 3  
HELX_P HELX_P6 6 SER A 156 ? ALA A 174 ? SER A 156 ALA A 174 1 ? 19 
HELX_P HELX_P7 7 ILE A 195 ? TRP A 212 ? ILE A 195 TRP A 212 1 ? 18 
# 
_struct_conf_type.id          HELX_P 
_struct_conf_type.criteria    ? 
_struct_conf_type.reference   ? 
# 
loop_
_struct_sheet.id 
_struct_sheet.type 
_struct_sheet.number_strands 
_struct_sheet.details 
A ? 3 ? 
B ? 2 ? 
C ? 3 ? 
# 
loop_
_struct_sheet_order.sheet_id 
_struct_sheet_order.range_id_1 
_struct_sheet_order.range_id_2 
_struct_sheet_order.offset 
_struct_sheet_order.sense 
A 1 2 ? anti-parallel 
A 2 3 ? anti-parallel 
B 1 2 ? anti-parallel 
C 1 2 ? anti-parallel 
C 2 3 ? anti-parallel 
# 
loop_
_struct_sheet_range.sheet_id 
_struct_sheet_range.id 
_struct_sheet_range.beg_label_comp_id 
_struct_sheet_range.beg_label_asym_id 
_struct_sheet_range.beg_label_seq_id 
_struct_sheet_range.pdbx_beg_PDB_ins_code 
_struct_sheet_range.end_label_comp_id 
_struct_sheet_range.end_label_asym_id 
_struct_sheet_range.end_label_seq_id 
_struct_sheet_range.pdbx_end_PDB_ins_code 
_struct_sheet_range.beg_auth_comp_id 
_struct_sheet_range.beg_auth_asym_id 
_struct_sheet_range.beg_auth_seq_id 
_struct_sheet_range.end_auth_comp_id 
_struct_sheet_range.end_auth_asym_id 
_struct_sheet_range.end_auth_seq_id 
A 1 ILE A 47  ? LYS A 49  ? ILE A 47  LYS A 49  
A 2 ILE A 142 ? TYR A 146 ? ILE A 142 TYR A 146 
A 3 PHE A 130 ? ILE A 132 ? PHE A 130 ILE A 132 
B 1 VAL A 60  ? ILE A 63  ? VAL A 60  ILE A 63  
B 2 ALA A 72  ? VAL A 75  ? ALA A 72  VAL A 75  
C 1 SER A 105 ? ASP A 110 ? SER A 105 ASP A 110 
C 2 ASP A 186 ? SER A 191 ? ASP A 186 SER A 191 
C 3 ILE A 178 ? TYR A 183 ? ILE A 178 TYR A 183 
# 
loop_
_pdbx_struct_sheet_hbond.sheet_id 
_pdbx_struct_sheet_hbond.range_id_1 
_pdbx_struct_sheet_hbond.range_id_2 
_pdbx_struct_sheet_hbond.range_1_label_atom_id 
_pdbx_struct_sheet_hbond.range_1_label_comp_id 
_pdbx_struct_sheet_hbond.range_1_label_asym_id 
_pdbx_struct_sheet_hbond.range_1_label_seq_id 
_pdbx_struct_sheet_hbond.range_1_PDB_ins_code 
_pdbx_struct_sheet_hbond.range_1_auth_atom_id 
_pdbx_struct_sheet_hbond.range_1_auth_comp_id 
_pdbx_struct_sheet_hbond.range_1_auth_asym_id 
_pdbx_struct_sheet_hbond.range_1_auth_seq_id 
_pdbx_struct_sheet_hbond.range_2_label_atom_id 
_pdbx_struct_sheet_hbond.range_2_label_comp_id 
_pdbx_struct_sheet_hbond.range_2_label_asym_id 
_pdbx_struct_sheet_hbond.range_2_label_seq_id 
_pdbx_struct_sheet_hbond.range_2_PDB_ins_code 
_pdbx_struct_sheet_hbond.range_2_auth_atom_id 
_pdbx_struct_sheet_hbond.range_2_auth_comp_id 
_pdbx_struct_sheet_hbond.range_2_auth_asym_id 
_pdbx_struct_sheet_hbond.range_2_auth_seq_id 
A 1 2 O SER A 48  ? O SER A 48  N GLN A 145 ? N GLN A 145 
A 2 3 O ILE A 142 ? O ILE A 142 N ILE A 132 ? N ILE A 132 
B 1 2 O PHE A 61  ? O PHE A 61  N LEU A 74  ? N LEU A 74  
C 1 2 O SER A 105 ? O SER A 105 N SER A 191 ? N SER A 191 
C 2 3 O ASP A 186 ? O ASP A 186 N TYR A 183 ? N TYR A 183 
# 
_struct_site.id                   ACT 
_struct_site.pdbx_evidence_code   Unknown 
_struct_site.pdbx_auth_asym_id    ? 
_struct_site.pdbx_auth_comp_id    ? 
_struct_site.pdbx_auth_seq_id     ? 
_struct_site.pdbx_auth_ins_code   ? 
_struct_site.pdbx_num_residues    3 
_struct_site.details              ? 
# 
loop_
_struct_site_gen.id 
_struct_site_gen.site_id 
_struct_site_gen.pdbx_num_res 
_struct_site_gen.label_comp_id 
_struct_site_gen.label_asym_id 
_struct_site_gen.label_seq_id 
_struct_site_gen.pdbx_auth_ins_code 
_struct_site_gen.auth_comp_id 
_struct_site_gen.auth_asym_id 
_struct_site_gen.auth_seq_id 
_struct_site_gen.label_atom_id 
_struct_site_gen.label_alt_id 
_struct_site_gen.symmetry 
_struct_site_gen.details 
1 ACT 3 ASP A 110 ? ASP A 110 . ? 1_555 ? 
2 ACT 3 ASP A 185 ? ASP A 185 . ? 1_555 ? 
3 ACT 3 ASP A 186 ? ASP A 186 . ? 1_555 ? 
# 
loop_
_pdbx_validate_torsion.id 
_pdbx_validate_torsion.PDB_model_num 
_pdbx_validate_torsion.auth_comp_id 
_pdbx_validate_torsion.auth_asym_id 
_pdbx_validate_torsion.auth_seq_id 
_pdbx_validate_torsion.PDB_ins_code 
_pdbx_validate_torsion.label_alt_id 
_pdbx_validate_torsion.phi 
_pdbx_validate_torsion.psi 
1 1 PRO A 4   ? ? -78.86 38.99  
2 1 ASN A 137 ? ? 58.99  14.22  
3 1 GLU A 138 ? ? -65.22 -87.41 
4 1 ASP A 185 ? ? 81.17  -19.24 
# 
loop_
_pdbx_unobs_or_zero_occ_residues.id 
_pdbx_unobs_or_zero_occ_residues.PDB_model_num 
_pdbx_unobs_or_zero_occ_residues.polymer_flag 
_pdbx_unobs_or_zero_occ_residues.occupancy_flag 
_pdbx_unobs_or_zero_occ_residues.auth_asym_id 
_pdbx_unobs_or_zero_occ_residues.auth_comp_id 
_pdbx_unobs_or_zero_occ_residues.auth_seq_id 
_pdbx_unobs_or_zero_occ_residues.PDB_ins_code 
_pdbx_unobs_or_zero_occ_residues.label_asym_id 
_pdbx_unobs_or_zero_occ_residues.label_comp_id 
_pdbx_unobs_or_zero_occ_residues.label_seq_id 
1  1 Y 1 A LYS 64  ? A LYS 64  
2  1 Y 1 A LYS 65  ? A LYS 65  
3  1 Y 1 A LYS 66  ? A LYS 66  
4  1 Y 1 A ASP 67  ? A ASP 67  
5  1 Y 1 A SER 68  ? A SER 68  
6  1 Y 1 A THR 69  ? A THR 69  
7  1 Y 1 A LYS 70  ? A LYS 70  
8  1 Y 1 A GLN 91  ? A GLN 91  
9  1 Y 1 A LEU 92  ? A LEU 92  
10 1 Y 1 A GLY 93  ? A GLY 93  
11 1 Y 1 A ILE 94  ? A ILE 94  
12 1 Y 1 A PRO 95  ? A PRO 95  
13 1 Y 1 A HIS 96  ? A HIS 96  
14 1 Y 1 A PRO 97  ? A PRO 97  
15 1 Y 1 A ALA 98  ? A ALA 98  
16 1 Y 1 A GLY 99  ? A GLY 99  
17 1 Y 1 A LEU 100 ? A LEU 100 
18 1 Y 1 A LYS 101 ? A LYS 101 
19 1 Y 1 A LYS 102 ? A LYS 102 
20 1 Y 1 A LYS 103 ? A LYS 103 
# 
loop_
_chem_comp_atom.comp_id 
_chem_comp_atom.atom_id 
_chem_comp_atom.type_symbol 
_chem_comp_atom.pdbx_aromatic_flag 
_chem_comp_atom.pdbx_stereo_config 
_chem_comp_atom.pdbx_ordinal 
ALA N    N N N 1   
ALA CA   C N S 2   
ALA C    C N N 3   
ALA O    O N N 4   
ALA CB   C N N 5   
ALA OXT  O N N 6   
ALA H    H N N 7   
ALA H2   H N N 8   
ALA HA   H N N 9   
ALA HB1  H N N 10  
ALA HB2  H N N 11  
ALA HB3  H N N 12  
ALA HXT  H N N 13  
ARG N    N N N 14  
ARG CA   C N S 15  
ARG C    C N N 16  
ARG O    O N N 17  
ARG CB   C N N 18  
ARG CG   C N N 19  
ARG CD   C N N 20  
ARG NE   N N N 21  
ARG CZ   C N N 22  
ARG NH1  N N N 23  
ARG NH2  N N N 24  
ARG OXT  O N N 25  
ARG H    H N N 26  
ARG H2   H N N 27  
ARG HA   H N N 28  
ARG HB2  H N N 29  
ARG HB3  H N N 30  
ARG HG2  H N N 31  
ARG HG3  H N N 32  
ARG HD2  H N N 33  
ARG HD3  H N N 34  
ARG HE   H N N 35  
ARG HH11 H N N 36  
ARG HH12 H N N 37  
ARG HH21 H N N 38  
ARG HH22 H N N 39  
ARG HXT  H N N 40  
ASN N    N N N 41  
ASN CA   C N S 42  
ASN C    C N N 43  
ASN O    O N N 44  
ASN CB   C N N 45  
ASN CG   C N N 46  
ASN OD1  O N N 47  
ASN ND2  N N N 48  
ASN OXT  O N N 49  
ASN H    H N N 50  
ASN H2   H N N 51  
ASN HA   H N N 52  
ASN HB2  H N N 53  
ASN HB3  H N N 54  
ASN HD21 H N N 55  
ASN HD22 H N N 56  
ASN HXT  H N N 57  
ASP N    N N N 58  
ASP CA   C N S 59  
ASP C    C N N 60  
ASP O    O N N 61  
ASP CB   C N N 62  
ASP CG   C N N 63  
ASP OD1  O N N 64  
ASP OD2  O N N 65  
ASP OXT  O N N 66  
ASP H    H N N 67  
ASP H2   H N N 68  
ASP HA   H N N 69  
ASP HB2  H N N 70  
ASP HB3  H N N 71  
ASP HD2  H N N 72  
ASP HXT  H N N 73  
CYS N    N N N 74  
CYS CA   C N R 75  
CYS C    C N N 76  
CYS O    O N N 77  
CYS CB   C N N 78  
CYS SG   S N N 79  
CYS OXT  O N N 80  
CYS H    H N N 81  
CYS H2   H N N 82  
CYS HA   H N N 83  
CYS HB2  H N N 84  
CYS HB3  H N N 85  
CYS HG   H N N 86  
CYS HXT  H N N 87  
GLN N    N N N 88  
GLN CA   C N S 89  
GLN C    C N N 90  
GLN O    O N N 91  
GLN CB   C N N 92  
GLN CG   C N N 93  
GLN CD   C N N 94  
GLN OE1  O N N 95  
GLN NE2  N N N 96  
GLN OXT  O N N 97  
GLN H    H N N 98  
GLN H2   H N N 99  
GLN HA   H N N 100 
GLN HB2  H N N 101 
GLN HB3  H N N 102 
GLN HG2  H N N 103 
GLN HG3  H N N 104 
GLN HE21 H N N 105 
GLN HE22 H N N 106 
GLN HXT  H N N 107 
GLU N    N N N 108 
GLU CA   C N S 109 
GLU C    C N N 110 
GLU O    O N N 111 
GLU CB   C N N 112 
GLU CG   C N N 113 
GLU CD   C N N 114 
GLU OE1  O N N 115 
GLU OE2  O N N 116 
GLU OXT  O N N 117 
GLU H    H N N 118 
GLU H2   H N N 119 
GLU HA   H N N 120 
GLU HB2  H N N 121 
GLU HB3  H N N 122 
GLU HG2  H N N 123 
GLU HG3  H N N 124 
GLU HE2  H N N 125 
GLU HXT  H N N 126 
GLY N    N N N 127 
GLY CA   C N N 128 
GLY C    C N N 129 
GLY O    O N N 130 
GLY OXT  O N N 131 
GLY H    H N N 132 
GLY H2   H N N 133 
GLY HA2  H N N 134 
GLY HA3  H N N 135 
GLY HXT  H N N 136 
HIS N    N N N 137 
HIS CA   C N S 138 
HIS C    C N N 139 
HIS O    O N N 140 
HIS CB   C N N 141 
HIS CG   C Y N 142 
HIS ND1  N Y N 143 
HIS CD2  C Y N 144 
HIS CE1  C Y N 145 
HIS NE2  N Y N 146 
HIS OXT  O N N 147 
HIS H    H N N 148 
HIS H2   H N N 149 
HIS HA   H N N 150 
HIS HB2  H N N 151 
HIS HB3  H N N 152 
HIS HD1  H N N 153 
HIS HD2  H N N 154 
HIS HE1  H N N 155 
HIS HE2  H N N 156 
HIS HXT  H N N 157 
HOH O    O N N 158 
HOH H1   H N N 159 
HOH H2   H N N 160 
ILE N    N N N 161 
ILE CA   C N S 162 
ILE C    C N N 163 
ILE O    O N N 164 
ILE CB   C N S 165 
ILE CG1  C N N 166 
ILE CG2  C N N 167 
ILE CD1  C N N 168 
ILE OXT  O N N 169 
ILE H    H N N 170 
ILE H2   H N N 171 
ILE HA   H N N 172 
ILE HB   H N N 173 
ILE HG12 H N N 174 
ILE HG13 H N N 175 
ILE HG21 H N N 176 
ILE HG22 H N N 177 
ILE HG23 H N N 178 
ILE HD11 H N N 179 
ILE HD12 H N N 180 
ILE HD13 H N N 181 
ILE HXT  H N N 182 
LEU N    N N N 183 
LEU CA   C N S 184 
LEU C    C N N 185 
LEU O    O N N 186 
LEU CB   C N N 187 
LEU CG   C N N 188 
LEU CD1  C N N 189 
LEU CD2  C N N 190 
LEU OXT  O N N 191 
LEU H    H N N 192 
LEU H2   H N N 193 
LEU HA   H N N 194 
LEU HB2  H N N 195 
LEU HB3  H N N 196 
LEU HG   H N N 197 
LEU HD11 H N N 198 
LEU HD12 H N N 199 
LEU HD13 H N N 200 
LEU HD21 H N N 201 
LEU HD22 H N N 202 
LEU HD23 H N N 203 
LEU HXT  H N N 204 
LYS N    N N N 205 
LYS CA   C N S 206 
LYS C    C N N 207 
LYS O    O N N 208 
LYS CB   C N N 209 
LYS CG   C N N 210 
LYS CD   C N N 211 
LYS CE   C N N 212 
LYS NZ   N N N 213 
LYS OXT  O N N 214 
LYS H    H N N 215 
LYS H2   H N N 216 
LYS HA   H N N 217 
LYS HB2  H N N 218 
LYS HB3  H N N 219 
LYS HG2  H N N 220 
LYS HG3  H N N 221 
LYS HD2  H N N 222 
LYS HD3  H N N 223 
LYS HE2  H N N 224 
LYS HE3  H N N 225 
LYS HZ1  H N N 226 
LYS HZ2  H N N 227 
LYS HZ3  H N N 228 
LYS HXT  H N N 229 
MET N    N N N 230 
MET CA   C N S 231 
MET C    C N N 232 
MET O    O N N 233 
MET CB   C N N 234 
MET CG   C N N 235 
MET SD   S N N 236 
MET CE   C N N 237 
MET OXT  O N N 238 
MET H    H N N 239 
MET H2   H N N 240 
MET HA   H N N 241 
MET HB2  H N N 242 
MET HB3  H N N 243 
MET HG2  H N N 244 
MET HG3  H N N 245 
MET HE1  H N N 246 
MET HE2  H N N 247 
MET HE3  H N N 248 
MET HXT  H N N 249 
PHE N    N N N 250 
PHE CA   C N S 251 
PHE C    C N N 252 
PHE O    O N N 253 
PHE CB   C N N 254 
PHE CG   C Y N 255 
PHE CD1  C Y N 256 
PHE CD2  C Y N 257 
PHE CE1  C Y N 258 
PHE CE2  C Y N 259 
PHE CZ   C Y N 260 
PHE OXT  O N N 261 
PHE H    H N N 262 
PHE H2   H N N 263 
PHE HA   H N N 264 
PHE HB2  H N N 265 
PHE HB3  H N N 266 
PHE HD1  H N N 267 
PHE HD2  H N N 268 
PHE HE1  H N N 269 
PHE HE2  H N N 270 
PHE HZ   H N N 271 
PHE HXT  H N N 272 
PRO N    N N N 273 
PRO CA   C N S 274 
PRO C    C N N 275 
PRO O    O N N 276 
PRO CB   C N N 277 
PRO CG   C N N 278 
PRO CD   C N N 279 
PRO OXT  O N N 280 
PRO H    H N N 281 
PRO HA   H N N 282 
PRO HB2  H N N 283 
PRO HB3  H N N 284 
PRO HG2  H N N 285 
PRO HG3  H N N 286 
PRO HD2  H N N 287 
PRO HD3  H N N 288 
PRO HXT  H N N 289 
SER N    N N N 290 
SER CA   C N S 291 
SER C    C N N 292 
SER O    O N N 293 
SER CB   C N N 294 
SER OG   O N N 295 
SER OXT  O N N 296 
SER H    H N N 297 
SER H2   H N N 298 
SER HA   H N N 299 
SER HB2  H N N 300 
SER HB3  H N N 301 
SER HG   H N N 302 
SER HXT  H N N 303 
THR N    N N N 304 
THR CA   C N S 305 
THR C    C N N 306 
THR O    O N N 307 
THR CB   C N R 308 
THR OG1  O N N 309 
THR CG2  C N N 310 
THR OXT  O N N 311 
THR H    H N N 312 
THR H2   H N N 313 
THR HA   H N N 314 
THR HB   H N N 315 
THR HG1  H N N 316 
THR HG21 H N N 317 
THR HG22 H N N 318 
THR HG23 H N N 319 
THR HXT  H N N 320 
TRP N    N N N 321 
TRP CA   C N S 322 
TRP C    C N N 323 
TRP O    O N N 324 
TRP CB   C N N 325 
TRP CG   C Y N 326 
TRP CD1  C Y N 327 
TRP CD2  C Y N 328 
TRP NE1  N Y N 329 
TRP CE2  C Y N 330 
TRP CE3  C Y N 331 
TRP CZ2  C Y N 332 
TRP CZ3  C Y N 333 
TRP CH2  C Y N 334 
TRP OXT  O N N 335 
TRP H    H N N 336 
TRP H2   H N N 337 
TRP HA   H N N 338 
TRP HB2  H N N 339 
TRP HB3  H N N 340 
TRP HD1  H N N 341 
TRP HE1  H N N 342 
TRP HE3  H N N 343 
TRP HZ2  H N N 344 
TRP HZ3  H N N 345 
TRP HH2  H N N 346 
TRP HXT  H N N 347 
TYR N    N N N 348 
TYR CA   C N S 349 
TYR C    C N N 350 
TYR O    O N N 351 
TYR CB   C N N 352 
TYR CG   C Y N 353 
TYR CD1  C Y N 354 
TYR CD2  C Y N 355 
TYR CE1  C Y N 356 
TYR CE2  C Y N 357 
TYR CZ   C Y N 358 
TYR OH   O N N 359 
TYR OXT  O N N 360 
TYR H    H N N 361 
TYR H2   H N N 362 
TYR HA   H N N 363 
TYR HB2  H N N 364 
TYR HB3  H N N 365 
TYR HD1  H N N 366 
TYR HD2  H N N 367 
TYR HE1  H N N 368 
TYR HE2  H N N 369 
TYR HH   H N N 370 
TYR HXT  H N N 371 
VAL N    N N N 372 
VAL CA   C N S 373 
VAL C    C N N 374 
VAL O    O N N 375 
VAL CB   C N N 376 
VAL CG1  C N N 377 
VAL CG2  C N N 378 
VAL OXT  O N N 379 
VAL H    H N N 380 
VAL H2   H N N 381 
VAL HA   H N N 382 
VAL HB   H N N 383 
VAL HG11 H N N 384 
VAL HG12 H N N 385 
VAL HG13 H N N 386 
VAL HG21 H N N 387 
VAL HG22 H N N 388 
VAL HG23 H N N 389 
VAL HXT  H N N 390 
# 
loop_
_chem_comp_bond.comp_id 
_chem_comp_bond.atom_id_1 
_chem_comp_bond.atom_id_2 
_chem_comp_bond.value_order 
_chem_comp_bond.pdbx_aromatic_flag 
_chem_comp_bond.pdbx_stereo_config 
_chem_comp_bond.pdbx_ordinal 
ALA N   CA   sing N N 1   
ALA N   H    sing N N 2   
ALA N   H2   sing N N 3   
ALA CA  C    sing N N 4   
ALA CA  CB   sing N N 5   
ALA CA  HA   sing N N 6   
ALA C   O    doub N N 7   
ALA C   OXT  sing N N 8   
ALA CB  HB1  sing N N 9   
ALA CB  HB2  sing N N 10  
ALA CB  HB3  sing N N 11  
ALA OXT HXT  sing N N 12  
ARG N   CA   sing N N 13  
ARG N   H    sing N N 14  
ARG N   H2   sing N N 15  
ARG CA  C    sing N N 16  
ARG CA  CB   sing N N 17  
ARG CA  HA   sing N N 18  
ARG C   O    doub N N 19  
ARG C   OXT  sing N N 20  
ARG CB  CG   sing N N 21  
ARG CB  HB2  sing N N 22  
ARG CB  HB3  sing N N 23  
ARG CG  CD   sing N N 24  
ARG CG  HG2  sing N N 25  
ARG CG  HG3  sing N N 26  
ARG CD  NE   sing N N 27  
ARG CD  HD2  sing N N 28  
ARG CD  HD3  sing N N 29  
ARG NE  CZ   sing N N 30  
ARG NE  HE   sing N N 31  
ARG CZ  NH1  sing N N 32  
ARG CZ  NH2  doub N N 33  
ARG NH1 HH11 sing N N 34  
ARG NH1 HH12 sing N N 35  
ARG NH2 HH21 sing N N 36  
ARG NH2 HH22 sing N N 37  
ARG OXT HXT  sing N N 38  
ASN N   CA   sing N N 39  
ASN N   H    sing N N 40  
ASN N   H2   sing N N 41  
ASN CA  C    sing N N 42  
ASN CA  CB   sing N N 43  
ASN CA  HA   sing N N 44  
ASN C   O    doub N N 45  
ASN C   OXT  sing N N 46  
ASN CB  CG   sing N N 47  
ASN CB  HB2  sing N N 48  
ASN CB  HB3  sing N N 49  
ASN CG  OD1  doub N N 50  
ASN CG  ND2  sing N N 51  
ASN ND2 HD21 sing N N 52  
ASN ND2 HD22 sing N N 53  
ASN OXT HXT  sing N N 54  
ASP N   CA   sing N N 55  
ASP N   H    sing N N 56  
ASP N   H2   sing N N 57  
ASP CA  C    sing N N 58  
ASP CA  CB   sing N N 59  
ASP CA  HA   sing N N 60  
ASP C   O    doub N N 61  
ASP C   OXT  sing N N 62  
ASP CB  CG   sing N N 63  
ASP CB  HB2  sing N N 64  
ASP CB  HB3  sing N N 65  
ASP CG  OD1  doub N N 66  
ASP CG  OD2  sing N N 67  
ASP OD2 HD2  sing N N 68  
ASP OXT HXT  sing N N 69  
CYS N   CA   sing N N 70  
CYS N   H    sing N N 71  
CYS N   H2   sing N N 72  
CYS CA  C    sing N N 73  
CYS CA  CB   sing N N 74  
CYS CA  HA   sing N N 75  
CYS C   O    doub N N 76  
CYS C   OXT  sing N N 77  
CYS CB  SG   sing N N 78  
CYS CB  HB2  sing N N 79  
CYS CB  HB3  sing N N 80  
CYS SG  HG   sing N N 81  
CYS OXT HXT  sing N N 82  
GLN N   CA   sing N N 83  
GLN N   H    sing N N 84  
GLN N   H2   sing N N 85  
GLN CA  C    sing N N 86  
GLN CA  CB   sing N N 87  
GLN CA  HA   sing N N 88  
GLN C   O    doub N N 89  
GLN C   OXT  sing N N 90  
GLN CB  CG   sing N N 91  
GLN CB  HB2  sing N N 92  
GLN CB  HB3  sing N N 93  
GLN CG  CD   sing N N 94  
GLN CG  HG2  sing N N 95  
GLN CG  HG3  sing N N 96  
GLN CD  OE1  doub N N 97  
GLN CD  NE2  sing N N 98  
GLN NE2 HE21 sing N N 99  
GLN NE2 HE22 sing N N 100 
GLN OXT HXT  sing N N 101 
GLU N   CA   sing N N 102 
GLU N   H    sing N N 103 
GLU N   H2   sing N N 104 
GLU CA  C    sing N N 105 
GLU CA  CB   sing N N 106 
GLU CA  HA   sing N N 107 
GLU C   O    doub N N 108 
GLU C   OXT  sing N N 109 
GLU CB  CG   sing N N 110 
GLU CB  HB2  sing N N 111 
GLU CB  HB3  sing N N 112 
GLU CG  CD   sing N N 113 
GLU CG  HG2  sing N N 114 
GLU CG  HG3  sing N N 115 
GLU CD  OE1  doub N N 116 
GLU CD  OE2  sing N N 117 
GLU OE2 HE2  sing N N 118 
GLU OXT HXT  sing N N 119 
GLY N   CA   sing N N 120 
GLY N   H    sing N N 121 
GLY N   H2   sing N N 122 
GLY CA  C    sing N N 123 
GLY CA  HA2  sing N N 124 
GLY CA  HA3  sing N N 125 
GLY C   O    doub N N 126 
GLY C   OXT  sing N N 127 
GLY OXT HXT  sing N N 128 
HIS N   CA   sing N N 129 
HIS N   H    sing N N 130 
HIS N   H2   sing N N 131 
HIS CA  C    sing N N 132 
HIS CA  CB   sing N N 133 
HIS CA  HA   sing N N 134 
HIS C   O    doub N N 135 
HIS C   OXT  sing N N 136 
HIS CB  CG   sing N N 137 
HIS CB  HB2  sing N N 138 
HIS CB  HB3  sing N N 139 
HIS CG  ND1  sing Y N 140 
HIS CG  CD2  doub Y N 141 
HIS ND1 CE1  doub Y N 142 
HIS ND1 HD1  sing N N 143 
HIS CD2 NE2  sing Y N 144 
HIS CD2 HD2  sing N N 145 
HIS CE1 NE2  sing Y N 146 
HIS CE1 HE1  sing N N 147 
HIS NE2 HE2  sing N N 148 
HIS OXT HXT  sing N N 149 
HOH O   H1   sing N N 150 
HOH O   H2   sing N N 151 
ILE N   CA   sing N N 152 
ILE N   H    sing N N 153 
ILE N   H2   sing N N 154 
ILE CA  C    sing N N 155 
ILE CA  CB   sing N N 156 
ILE CA  HA   sing N N 157 
ILE C   O    doub N N 158 
ILE C   OXT  sing N N 159 
ILE CB  CG1  sing N N 160 
ILE CB  CG2  sing N N 161 
ILE CB  HB   sing N N 162 
ILE CG1 CD1  sing N N 163 
ILE CG1 HG12 sing N N 164 
ILE CG1 HG13 sing N N 165 
ILE CG2 HG21 sing N N 166 
ILE CG2 HG22 sing N N 167 
ILE CG2 HG23 sing N N 168 
ILE CD1 HD11 sing N N 169 
ILE CD1 HD12 sing N N 170 
ILE CD1 HD13 sing N N 171 
ILE OXT HXT  sing N N 172 
LEU N   CA   sing N N 173 
LEU N   H    sing N N 174 
LEU N   H2   sing N N 175 
LEU CA  C    sing N N 176 
LEU CA  CB   sing N N 177 
LEU CA  HA   sing N N 178 
LEU C   O    doub N N 179 
LEU C   OXT  sing N N 180 
LEU CB  CG   sing N N 181 
LEU CB  HB2  sing N N 182 
LEU CB  HB3  sing N N 183 
LEU CG  CD1  sing N N 184 
LEU CG  CD2  sing N N 185 
LEU CG  HG   sing N N 186 
LEU CD1 HD11 sing N N 187 
LEU CD1 HD12 sing N N 188 
LEU CD1 HD13 sing N N 189 
LEU CD2 HD21 sing N N 190 
LEU CD2 HD22 sing N N 191 
LEU CD2 HD23 sing N N 192 
LEU OXT HXT  sing N N 193 
LYS N   CA   sing N N 194 
LYS N   H    sing N N 195 
LYS N   H2   sing N N 196 
LYS CA  C    sing N N 197 
LYS CA  CB   sing N N 198 
LYS CA  HA   sing N N 199 
LYS C   O    doub N N 200 
LYS C   OXT  sing N N 201 
LYS CB  CG   sing N N 202 
LYS CB  HB2  sing N N 203 
LYS CB  HB3  sing N N 204 
LYS CG  CD   sing N N 205 
LYS CG  HG2  sing N N 206 
LYS CG  HG3  sing N N 207 
LYS CD  CE   sing N N 208 
LYS CD  HD2  sing N N 209 
LYS CD  HD3  sing N N 210 
LYS CE  NZ   sing N N 211 
LYS CE  HE2  sing N N 212 
LYS CE  HE3  sing N N 213 
LYS NZ  HZ1  sing N N 214 
LYS NZ  HZ2  sing N N 215 
LYS NZ  HZ3  sing N N 216 
LYS OXT HXT  sing N N 217 
MET N   CA   sing N N 218 
MET N   H    sing N N 219 
MET N   H2   sing N N 220 
MET CA  C    sing N N 221 
MET CA  CB   sing N N 222 
MET CA  HA   sing N N 223 
MET C   O    doub N N 224 
MET C   OXT  sing N N 225 
MET CB  CG   sing N N 226 
MET CB  HB2  sing N N 227 
MET CB  HB3  sing N N 228 
MET CG  SD   sing N N 229 
MET CG  HG2  sing N N 230 
MET CG  HG3  sing N N 231 
MET SD  CE   sing N N 232 
MET CE  HE1  sing N N 233 
MET CE  HE2  sing N N 234 
MET CE  HE3  sing N N 235 
MET OXT HXT  sing N N 236 
PHE N   CA   sing N N 237 
PHE N   H    sing N N 238 
PHE N   H2   sing N N 239 
PHE CA  C    sing N N 240 
PHE CA  CB   sing N N 241 
PHE CA  HA   sing N N 242 
PHE C   O    doub N N 243 
PHE C   OXT  sing N N 244 
PHE CB  CG   sing N N 245 
PHE CB  HB2  sing N N 246 
PHE CB  HB3  sing N N 247 
PHE CG  CD1  doub Y N 248 
PHE CG  CD2  sing Y N 249 
PHE CD1 CE1  sing Y N 250 
PHE CD1 HD1  sing N N 251 
PHE CD2 CE2  doub Y N 252 
PHE CD2 HD2  sing N N 253 
PHE CE1 CZ   doub Y N 254 
PHE CE1 HE1  sing N N 255 
PHE CE2 CZ   sing Y N 256 
PHE CE2 HE2  sing N N 257 
PHE CZ  HZ   sing N N 258 
PHE OXT HXT  sing N N 259 
PRO N   CA   sing N N 260 
PRO N   CD   sing N N 261 
PRO N   H    sing N N 262 
PRO CA  C    sing N N 263 
PRO CA  CB   sing N N 264 
PRO CA  HA   sing N N 265 
PRO C   O    doub N N 266 
PRO C   OXT  sing N N 267 
PRO CB  CG   sing N N 268 
PRO CB  HB2  sing N N 269 
PRO CB  HB3  sing N N 270 
PRO CG  CD   sing N N 271 
PRO CG  HG2  sing N N 272 
PRO CG  HG3  sing N N 273 
PRO CD  HD2  sing N N 274 
PRO CD  HD3  sing N N 275 
PRO OXT HXT  sing N N 276 
SER N   CA   sing N N 277 
SER N   H    sing N N 278 
SER N   H2   sing N N 279 
SER CA  C    sing N N 280 
SER CA  CB   sing N N 281 
SER CA  HA   sing N N 282 
SER C   O    doub N N 283 
SER C   OXT  sing N N 284 
SER CB  OG   sing N N 285 
SER CB  HB2  sing N N 286 
SER CB  HB3  sing N N 287 
SER OG  HG   sing N N 288 
SER OXT HXT  sing N N 289 
THR N   CA   sing N N 290 
THR N   H    sing N N 291 
THR N   H2   sing N N 292 
THR CA  C    sing N N 293 
THR CA  CB   sing N N 294 
THR CA  HA   sing N N 295 
THR C   O    doub N N 296 
THR C   OXT  sing N N 297 
THR CB  OG1  sing N N 298 
THR CB  CG2  sing N N 299 
THR CB  HB   sing N N 300 
THR OG1 HG1  sing N N 301 
THR CG2 HG21 sing N N 302 
THR CG2 HG22 sing N N 303 
THR CG2 HG23 sing N N 304 
THR OXT HXT  sing N N 305 
TRP N   CA   sing N N 306 
TRP N   H    sing N N 307 
TRP N   H2   sing N N 308 
TRP CA  C    sing N N 309 
TRP CA  CB   sing N N 310 
TRP CA  HA   sing N N 311 
TRP C   O    doub N N 312 
TRP C   OXT  sing N N 313 
TRP CB  CG   sing N N 314 
TRP CB  HB2  sing N N 315 
TRP CB  HB3  sing N N 316 
TRP CG  CD1  doub Y N 317 
TRP CG  CD2  sing Y N 318 
TRP CD1 NE1  sing Y N 319 
TRP CD1 HD1  sing N N 320 
TRP CD2 CE2  doub Y N 321 
TRP CD2 CE3  sing Y N 322 
TRP NE1 CE2  sing Y N 323 
TRP NE1 HE1  sing N N 324 
TRP CE2 CZ2  sing Y N 325 
TRP CE3 CZ3  doub Y N 326 
TRP CE3 HE3  sing N N 327 
TRP CZ2 CH2  doub Y N 328 
TRP CZ2 HZ2  sing N N 329 
TRP CZ3 CH2  sing Y N 330 
TRP CZ3 HZ3  sing N N 331 
TRP CH2 HH2  sing N N 332 
TRP OXT HXT  sing N N 333 
TYR N   CA   sing N N 334 
TYR N   H    sing N N 335 
TYR N   H2   sing N N 336 
TYR CA  C    sing N N 337 
TYR CA  CB   sing N N 338 
TYR CA  HA   sing N N 339 
TYR C   O    doub N N 340 
TYR C   OXT  sing N N 341 
TYR CB  CG   sing N N 342 
TYR CB  HB2  sing N N 343 
TYR CB  HB3  sing N N 344 
TYR CG  CD1  doub Y N 345 
TYR CG  CD2  sing Y N 346 
TYR CD1 CE1  sing Y N 347 
TYR CD1 HD1  sing N N 348 
TYR CD2 CE2  doub Y N 349 
TYR CD2 HD2  sing N N 350 
TYR CE1 CZ   doub Y N 351 
TYR CE1 HE1  sing N N 352 
TYR CE2 CZ   sing Y N 353 
TYR CE2 HE2  sing N N 354 
TYR CZ  OH   sing N N 355 
TYR OH  HH   sing N N 356 
TYR OXT HXT  sing N N 357 
VAL N   CA   sing N N 358 
VAL N   H    sing N N 359 
VAL N   H2   sing N N 360 
VAL CA  C    sing N N 361 
VAL CA  CB   sing N N 362 
VAL CA  HA   sing N N 363 
VAL C   O    doub N N 364 
VAL C   OXT  sing N N 365 
VAL CB  CG1  sing N N 366 
VAL CB  CG2  sing N N 367 
VAL CB  HB   sing N N 368 
VAL CG1 HG11 sing N N 369 
VAL CG1 HG12 sing N N 370 
VAL CG1 HG13 sing N N 371 
VAL CG2 HG21 sing N N 372 
VAL CG2 HG22 sing N N 373 
VAL CG2 HG23 sing N N 374 
VAL OXT HXT  sing N N 375 
# 
_atom_sites.entry_id                    1HAR 
_atom_sites.fract_transf_matrix[1][1]   -0.00683603 
_atom_sites.fract_transf_matrix[1][2]   0.00703448 
_atom_sites.fract_transf_matrix[1][3]   -0.00273465 
_atom_sites.fract_transf_matrix[2][1]   0.00010059 
_atom_sites.fract_transf_matrix[2][2]   0.00377423 
_atom_sites.fract_transf_matrix[2][3]   0.00945720 
_atom_sites.fract_transf_matrix[3][1]   0.02337886 
_atom_sites.fract_transf_matrix[3][2]   0.01958427 
_atom_sites.fract_transf_matrix[3][3]   -0.00806446 
_atom_sites.fract_transf_vector[1]      0.771312 
_atom_sites.fract_transf_vector[2]      0.583347 
_atom_sites.fract_transf_vector[3]      0.496472 
# 
loop_
_atom_type.symbol 
C 
N 
O 
S 
# 
loop_
_atom_site.group_PDB 
_atom_site.id 
_atom_site.type_symbol 
_atom_site.label_atom_id 
_atom_site.label_alt_id 
_atom_site.label_comp_id 
_atom_site.label_asym_id 
_atom_site.label_entity_id 
_atom_site.label_seq_id 
_atom_site.pdbx_PDB_ins_code 
_atom_site.Cartn_x 
_atom_site.Cartn_y 
_atom_site.Cartn_z 
_atom_site.occupancy 
_atom_site.B_iso_or_equiv 
_atom_site.pdbx_formal_charge 
_atom_site.auth_seq_id 
_atom_site.auth_comp_id 
_atom_site.auth_asym_id 
_atom_site.auth_atom_id 
_atom_site.pdbx_PDB_model_num 
ATOM   1    N N   . PRO A 1 1   ? -10.669 -3.946  2.071   1.00 76.98  ? 1   PRO A N   1 
ATOM   2    C CA  . PRO A 1 1   ? -10.361 -5.387  2.351   1.00 73.16  ? 1   PRO A CA  1 
ATOM   3    C C   . PRO A 1 1   ? -8.965  -5.705  1.805   1.00 69.43  ? 1   PRO A C   1 
ATOM   4    O O   . PRO A 1 1   ? -8.165  -4.786  1.617   1.00 70.87  ? 1   PRO A O   1 
ATOM   5    C CB  . PRO A 1 1   ? -11.418 -6.221  1.643   1.00 73.23  ? 1   PRO A CB  1 
ATOM   6    C CG  . PRO A 1 1   ? -12.569 -5.274  1.645   1.00 75.57  ? 1   PRO A CG  1 
ATOM   7    C CD  . PRO A 1 1   ? -11.966 -3.923  1.334   1.00 75.19  ? 1   PRO A CD  1 
ATOM   8    N N   . ILE A 1 2   ? -8.667  -6.982  1.576   1.00 62.30  ? 2   ILE A N   1 
ATOM   9    C CA  . ILE A 1 2   ? -7.400  -7.345  0.947   1.00 53.27  ? 2   ILE A CA  1 
ATOM   10   C C   . ILE A 1 2   ? -7.680  -8.168  -0.319  1.00 49.96  ? 2   ILE A C   1 
ATOM   11   O O   . ILE A 1 2   ? -8.361  -9.202  -0.282  1.00 49.89  ? 2   ILE A O   1 
ATOM   12   C CB  . ILE A 1 2   ? -6.450  -8.104  1.906   1.00 47.73  ? 2   ILE A CB  1 
ATOM   13   C CG1 . ILE A 1 2   ? -6.180  -7.259  3.147   1.00 46.63  ? 2   ILE A CG1 1 
ATOM   14   C CG2 . ILE A 1 2   ? -5.136  -8.392  1.213   1.00 47.97  ? 2   ILE A CG2 1 
ATOM   15   C CD1 . ILE A 1 2   ? -5.060  -7.800  4.006   1.00 45.93  ? 2   ILE A CD1 1 
ATOM   16   N N   . SER A 1 3   ? -7.221  -7.630  -1.430  1.00 45.79  ? 3   SER A N   1 
ATOM   17   C CA  . SER A 1 3   ? -7.446  -8.211  -2.739  1.00 45.76  ? 3   SER A CA  1 
ATOM   18   C C   . SER A 1 3   ? -6.937  -9.647  -2.840  1.00 49.15  ? 3   SER A C   1 
ATOM   19   O O   . SER A 1 3   ? -5.836  -9.990  -2.379  1.00 50.04  ? 3   SER A O   1 
ATOM   20   C CB  . SER A 1 3   ? -6.780  -7.338  -3.822  1.00 43.12  ? 3   SER A CB  1 
ATOM   21   O OG  . SER A 1 3   ? -7.028  -7.823  -5.139  1.00 37.64  ? 3   SER A OG  1 
ATOM   22   N N   . PRO A 1 4   ? -7.764  -10.515 -3.438  1.00 51.59  ? 4   PRO A N   1 
ATOM   23   C CA  . PRO A 1 4   ? -7.445  -11.933 -3.651  1.00 50.69  ? 4   PRO A CA  1 
ATOM   24   C C   . PRO A 1 4   ? -6.508  -12.129 -4.856  1.00 49.84  ? 4   PRO A C   1 
ATOM   25   O O   . PRO A 1 4   ? -6.692  -13.057 -5.640  1.00 55.01  ? 4   PRO A O   1 
ATOM   26   C CB  . PRO A 1 4   ? -8.821  -12.525 -3.930  1.00 51.33  ? 4   PRO A CB  1 
ATOM   27   C CG  . PRO A 1 4   ? -9.473  -11.433 -4.709  1.00 49.42  ? 4   PRO A CG  1 
ATOM   28   C CD  . PRO A 1 4   ? -9.139  -10.204 -3.915  1.00 50.26  ? 4   PRO A CD  1 
ATOM   29   N N   . ILE A 1 5   ? -5.544  -11.243 -5.031  1.00 48.96  ? 5   ILE A N   1 
ATOM   30   C CA  . ILE A 1 5   ? -4.619  -11.357 -6.152  1.00 45.05  ? 5   ILE A CA  1 
ATOM   31   C C   . ILE A 1 5   ? -3.302  -11.932 -5.693  1.00 43.66  ? 5   ILE A C   1 
ATOM   32   O O   . ILE A 1 5   ? -2.884  -11.720 -4.559  1.00 42.89  ? 5   ILE A O   1 
ATOM   33   C CB  . ILE A 1 5   ? -4.332  -10.012 -6.799  1.00 44.41  ? 5   ILE A CB  1 
ATOM   34   C CG1 . ILE A 1 5   ? -4.140  -8.968  -5.713  1.00 44.25  ? 5   ILE A CG1 1 
ATOM   35   C CG2 . ILE A 1 5   ? -5.449  -9.641  -7.740  1.00 50.49  ? 5   ILE A CG2 1 
ATOM   36   C CD1 . ILE A 1 5   ? -3.511  -7.696  -6.201  1.00 54.39  ? 5   ILE A CD1 1 
ATOM   37   N N   . GLU A 1 6   ? -2.642  -12.643 -6.583  1.00 43.81  ? 6   GLU A N   1 
ATOM   38   C CA  . GLU A 1 6   ? -1.370  -13.235 -6.249  1.00 45.40  ? 6   GLU A CA  1 
ATOM   39   C C   . GLU A 1 6   ? -0.311  -12.155 -6.060  1.00 37.55  ? 6   GLU A C   1 
ATOM   40   O O   . GLU A 1 6   ? -0.379  -11.098 -6.680  1.00 33.93  ? 6   GLU A O   1 
ATOM   41   C CB  . GLU A 1 6   ? -0.963  -14.234 -7.326  1.00 60.39  ? 6   GLU A CB  1 
ATOM   42   C CG  . GLU A 1 6   ? -1.886  -15.456 -7.400  1.00 86.69  ? 6   GLU A CG  1 
ATOM   43   C CD  . GLU A 1 6   ? -1.323  -16.604 -8.256  1.00 102.23 ? 6   GLU A CD  1 
ATOM   44   O OE1 . GLU A 1 6   ? -1.382  -16.506 -9.513  1.00 112.04 ? 6   GLU A OE1 1 
ATOM   45   O OE2 . GLU A 1 6   ? -0.822  -17.610 -7.671  1.00 108.42 ? 6   GLU A OE2 1 
ATOM   46   N N   . THR A 1 7   ? 0.633   -12.407 -5.167  1.00 32.04  ? 7   THR A N   1 
ATOM   47   C CA  . THR A 1 7   ? 1.685   -11.446 -4.875  1.00 29.63  ? 7   THR A CA  1 
ATOM   48   C C   . THR A 1 7   ? 2.810   -11.497 -5.918  1.00 28.91  ? 7   THR A C   1 
ATOM   49   O O   . THR A 1 7   ? 2.983   -12.505 -6.583  1.00 32.71  ? 7   THR A O   1 
ATOM   50   C CB  . THR A 1 7   ? 2.283   -11.747 -3.516  1.00 24.30  ? 7   THR A CB  1 
ATOM   51   O OG1 . THR A 1 7   ? 2.799   -13.077 -3.528  1.00 27.90  ? 7   THR A OG1 1 
ATOM   52   C CG2 . THR A 1 7   ? 1.229   -11.677 -2.459  1.00 21.02  ? 7   THR A CG2 1 
ATOM   53   N N   . VAL A 1 8   ? 3.538   -10.390 -6.080  1.00 29.61  ? 8   VAL A N   1 
ATOM   54   C CA  . VAL A 1 8   ? 4.723   -10.350 -6.953  1.00 24.63  ? 8   VAL A CA  1 
ATOM   55   C C   . VAL A 1 8   ? 5.936   -10.642 -6.082  1.00 25.73  ? 8   VAL A C   1 
ATOM   56   O O   . VAL A 1 8   ? 6.104   -10.018 -5.044  1.00 27.92  ? 8   VAL A O   1 
ATOM   57   C CB  . VAL A 1 8   ? 4.889   -8.963  -7.603  1.00 19.74  ? 8   VAL A CB  1 
ATOM   58   C CG1 . VAL A 1 8   ? 6.200   -8.864  -8.338  1.00 23.82  ? 8   VAL A CG1 1 
ATOM   59   C CG2 . VAL A 1 8   ? 3.758   -8.709  -8.564  1.00 26.22  ? 8   VAL A CG2 1 
ATOM   60   N N   . PRO A 1 9   ? 6.774   -11.602 -6.452  1.00 24.94  ? 9   PRO A N   1 
ATOM   61   C CA  . PRO A 1 9   ? 7.970   -11.955 -5.659  1.00 25.06  ? 9   PRO A CA  1 
ATOM   62   C C   . PRO A 1 9   ? 9.006   -10.864 -5.722  1.00 28.24  ? 9   PRO A C   1 
ATOM   63   O O   . PRO A 1 9   ? 9.299   -10.334 -6.796  1.00 33.59  ? 9   PRO A O   1 
ATOM   64   C CB  . PRO A 1 9   ? 8.426   -13.245 -6.293  1.00 25.90  ? 9   PRO A CB  1 
ATOM   65   C CG  . PRO A 1 9   ? 8.014   -13.058 -7.717  1.00 28.80  ? 9   PRO A CG  1 
ATOM   66   C CD  . PRO A 1 9   ? 6.647   -12.444 -7.657  1.00 25.14  ? 9   PRO A CD  1 
ATOM   67   N N   . VAL A 1 10  ? 9.550   -10.541 -4.566  1.00 25.63  ? 10  VAL A N   1 
ATOM   68   C CA  . VAL A 1 10  ? 10.419  -9.399  -4.418  1.00 25.15  ? 10  VAL A CA  1 
ATOM   69   C C   . VAL A 1 10  ? 11.646  -9.818  -3.636  1.00 22.03  ? 10  VAL A C   1 
ATOM   70   O O   . VAL A 1 10  ? 11.557  -10.670 -2.759  1.00 26.28  ? 10  VAL A O   1 
ATOM   71   C CB  . VAL A 1 10  ? 9.657   -8.265  -3.647  1.00 26.67  ? 10  VAL A CB  1 
ATOM   72   C CG1 . VAL A 1 10  ? 10.546  -7.044  -3.456  1.00 30.31  ? 10  VAL A CG1 1 
ATOM   73   C CG2 . VAL A 1 10  ? 8.405   -7.876  -4.407  1.00 23.58  ? 10  VAL A CG2 1 
ATOM   74   N N   . LYS A 1 11  ? 12.781  -9.215  -3.939  1.00 22.24  ? 11  LYS A N   1 
ATOM   75   C CA  . LYS A 1 11  ? 14.030  -9.581  -3.285  1.00 24.11  ? 11  LYS A CA  1 
ATOM   76   C C   . LYS A 1 11  ? 14.858  -8.370  -2.984  1.00 24.88  ? 11  LYS A C   1 
ATOM   77   O O   . LYS A 1 11  ? 14.659  -7.313  -3.581  1.00 27.39  ? 11  LYS A O   1 
ATOM   78   C CB  . LYS A 1 11  ? 14.837  -10.512 -4.200  1.00 28.60  ? 11  LYS A CB  1 
ATOM   79   C CG  . LYS A 1 11  ? 14.223  -11.906 -4.321  1.00 44.21  ? 11  LYS A CG  1 
ATOM   80   C CD  . LYS A 1 11  ? 14.865  -12.732 -5.422  1.00 57.92  ? 11  LYS A CD  1 
ATOM   81   C CE  . LYS A 1 11  ? 14.287  -14.145 -5.450  1.00 69.28  ? 11  LYS A CE  1 
ATOM   82   N NZ  . LYS A 1 11  ? 12.787  -14.164 -5.392  1.00 76.27  ? 11  LYS A NZ  1 
ATOM   83   N N   . LEU A 1 12  ? 15.776  -8.504  -2.048  1.00 24.42  ? 12  LEU A N   1 
ATOM   84   C CA  . LEU A 1 12  ? 16.713  -7.431  -1.795  1.00 24.27  ? 12  LEU A CA  1 
ATOM   85   C C   . LEU A 1 12  ? 17.803  -7.522  -2.861  1.00 23.96  ? 12  LEU A C   1 
ATOM   86   O O   . LEU A 1 12  ? 17.900  -8.518  -3.561  1.00 28.29  ? 12  LEU A O   1 
ATOM   87   C CB  . LEU A 1 12  ? 17.345  -7.580  -0.408  1.00 20.70  ? 12  LEU A CB  1 
ATOM   88   C CG  . LEU A 1 12  ? 16.429  -7.419  0.798   1.00 19.95  ? 12  LEU A CG  1 
ATOM   89   C CD1 . LEU A 1 12  ? 17.184  -7.765  2.039   1.00 18.69  ? 12  LEU A CD1 1 
ATOM   90   C CD2 . LEU A 1 12  ? 15.905  -6.005  0.889   1.00 19.76  ? 12  LEU A CD2 1 
ATOM   91   N N   . LYS A 1 13  ? 18.570  -6.476  -3.048  1.00 26.18  ? 13  LYS A N   1 
ATOM   92   C CA  . LYS A 1 13  ? 19.706  -6.549  -3.942  1.00 26.99  ? 13  LYS A CA  1 
ATOM   93   C C   . LYS A 1 13  ? 20.643  -7.646  -3.434  1.00 31.57  ? 13  LYS A C   1 
ATOM   94   O O   . LYS A 1 13  ? 20.612  -7.996  -2.260  1.00 32.27  ? 13  LYS A O   1 
ATOM   95   C CB  . LYS A 1 13  ? 20.407  -5.197  -3.965  1.00 24.12  ? 13  LYS A CB  1 
ATOM   96   C CG  . LYS A 1 13  ? 19.735  -4.211  -4.901  1.00 26.36  ? 13  LYS A CG  1 
ATOM   97   C CD  . LYS A 1 13  ? 20.151  -2.793  -4.600  1.00 29.86  ? 13  LYS A CD  1 
ATOM   98   C CE  . LYS A 1 13  ? 19.568  -1.818  -5.611  1.00 33.77  ? 13  LYS A CE  1 
ATOM   99   N NZ  . LYS A 1 13  ? 19.604  -0.415  -5.096  1.00 40.12  ? 13  LYS A NZ  1 
ATOM   100  N N   . PRO A 1 14  ? 21.465  -8.242  -4.294  1.00 35.81  ? 14  PRO A N   1 
ATOM   101  C CA  . PRO A 1 14  ? 22.390  -9.302  -3.877  1.00 36.32  ? 14  PRO A CA  1 
ATOM   102  C C   . PRO A 1 14  ? 23.353  -8.851  -2.764  1.00 34.44  ? 14  PRO A C   1 
ATOM   103  O O   . PRO A 1 14  ? 23.908  -7.746  -2.810  1.00 36.45  ? 14  PRO A O   1 
ATOM   104  C CB  . PRO A 1 14  ? 23.117  -9.647  -5.183  1.00 39.15  ? 14  PRO A CB  1 
ATOM   105  C CG  . PRO A 1 14  ? 22.107  -9.311  -6.215  1.00 34.50  ? 14  PRO A CG  1 
ATOM   106  C CD  . PRO A 1 14  ? 21.561  -7.994  -5.744  1.00 35.55  ? 14  PRO A CD  1 
ATOM   107  N N   . GLY A 1 15  ? 23.502  -9.711  -1.747  1.00 35.95  ? 15  GLY A N   1 
ATOM   108  C CA  . GLY A 1 15  ? 24.435  -9.450  -0.662  1.00 40.21  ? 15  GLY A CA  1 
ATOM   109  C C   . GLY A 1 15  ? 23.939  -8.440  0.334   1.00 43.34  ? 15  GLY A C   1 
ATOM   110  O O   . GLY A 1 15  ? 24.681  -7.974  1.210   1.00 47.82  ? 15  GLY A O   1 
ATOM   111  N N   . MET A 1 16  ? 22.674  -8.128  0.230   1.00 46.78  ? 16  MET A N   1 
ATOM   112  C CA  . MET A 1 16  ? 22.085  -7.135  1.081   1.00 39.38  ? 16  MET A CA  1 
ATOM   113  C C   . MET A 1 16  ? 21.198  -7.766  2.129   1.00 33.90  ? 16  MET A C   1 
ATOM   114  O O   . MET A 1 16  ? 20.500  -8.751  1.866   1.00 32.85  ? 16  MET A O   1 
ATOM   115  C CB  . MET A 1 16  ? 21.233  -6.205  0.250   1.00 44.87  ? 16  MET A CB  1 
ATOM   116  C CG  . MET A 1 16  ? 21.482  -4.761  0.536   1.00 52.83  ? 16  MET A CG  1 
ATOM   117  S SD  . MET A 1 16  ? 22.848  -4.163  -0.422  1.00 58.91  ? 16  MET A SD  1 
ATOM   118  C CE  . MET A 1 16  ? 22.048  -2.846  -1.318  1.00 54.95  ? 16  MET A CE  1 
ATOM   119  N N   . ASP A 1 17  ? 21.233  -7.193  3.307   1.00 29.99  ? 17  ASP A N   1 
ATOM   120  C CA  . ASP A 1 17  ? 20.317  -7.577  4.352   1.00 31.25  ? 17  ASP A CA  1 
ATOM   121  C C   . ASP A 1 17  ? 19.289  -6.446  4.528   1.00 28.12  ? 17  ASP A C   1 
ATOM   122  O O   . ASP A 1 17  ? 19.414  -5.378  3.906   1.00 23.61  ? 17  ASP A O   1 
ATOM   123  C CB  . ASP A 1 17  ? 21.087  -7.821  5.662   1.00 29.22  ? 17  ASP A CB  1 
ATOM   124  C CG  . ASP A 1 17  ? 20.359  -8.718  6.651   1.00 29.59  ? 17  ASP A CG  1 
ATOM   125  O OD1 . ASP A 1 17  ? 19.270  -9.258  6.339   1.00 28.52  ? 17  ASP A OD1 1 
ATOM   126  O OD2 . ASP A 1 17  ? 20.892  -8.891  7.746   1.00 40.20  ? 17  ASP A OD2 1 
ATOM   127  N N   . GLY A 1 18  ? 18.250  -6.712  5.320   1.00 25.34  ? 18  GLY A N   1 
ATOM   128  C CA  . GLY A 1 18  ? 17.244  -5.713  5.570   1.00 24.46  ? 18  GLY A CA  1 
ATOM   129  C C   . GLY A 1 18  ? 17.790  -4.563  6.373   1.00 25.91  ? 18  GLY A C   1 
ATOM   130  O O   . GLY A 1 18  ? 18.898  -4.635  6.921   1.00 30.04  ? 18  GLY A O   1 
ATOM   131  N N   . PRO A 1 19  ? 17.025  -3.491  6.488   1.00 24.56  ? 19  PRO A N   1 
ATOM   132  C CA  . PRO A 1 19  ? 17.425  -2.301  7.222   1.00 24.50  ? 19  PRO A CA  1 
ATOM   133  C C   . PRO A 1 19  ? 17.315  -2.504  8.711   1.00 30.03  ? 19  PRO A C   1 
ATOM   134  O O   . PRO A 1 19  ? 16.473  -3.272  9.177   1.00 33.51  ? 19  PRO A O   1 
ATOM   135  C CB  . PRO A 1 19  ? 16.421  -1.280  6.734   1.00 23.30  ? 19  PRO A CB  1 
ATOM   136  C CG  . PRO A 1 19  ? 15.204  -2.105  6.602   1.00 21.73  ? 19  PRO A CG  1 
ATOM   137  C CD  . PRO A 1 19  ? 15.681  -3.350  5.929   1.00 21.09  ? 19  PRO A CD  1 
ATOM   138  N N   . LYS A 1 20  ? 18.147  -1.808  9.462   1.00 30.17  ? 20  LYS A N   1 
ATOM   139  C CA  . LYS A 1 20  ? 18.097  -1.863  10.905  1.00 29.92  ? 20  LYS A CA  1 
ATOM   140  C C   . LYS A 1 20  ? 18.242  -0.461  11.406  1.00 31.94  ? 20  LYS A C   1 
ATOM   141  O O   . LYS A 1 20  ? 19.199  -0.135  12.080  1.00 40.37  ? 20  LYS A O   1 
ATOM   142  C CB  . LYS A 1 20  ? 19.228  -2.738  11.443  1.00 30.07  ? 20  LYS A CB  1 
ATOM   143  C CG  . LYS A 1 20  ? 19.067  -4.200  11.102  1.00 32.44  ? 20  LYS A CG  1 
ATOM   144  C CD  . LYS A 1 20  ? 20.204  -5.030  11.629  1.00 34.40  ? 20  LYS A CD  1 
ATOM   145  C CE  . LYS A 1 20  ? 19.933  -6.497  11.382  1.00 37.89  ? 20  LYS A CE  1 
ATOM   146  N NZ  . LYS A 1 20  ? 20.996  -7.348  11.971  1.00 45.21  ? 20  LYS A NZ  1 
ATOM   147  N N   . VAL A 1 21  ? 17.319  0.374   11.026  1.00 34.64  ? 21  VAL A N   1 
ATOM   148  C CA  . VAL A 1 21  ? 17.405  1.777   11.359  1.00 39.76  ? 21  VAL A CA  1 
ATOM   149  C C   . VAL A 1 21  ? 16.716  2.072   12.679  1.00 45.36  ? 21  VAL A C   1 
ATOM   150  O O   . VAL A 1 21  ? 15.575  1.661   12.881  1.00 48.55  ? 21  VAL A O   1 
ATOM   151  C CB  . VAL A 1 21  ? 16.776  2.617   10.238  1.00 35.73  ? 21  VAL A CB  1 
ATOM   152  C CG1 . VAL A 1 21  ? 16.882  4.091   10.561  1.00 35.75  ? 21  VAL A CG1 1 
ATOM   153  C CG2 . VAL A 1 21  ? 17.479  2.305   8.938   1.00 30.85  ? 21  VAL A CG2 1 
ATOM   154  N N   . ALA A 1 22  ? 17.415  2.769   13.588  1.00 51.26  ? 22  ALA A N   1 
ATOM   155  C CA  . ALA A 1 22  ? 16.840  3.128   14.890  1.00 51.94  ? 22  ALA A CA  1 
ATOM   156  C C   . ALA A 1 22  ? 15.651  4.076   14.737  1.00 51.72  ? 22  ALA A C   1 
ATOM   157  O O   . ALA A 1 22  ? 15.650  4.983   13.876  1.00 45.20  ? 22  ALA A O   1 
ATOM   158  C CB  . ALA A 1 22  ? 17.904  3.767   15.785  1.00 51.33  ? 22  ALA A CB  1 
ATOM   159  N N   . GLN A 1 23  ? 14.642  3.845   15.577  1.00 53.62  ? 23  GLN A N   1 
ATOM   160  C CA  . GLN A 1 23  ? 13.433  4.668   15.575  1.00 55.57  ? 23  GLN A CA  1 
ATOM   161  C C   . GLN A 1 23  ? 13.618  5.924   16.430  1.00 61.64  ? 23  GLN A C   1 
ATOM   162  O O   . GLN A 1 23  ? 14.111  5.839   17.575  1.00 61.13  ? 23  GLN A O   1 
ATOM   163  C CB  . GLN A 1 23  ? 12.255  3.840   16.098  1.00 47.46  ? 23  GLN A CB  1 
ATOM   164  C CG  . GLN A 1 23  ? 10.995  4.635   16.425  1.00 46.45  ? 23  GLN A CG  1 
ATOM   165  C CD  . GLN A 1 23  ? 10.334  5.267   15.217  1.00 46.62  ? 23  GLN A CD  1 
ATOM   166  O OE1 . GLN A 1 23  ? 10.346  4.713   14.121  1.00 51.45  ? 23  GLN A OE1 1 
ATOM   167  N NE2 . GLN A 1 23  ? 9.749   6.436   15.402  1.00 47.90  ? 23  GLN A NE2 1 
ATOM   168  N N   . TRP A 1 24  ? 13.236  7.087   15.868  1.00 69.22  ? 24  TRP A N   1 
ATOM   169  C CA  . TRP A 1 24  ? 13.311  8.351   16.617  1.00 79.22  ? 24  TRP A CA  1 
ATOM   170  C C   . TRP A 1 24  ? 12.205  8.373   17.648  1.00 83.67  ? 24  TRP A C   1 
ATOM   171  O O   . TRP A 1 24  ? 11.099  7.879   17.374  1.00 86.09  ? 24  TRP A O   1 
ATOM   172  C CB  . TRP A 1 24  ? 13.069  9.591   15.748  1.00 79.81  ? 24  TRP A CB  1 
ATOM   173  C CG  . TRP A 1 24  ? 13.427  9.444   14.328  1.00 84.02  ? 24  TRP A CG  1 
ATOM   174  C CD1 . TRP A 1 24  ? 14.681  9.315   13.813  1.00 88.01  ? 24  TRP A CD1 1 
ATOM   175  C CD2 . TRP A 1 24  ? 12.514  9.413   13.221  1.00 83.76  ? 24  TRP A CD2 1 
ATOM   176  N NE1 . TRP A 1 24  ? 14.584  9.199   12.454  1.00 88.98  ? 24  TRP A NE1 1 
ATOM   177  C CE2 . TRP A 1 24  ? 13.290  9.259   12.048  1.00 84.67  ? 24  TRP A CE2 1 
ATOM   178  C CE3 . TRP A 1 24  ? 11.124  9.496   13.104  1.00 82.47  ? 24  TRP A CE3 1 
ATOM   179  C CZ2 . TRP A 1 24  ? 12.727  9.181   10.772  1.00 82.71  ? 24  TRP A CZ2 1 
ATOM   180  C CZ3 . TRP A 1 24  ? 10.566  9.426   11.837  1.00 81.13  ? 24  TRP A CZ3 1 
ATOM   181  C CH2 . TRP A 1 24  ? 11.363  9.270   10.689  1.00 80.53  ? 24  TRP A CH2 1 
ATOM   182  N N   . PRO A 1 25  ? 12.461  8.941   18.845  1.00 86.59  ? 25  PRO A N   1 
ATOM   183  C CA  . PRO A 1 25  ? 11.435  9.028   19.876  1.00 84.49  ? 25  PRO A CA  1 
ATOM   184  C C   . PRO A 1 25  ? 10.354  9.914   19.296  1.00 81.74  ? 25  PRO A C   1 
ATOM   185  O O   . PRO A 1 25  ? 10.661  10.852  18.539  1.00 75.46  ? 25  PRO A O   1 
ATOM   186  C CB  . PRO A 1 25  ? 12.155  9.698   21.041  1.00 87.07  ? 25  PRO A CB  1 
ATOM   187  C CG  . PRO A 1 25  ? 13.595  9.393   20.780  1.00 88.75  ? 25  PRO A CG  1 
ATOM   188  C CD  . PRO A 1 25  ? 13.729  9.549   19.297  1.00 86.82  ? 25  PRO A CD  1 
ATOM   189  N N   . LEU A 1 26  ? 9.112   9.617   19.583  1.00 79.81  ? 26  LEU A N   1 
ATOM   190  C CA  . LEU A 1 26  ? 8.047   10.413  19.017  1.00 81.09  ? 26  LEU A CA  1 
ATOM   191  C C   . LEU A 1 26  ? 7.335   11.248  20.064  1.00 83.90  ? 26  LEU A C   1 
ATOM   192  O O   . LEU A 1 26  ? 7.406   10.965  21.271  1.00 85.22  ? 26  LEU A O   1 
ATOM   193  C CB  . LEU A 1 26  ? 7.042   9.515   18.298  1.00 74.61  ? 26  LEU A CB  1 
ATOM   194  C CG  . LEU A 1 26  ? 7.482   8.937   16.962  1.00 69.07  ? 26  LEU A CG  1 
ATOM   195  C CD1 . LEU A 1 26  ? 6.620   7.744   16.619  1.00 68.88  ? 26  LEU A CD1 1 
ATOM   196  C CD2 . LEU A 1 26  ? 7.403   9.997   15.879  1.00 59.96  ? 26  LEU A CD2 1 
ATOM   197  N N   . THR A 1 27  ? 6.669   12.290  19.588  1.00 85.11  ? 27  THR A N   1 
ATOM   198  C CA  . THR A 1 27  ? 5.854   13.122  20.443  1.00 83.96  ? 27  THR A CA  1 
ATOM   199  C C   . THR A 1 27  ? 4.725   12.254  20.998  1.00 83.06  ? 27  THR A C   1 
ATOM   200  O O   . THR A 1 27  ? 4.139   11.460  20.258  1.00 83.88  ? 27  THR A O   1 
ATOM   201  C CB  . THR A 1 27  ? 5.262   14.278  19.623  1.00 85.00  ? 27  THR A CB  1 
ATOM   202  O OG1 . THR A 1 27  ? 6.317   14.907  18.873  1.00 89.53  ? 27  THR A OG1 1 
ATOM   203  C CG2 . THR A 1 27  ? 4.591   15.299  20.526  1.00 83.45  ? 27  THR A CG2 1 
ATOM   204  N N   . ALA A 1 28  ? 4.435   12.399  22.287  1.00 80.78  ? 28  ALA A N   1 
ATOM   205  C CA  . ALA A 1 28  ? 3.385   11.607  22.945  1.00 78.32  ? 28  ALA A CA  1 
ATOM   206  C C   . ALA A 1 28  ? 2.056   11.650  22.181  1.00 76.89  ? 28  ALA A C   1 
ATOM   207  O O   . ALA A 1 28  ? 1.295   10.687  22.186  1.00 75.57  ? 28  ALA A O   1 
ATOM   208  C CB  . ALA A 1 28  ? 3.191   12.092  24.376  1.00 81.22  ? 28  ALA A CB  1 
ATOM   209  N N   . ALA A 1 29  ? 1.764   12.764  21.529  1.00 76.68  ? 29  ALA A N   1 
ATOM   210  C CA  . ALA A 1 29  ? 0.554   12.837  20.726  1.00 77.36  ? 29  ALA A CA  1 
ATOM   211  C C   . ALA A 1 29  ? 0.697   11.902  19.545  1.00 76.14  ? 29  ALA A C   1 
ATOM   212  O O   . ALA A 1 29  ? -0.236  11.181  19.208  1.00 78.34  ? 29  ALA A O   1 
ATOM   213  C CB  . ALA A 1 29  ? 0.317   14.264  20.224  1.00 80.34  ? 29  ALA A CB  1 
ATOM   214  N N   . LYS A 1 30  ? 1.909   11.907  18.958  1.00 74.69  ? 30  LYS A N   1 
ATOM   215  C CA  . LYS A 1 30  ? 2.227   11.104  17.773  1.00 71.17  ? 30  LYS A CA  1 
ATOM   216  C C   . LYS A 1 30  ? 2.156   9.606   18.037  1.00 64.23  ? 30  LYS A C   1 
ATOM   217  O O   . LYS A 1 30  ? 1.691   8.853   17.196  1.00 61.82  ? 30  LYS A O   1 
ATOM   218  C CB  . LYS A 1 30  ? 3.616   11.480  17.260  1.00 74.09  ? 30  LYS A CB  1 
ATOM   219  C CG  . LYS A 1 30  ? 3.664   12.867  16.641  1.00 81.60  ? 30  LYS A CG  1 
ATOM   220  C CD  . LYS A 1 30  ? 5.064   13.216  16.162  1.00 90.11  ? 30  LYS A CD  1 
ATOM   221  C CE  . LYS A 1 30  ? 5.042   14.413  15.222  1.00 92.83  ? 30  LYS A CE  1 
ATOM   222  N NZ  . LYS A 1 30  ? 6.406   14.770  14.747  1.00 97.39  ? 30  LYS A NZ  1 
ATOM   223  N N   . ILE A 1 31  ? 2.607   9.191   19.202  1.00 57.04  ? 31  ILE A N   1 
ATOM   224  C CA  . ILE A 1 31  ? 2.576   7.793   19.569  1.00 52.07  ? 31  ILE A CA  1 
ATOM   225  C C   . ILE A 1 31  ? 1.155   7.306   19.790  1.00 52.30  ? 31  ILE A C   1 
ATOM   226  O O   . ILE A 1 31  ? 0.768   6.254   19.287  1.00 55.75  ? 31  ILE A O   1 
ATOM   227  C CB  . ILE A 1 31  ? 3.388   7.552   20.832  1.00 47.18  ? 31  ILE A CB  1 
ATOM   228  C CG1 . ILE A 1 31  ? 4.862   7.796   20.532  1.00 47.14  ? 31  ILE A CG1 1 
ATOM   229  C CG2 . ILE A 1 31  ? 3.161   6.139   21.326  1.00 49.99  ? 31  ILE A CG2 1 
ATOM   230  C CD1 . ILE A 1 31  ? 5.754   7.715   21.750  1.00 50.21  ? 31  ILE A CD1 1 
ATOM   231  N N   . ALA A 1 32  ? 0.383   8.056   20.550  1.00 53.49  ? 32  ALA A N   1 
ATOM   232  C CA  . ALA A 1 32  ? -1.005  7.682   20.781  1.00 53.38  ? 32  ALA A CA  1 
ATOM   233  C C   . ALA A 1 32  ? -1.722  7.612   19.440  1.00 52.48  ? 32  ALA A C   1 
ATOM   234  O O   . ALA A 1 32  ? -2.525  6.720   19.212  1.00 53.00  ? 32  ALA A O   1 
ATOM   235  C CB  . ALA A 1 32  ? -1.688  8.694   21.701  1.00 50.07  ? 32  ALA A CB  1 
ATOM   236  N N   . ALA A 1 33  ? -1.374  8.543   18.541  1.00 52.93  ? 33  ALA A N   1 
ATOM   237  C CA  . ALA A 1 33  ? -1.979  8.615   17.199  1.00 53.95  ? 33  ALA A CA  1 
ATOM   238  C C   . ALA A 1 33  ? -1.703  7.356   16.384  1.00 55.05  ? 33  ALA A C   1 
ATOM   239  O O   . ALA A 1 33  ? -2.611  6.736   15.798  1.00 52.76  ? 33  ALA A O   1 
ATOM   240  C CB  . ALA A 1 33  ? -1.414  9.821   16.461  1.00 50.56  ? 33  ALA A CB  1 
ATOM   241  N N   . LEU A 1 34  ? -0.436  6.997   16.339  1.00 55.66  ? 34  LEU A N   1 
ATOM   242  C CA  . LEU A 1 34  ? -0.017  5.826   15.617  1.00 51.03  ? 34  LEU A CA  1 
ATOM   243  C C   . LEU A 1 34  ? -0.664  4.593   16.177  1.00 50.05  ? 34  LEU A C   1 
ATOM   244  O O   . LEU A 1 34  ? -1.190  3.792   15.401  1.00 54.66  ? 34  LEU A O   1 
ATOM   245  C CB  . LEU A 1 34  ? 1.480   5.708   15.665  1.00 45.70  ? 34  LEU A CB  1 
ATOM   246  C CG  . LEU A 1 34  ? 2.192   6.780   14.867  1.00 40.76  ? 34  LEU A CG  1 
ATOM   247  C CD1 . LEU A 1 34  ? 3.683   6.627   15.031  1.00 42.53  ? 34  LEU A CD1 1 
ATOM   248  C CD2 . LEU A 1 34  ? 1.774   6.701   13.405  1.00 38.57  ? 34  LEU A CD2 1 
ATOM   249  N N   . VAL A 1 35  ? -0.676  4.469   17.511  1.00 44.74  ? 35  VAL A N   1 
ATOM   250  C CA  . VAL A 1 35  ? -1.306  3.319   18.152  1.00 43.28  ? 35  VAL A CA  1 
ATOM   251  C C   . VAL A 1 35  ? -2.758  3.107   17.702  1.00 43.94  ? 35  VAL A C   1 
ATOM   252  O O   . VAL A 1 35  ? -3.179  1.971   17.535  1.00 48.52  ? 35  VAL A O   1 
ATOM   253  C CB  . VAL A 1 35  ? -1.239  3.396   19.694  1.00 45.26  ? 35  VAL A CB  1 
ATOM   254  C CG1 . VAL A 1 35  ? -2.048  2.253   20.309  1.00 40.71  ? 35  VAL A CG1 1 
ATOM   255  C CG2 . VAL A 1 35  ? 0.220   3.319   20.154  1.00 37.66  ? 35  VAL A CG2 1 
ATOM   256  N N   . ALA A 1 36  ? -3.518  4.178   17.472  1.00 43.66  ? 36  ALA A N   1 
ATOM   257  C CA  . ALA A 1 36  ? -4.902  4.019   17.009  1.00 41.39  ? 36  ALA A CA  1 
ATOM   258  C C   . ALA A 1 36  ? -4.914  3.603   15.559  1.00 42.08  ? 36  ALA A C   1 
ATOM   259  O O   . ALA A 1 36  ? -5.682  2.737   15.155  1.00 45.76  ? 36  ALA A O   1 
ATOM   260  C CB  . ALA A 1 36  ? -5.692  5.310   17.181  1.00 44.98  ? 36  ALA A CB  1 
ATOM   261  N N   . ILE A 1 37  ? -4.039  4.208   14.774  1.00 40.67  ? 37  ILE A N   1 
ATOM   262  C CA  . ILE A 1 37  ? -3.939  3.874   13.360  1.00 38.70  ? 37  ILE A CA  1 
ATOM   263  C C   . ILE A 1 37  ? -3.559  2.394   13.171  1.00 35.88  ? 37  ILE A C   1 
ATOM   264  O O   . ILE A 1 37  ? -4.237  1.640   12.465  1.00 38.13  ? 37  ILE A O   1 
ATOM   265  C CB  . ILE A 1 37  ? -2.891  4.774   12.657  1.00 39.56  ? 37  ILE A CB  1 
ATOM   266  C CG1 . ILE A 1 37  ? -3.331  6.241   12.716  1.00 37.16  ? 37  ILE A CG1 1 
ATOM   267  C CG2 . ILE A 1 37  ? -2.725  4.346   11.209  1.00 41.28  ? 37  ILE A CG2 1 
ATOM   268  C CD1 . ILE A 1 37  ? -2.291  7.226   12.216  1.00 37.39  ? 37  ILE A CD1 1 
ATOM   269  N N   . CYS A 1 38  ? -2.496  1.976   13.822  1.00 32.76  ? 38  CYS A N   1 
ATOM   270  C CA  . CYS A 1 38  ? -2.016  0.615   13.694  1.00 34.41  ? 38  CYS A CA  1 
ATOM   271  C C   . CYS A 1 38  ? -3.006  -0.407  14.234  1.00 37.30  ? 38  CYS A C   1 
ATOM   272  O O   . CYS A 1 38  ? -3.113  -1.521  13.706  1.00 35.34  ? 38  CYS A O   1 
ATOM   273  C CB  . CYS A 1 38  ? -0.677  0.493   14.392  1.00 33.35  ? 38  CYS A CB  1 
ATOM   274  S SG  . CYS A 1 38  ? 0.621   1.410   13.549  1.00 37.10  ? 38  CYS A SG  1 
ATOM   275  N N   . THR A 1 39  ? -3.732  -0.040  15.276  1.00 39.87  ? 39  THR A N   1 
ATOM   276  C CA  . THR A 1 39  ? -4.737  -0.927  15.822  1.00 36.52  ? 39  THR A CA  1 
ATOM   277  C C   . THR A 1 39  ? -5.766  -1.278  14.785  1.00 34.89  ? 39  THR A C   1 
ATOM   278  O O   . THR A 1 39  ? -6.125  -2.440  14.626  1.00 39.04  ? 39  THR A O   1 
ATOM   279  C CB  . THR A 1 39  ? -5.433  -0.292  17.022  1.00 41.66  ? 39  THR A CB  1 
ATOM   280  O OG1 . THR A 1 39  ? -4.493  -0.217  18.097  1.00 43.95  ? 39  THR A OG1 1 
ATOM   281  C CG2 . THR A 1 39  ? -6.640  -1.112  17.462  1.00 46.58  ? 39  THR A CG2 1 
ATOM   282  N N   . GLU A 1 40  ? -6.232  -0.307  14.050  1.00 36.53  ? 40  GLU A N   1 
ATOM   283  C CA  . GLU A 1 40  ? -7.228  -0.614  13.029  1.00 42.02  ? 40  GLU A CA  1 
ATOM   284  C C   . GLU A 1 40  ? -6.588  -1.368  11.876  1.00 39.17  ? 40  GLU A C   1 
ATOM   285  O O   . GLU A 1 40  ? -7.187  -2.283  11.307  1.00 38.69  ? 40  GLU A O   1 
ATOM   286  C CB  . GLU A 1 40  ? -7.927  0.657   12.522  1.00 48.53  ? 40  GLU A CB  1 
ATOM   287  C CG  . GLU A 1 40  ? -8.405  1.598   13.636  1.00 66.74  ? 40  GLU A CG  1 
ATOM   288  C CD  . GLU A 1 40  ? -9.127  0.898   14.804  1.00 74.32  ? 40  GLU A CD  1 
ATOM   289  O OE1 . GLU A 1 40  ? -10.063 0.099   14.549  1.00 75.97  ? 40  GLU A OE1 1 
ATOM   290  O OE2 . GLU A 1 40  ? -8.753  1.153   15.985  1.00 79.17  ? 40  GLU A OE2 1 
ATOM   291  N N   . MET A 1 41  ? -5.351  -0.990  11.548  1.00 39.57  ? 41  MET A N   1 
ATOM   292  C CA  . MET A 1 41  ? -4.626  -1.643  10.462  1.00 34.81  ? 41  MET A CA  1 
ATOM   293  C C   . MET A 1 41  ? -4.415  -3.094  10.770  1.00 28.68  ? 41  MET A C   1 
ATOM   294  O O   . MET A 1 41  ? -4.501  -3.932  9.894   1.00 32.43  ? 41  MET A O   1 
ATOM   295  C CB  . MET A 1 41  ? -3.275  -0.964  10.219  1.00 34.45  ? 41  MET A CB  1 
ATOM   296  C CG  . MET A 1 41  ? -3.318  0.216   9.263   1.00 35.65  ? 41  MET A CG  1 
ATOM   297  S SD  . MET A 1 41  ? -1.690  0.946   8.977   1.00 41.61  ? 41  MET A SD  1 
ATOM   298  C CE  . MET A 1 41  ? -1.364  0.289   7.338   1.00 33.94  ? 41  MET A CE  1 
ATOM   299  N N   . GLU A 1 42  ? -4.139  -3.385  12.007  1.00 28.96  ? 42  GLU A N   1 
ATOM   300  C CA  . GLU A 1 42  ? -3.950  -4.739  12.412  1.00 30.97  ? 42  GLU A CA  1 
ATOM   301  C C   . GLU A 1 42  ? -5.259  -5.470  12.382  1.00 34.59  ? 42  GLU A C   1 
ATOM   302  O O   . GLU A 1 42  ? -5.341  -6.577  11.878  1.00 37.63  ? 42  GLU A O   1 
ATOM   303  C CB  . GLU A 1 42  ? -3.397  -4.783  13.791  1.00 30.53  ? 42  GLU A CB  1 
ATOM   304  C CG  . GLU A 1 42  ? -3.418  -6.172  14.342  1.00 41.31  ? 42  GLU A CG  1 
ATOM   305  C CD  . GLU A 1 42  ? -2.640  -6.261  15.603  1.00 48.95  ? 42  GLU A CD  1 
ATOM   306  O OE1 . GLU A 1 42  ? -2.906  -5.456  16.520  1.00 56.15  ? 42  GLU A OE1 1 
ATOM   307  O OE2 . GLU A 1 42  ? -1.752  -7.126  15.680  1.00 55.95  ? 42  GLU A OE2 1 
ATOM   308  N N   . LYS A 1 43  ? -6.290  -4.830  12.907  1.00 40.88  ? 43  LYS A N   1 
ATOM   309  C CA  . LYS A 1 43  ? -7.617  -5.412  12.901  1.00 42.97  ? 43  LYS A CA  1 
ATOM   310  C C   . LYS A 1 43  ? -8.021  -5.759  11.466  1.00 40.18  ? 43  LYS A C   1 
ATOM   311  O O   . LYS A 1 43  ? -8.632  -6.799  11.204  1.00 44.43  ? 43  LYS A O   1 
ATOM   312  C CB  . LYS A 1 43  ? -8.586  -4.410  13.543  1.00 53.66  ? 43  LYS A CB  1 
ATOM   313  C CG  . LYS A 1 43  ? -10.023 -4.878  13.690  1.00 68.39  ? 43  LYS A CG  1 
ATOM   314  C CD  . LYS A 1 43  ? -10.924 -3.791  14.300  1.00 77.41  ? 43  LYS A CD  1 
ATOM   315  C CE  . LYS A 1 43  ? -11.116 -2.555  13.392  1.00 85.45  ? 43  LYS A CE  1 
ATOM   316  N NZ  . LYS A 1 43  ? -11.840 -2.830  12.103  1.00 84.54  ? 43  LYS A NZ  1 
ATOM   317  N N   . GLU A 1 44  ? -7.610  -4.918  10.530  1.00 39.97  ? 44  GLU A N   1 
ATOM   318  C CA  . GLU A 1 44  ? -7.915  -5.145  9.122   1.00 37.54  ? 44  GLU A CA  1 
ATOM   319  C C   . GLU A 1 44  ? -6.942  -6.102  8.407   1.00 38.44  ? 44  GLU A C   1 
ATOM   320  O O   . GLU A 1 44  ? -7.106  -6.375  7.213   1.00 41.79  ? 44  GLU A O   1 
ATOM   321  C CB  . GLU A 1 44  ? -7.935  -3.827  8.393   1.00 44.87  ? 44  GLU A CB  1 
ATOM   322  C CG  . GLU A 1 44  ? -9.031  -2.889  8.837   1.00 55.17  ? 44  GLU A CG  1 
ATOM   323  C CD  . GLU A 1 44  ? -8.978  -1.604  8.055   1.00 64.23  ? 44  GLU A CD  1 
ATOM   324  O OE1 . GLU A 1 44  ? -7.958  -0.873  8.168   1.00 66.39  ? 44  GLU A OE1 1 
ATOM   325  O OE2 . GLU A 1 44  ? -9.942  -1.329  7.306   1.00 76.48  ? 44  GLU A OE2 1 
ATOM   326  N N   . GLY A 1 45  ? -5.920  -6.595  9.105   1.00 36.62  ? 45  GLY A N   1 
ATOM   327  C CA  . GLY A 1 45  ? -4.999  -7.548  8.489   1.00 34.01  ? 45  GLY A CA  1 
ATOM   328  C C   . GLY A 1 45  ? -3.946  -6.903  7.602   1.00 30.35  ? 45  GLY A C   1 
ATOM   329  O O   . GLY A 1 45  ? -3.244  -7.577  6.869   1.00 30.05  ? 45  GLY A O   1 
ATOM   330  N N   . LYS A 1 46  ? -3.824  -5.603  7.691   1.00 28.54  ? 46  LYS A N   1 
ATOM   331  C CA  . LYS A 1 46  ? -2.869  -4.883  6.890   1.00 26.99  ? 46  LYS A CA  1 
ATOM   332  C C   . LYS A 1 46  ? -1.468  -4.948  7.463   1.00 25.54  ? 46  LYS A C   1 
ATOM   333  O O   . LYS A 1 46  ? -0.494  -4.864  6.728   1.00 26.85  ? 46  LYS A O   1 
ATOM   334  C CB  . LYS A 1 46  ? -3.362  -3.464  6.739   1.00 25.19  ? 46  LYS A CB  1 
ATOM   335  C CG  . LYS A 1 46  ? -4.519  -3.442  5.766   1.00 30.45  ? 46  LYS A CG  1 
ATOM   336  C CD  . LYS A 1 46  ? -5.266  -2.146  5.826   1.00 39.82  ? 46  LYS A CD  1 
ATOM   337  C CE  . LYS A 1 46  ? -6.270  -2.070  4.697   1.00 43.76  ? 46  LYS A CE  1 
ATOM   338  N NZ  . LYS A 1 46  ? -6.976  -0.757  4.713   1.00 55.15  ? 46  LYS A NZ  1 
ATOM   339  N N   . ILE A 1 47  ? -1.372  -5.092  8.768   1.00 24.48  ? 47  ILE A N   1 
ATOM   340  C CA  . ILE A 1 47  ? -0.087  -5.267  9.422   1.00 25.02  ? 47  ILE A CA  1 
ATOM   341  C C   . ILE A 1 47  ? -0.220  -6.375  10.489  1.00 28.40  ? 47  ILE A C   1 
ATOM   342  O O   . ILE A 1 47  ? -1.341  -6.736  10.859  1.00 26.20  ? 47  ILE A O   1 
ATOM   343  C CB  . ILE A 1 47  ? 0.431   -3.951  10.084  1.00 27.19  ? 47  ILE A CB  1 
ATOM   344  C CG1 . ILE A 1 47  ? -0.565  -3.436  11.121  1.00 26.55  ? 47  ILE A CG1 1 
ATOM   345  C CG2 . ILE A 1 47  ? 0.696   -2.887  9.026   1.00 22.87  ? 47  ILE A CG2 1 
ATOM   346  C CD1 . ILE A 1 47  ? -0.019  -2.300  11.952  1.00 29.59  ? 47  ILE A CD1 1 
ATOM   347  N N   . SER A 1 48  ? 0.910   -6.928  10.964  1.00 26.44  ? 48  SER A N   1 
ATOM   348  C CA  . SER A 1 48  ? 0.877   -7.990  11.961  1.00 23.40  ? 48  SER A CA  1 
ATOM   349  C C   . SER A 1 48  ? 1.970   -7.800  12.958  1.00 23.53  ? 48  SER A C   1 
ATOM   350  O O   . SER A 1 48  ? 3.054   -7.378  12.596  1.00 28.31  ? 48  SER A O   1 
ATOM   351  C CB  . SER A 1 48  ? 1.080   -9.360  11.299  1.00 25.52  ? 48  SER A CB  1 
ATOM   352  O OG  . SER A 1 48  ? -0.025  -9.739  10.490  1.00 31.29  ? 48  SER A OG  1 
ATOM   353  N N   . LYS A 1 49  ? 1.696   -8.099  14.215  1.00 24.01  ? 49  LYS A N   1 
ATOM   354  C CA  . LYS A 1 49  ? 2.737   -8.019  15.228  1.00 24.39  ? 49  LYS A CA  1 
ATOM   355  C C   . LYS A 1 49  ? 3.804   -9.048  14.913  1.00 24.27  ? 49  LYS A C   1 
ATOM   356  O O   . LYS A 1 49  ? 3.523   -10.112 14.350  1.00 27.35  ? 49  LYS A O   1 
ATOM   357  C CB  . LYS A 1 49  ? 2.168   -8.317  16.608  1.00 28.55  ? 49  LYS A CB  1 
ATOM   358  C CG  . LYS A 1 49  ? 0.917   -7.556  16.949  1.00 38.01  ? 49  LYS A CG  1 
ATOM   359  C CD  . LYS A 1 49  ? 1.086   -6.687  18.193  1.00 51.77  ? 49  LYS A CD  1 
ATOM   360  C CE  . LYS A 1 49  ? -0.279  -6.205  18.704  1.00 61.01  ? 49  LYS A CE  1 
ATOM   361  N NZ  . LYS A 1 49  ? -0.193  -5.309  19.906  1.00 67.24  ? 49  LYS A NZ  1 
ATOM   362  N N   . ILE A 1 50  ? 5.020   -8.754  15.277  1.00 24.78  ? 50  ILE A N   1 
ATOM   363  C CA  . ILE A 1 50  ? 6.103   -9.650  14.970  1.00 25.25  ? 50  ILE A CA  1 
ATOM   364  C C   . ILE A 1 50  ? 6.859   -10.058 16.219  1.00 27.80  ? 50  ILE A C   1 
ATOM   365  O O   . ILE A 1 50  ? 6.764   -9.395  17.255  1.00 32.11  ? 50  ILE A O   1 
ATOM   366  C CB  . ILE A 1 50  ? 7.073   -9.020  13.955  1.00 23.49  ? 50  ILE A CB  1 
ATOM   367  C CG1 . ILE A 1 50  ? 7.671   -7.743  14.502  1.00 14.28  ? 50  ILE A CG1 1 
ATOM   368  C CG2 . ILE A 1 50  ? 6.348   -8.767  12.653  1.00 23.97  ? 50  ILE A CG2 1 
ATOM   369  C CD1 . ILE A 1 50  ? 8.514   -6.995  13.499  1.00 17.66  ? 50  ILE A CD1 1 
ATOM   370  N N   . GLY A 1 51  ? 7.614   -11.150 16.111  1.00 26.33  ? 51  GLY A N   1 
ATOM   371  C CA  . GLY A 1 51  ? 8.348   -11.660 17.253  1.00 24.92  ? 51  GLY A CA  1 
ATOM   372  C C   . GLY A 1 51  ? 9.815   -11.278 17.265  1.00 27.94  ? 51  GLY A C   1 
ATOM   373  O O   . GLY A 1 51  ? 10.301  -10.598 16.350  1.00 29.61  ? 51  GLY A O   1 
ATOM   374  N N   . PRO A 1 52  ? 10.582  -11.786 18.263  1.00 29.73  ? 52  PRO A N   1 
ATOM   375  C CA  . PRO A 1 52  ? 12.007  -11.482 18.425  1.00 25.37  ? 52  PRO A CA  1 
ATOM   376  C C   . PRO A 1 52  ? 12.846  -11.967 17.274  1.00 25.65  ? 52  PRO A C   1 
ATOM   377  O O   . PRO A 1 52  ? 13.985  -11.557 17.151  1.00 30.56  ? 52  PRO A O   1 
ATOM   378  C CB  . PRO A 1 52  ? 12.385  -12.181 19.736  1.00 24.71  ? 52  PRO A CB  1 
ATOM   379  C CG  . PRO A 1 52  ? 11.462  -13.351 19.759  1.00 26.26  ? 52  PRO A CG  1 
ATOM   380  C CD  . PRO A 1 52  ? 10.144  -12.786 19.284  1.00 27.01  ? 52  PRO A CD  1 
ATOM   381  N N   . GLU A 1 53  ? 12.281  -12.826 16.437  1.00 21.73  ? 53  GLU A N   1 
ATOM   382  C CA  . GLU A 1 53  ? 13.043  -13.390 15.346  1.00 24.49  ? 53  GLU A CA  1 
ATOM   383  C C   . GLU A 1 53  ? 13.120  -12.445 14.173  1.00 25.27  ? 53  GLU A C   1 
ATOM   384  O O   . GLU A 1 53  ? 13.791  -12.739 13.198  1.00 24.92  ? 53  GLU A O   1 
ATOM   385  C CB  . GLU A 1 53  ? 12.500  -14.756 14.915  1.00 22.80  ? 53  GLU A CB  1 
ATOM   386  C CG  . GLU A 1 53  ? 11.277  -14.708 14.037  1.00 26.83  ? 53  GLU A CG  1 
ATOM   387  C CD  . GLU A 1 53  ? 9.981   -14.440 14.777  1.00 28.09  ? 53  GLU A CD  1 
ATOM   388  O OE1 . GLU A 1 53  ? 10.009  -14.243 15.994  1.00 28.09  ? 53  GLU A OE1 1 
ATOM   389  O OE2 . GLU A 1 53  ? 8.919   -14.446 14.133  1.00 34.14  ? 53  GLU A OE2 1 
ATOM   390  N N   . ASN A 1 54  ? 12.424  -11.319 14.255  1.00 23.32  ? 54  ASN A N   1 
ATOM   391  C CA  . ASN A 1 54  ? 12.548  -10.285 13.234  1.00 23.09  ? 54  ASN A CA  1 
ATOM   392  C C   . ASN A 1 54  ? 13.443  -9.168  13.782  1.00 25.67  ? 54  ASN A C   1 
ATOM   393  O O   . ASN A 1 54  ? 13.010  -8.426  14.649  1.00 30.32  ? 54  ASN A O   1 
ATOM   394  C CB  . ASN A 1 54  ? 11.183  -9.698  12.900  1.00 22.37  ? 54  ASN A CB  1 
ATOM   395  C CG  . ASN A 1 54  ? 11.213  -8.830  11.650  1.00 23.26  ? 54  ASN A CG  1 
ATOM   396  O OD1 . ASN A 1 54  ? 10.362  -8.960  10.748  1.00 25.30  ? 54  ASN A OD1 1 
ATOM   397  N ND2 . ASN A 1 54  ? 12.171  -7.937  11.579  1.00 21.23  ? 54  ASN A ND2 1 
ATOM   398  N N   . PRO A 1 55  ? 14.685  -9.013  13.273  1.00 22.19  ? 55  PRO A N   1 
ATOM   399  C CA  . PRO A 1 55  ? 15.639  -7.994  13.730  1.00 21.35  ? 55  PRO A CA  1 
ATOM   400  C C   . PRO A 1 55  ? 15.627  -6.676  12.971  1.00 25.31  ? 55  PRO A C   1 
ATOM   401  O O   . PRO A 1 55  ? 16.419  -5.810  13.254  1.00 31.08  ? 55  PRO A O   1 
ATOM   402  C CB  . PRO A 1 55  ? 16.945  -8.700  13.511  1.00 21.19  ? 55  PRO A CB  1 
ATOM   403  C CG  . PRO A 1 55  ? 16.722  -9.335  12.186  1.00 19.60  ? 55  PRO A CG  1 
ATOM   404  C CD  . PRO A 1 55  ? 15.320  -9.878  12.254  1.00 19.58  ? 55  PRO A CD  1 
ATOM   405  N N   . TYR A 1 56  ? 14.765  -6.531  12.009  1.00 25.34  ? 56  TYR A N   1 
ATOM   406  C CA  . TYR A 1 56  ? 14.801  -5.350  11.166  1.00 25.73  ? 56  TYR A CA  1 
ATOM   407  C C   . TYR A 1 56  ? 14.018  -4.203  11.769  1.00 25.87  ? 56  TYR A C   1 
ATOM   408  O O   . TYR A 1 56  ? 13.225  -4.408  12.688  1.00 27.93  ? 56  TYR A O   1 
ATOM   409  C CB  . TYR A 1 56  ? 14.260  -5.725  9.761   1.00 22.87  ? 56  TYR A CB  1 
ATOM   410  C CG  . TYR A 1 56  ? 15.017  -6.885  9.174   1.00 23.04  ? 56  TYR A CG  1 
ATOM   411  C CD1 . TYR A 1 56  ? 16.382  -6.777  8.913   1.00 23.89  ? 56  TYR A CD1 1 
ATOM   412  C CD2 . TYR A 1 56  ? 14.409  -8.118  8.980   1.00 21.64  ? 56  TYR A CD2 1 
ATOM   413  C CE1 . TYR A 1 56  ? 17.117  -7.860  8.481   1.00 21.51  ? 56  TYR A CE1 1 
ATOM   414  C CE2 . TYR A 1 56  ? 15.138  -9.211  8.546   1.00 19.44  ? 56  TYR A CE2 1 
ATOM   415  C CZ  . TYR A 1 56  ? 16.489  -9.071  8.302   1.00 20.36  ? 56  TYR A CZ  1 
ATOM   416  O OH  . TYR A 1 56  ? 17.224  -10.136 7.862   1.00 22.64  ? 56  TYR A OH  1 
ATOM   417  N N   . ASN A 1 57  ? 14.258  -3.007  11.244  1.00 26.29  ? 57  ASN A N   1 
ATOM   418  C CA  . ASN A 1 57  ? 13.526  -1.834  11.675  1.00 26.52  ? 57  ASN A CA  1 
ATOM   419  C C   . ASN A 1 57  ? 13.667  -0.673  10.694  1.00 26.92  ? 57  ASN A C   1 
ATOM   420  O O   . ASN A 1 57  ? 14.728  -0.456  10.129  1.00 27.00  ? 57  ASN A O   1 
ATOM   421  C CB  . ASN A 1 57  ? 13.961  -1.375  13.062  1.00 27.53  ? 57  ASN A CB  1 
ATOM   422  C CG  . ASN A 1 57  ? 12.884  -0.508  13.683  1.00 27.75  ? 57  ASN A CG  1 
ATOM   423  O OD1 . ASN A 1 57  ? 11.786  -0.973  13.911  1.00 31.59  ? 57  ASN A OD1 1 
ATOM   424  N ND2 . ASN A 1 57  ? 13.179  0.754   13.945  1.00 28.39  ? 57  ASN A ND2 1 
ATOM   425  N N   . THR A 1 58  ? 12.563  0.032   10.503  1.00 33.71  ? 58  THR A N   1 
ATOM   426  C CA  . THR A 1 58  ? 12.472  1.249   9.686   1.00 29.25  ? 58  THR A CA  1 
ATOM   427  C C   . THR A 1 58  ? 11.667  2.285   10.491  1.00 34.43  ? 58  THR A C   1 
ATOM   428  O O   . THR A 1 58  ? 10.601  1.941   11.049  1.00 32.88  ? 58  THR A O   1 
ATOM   429  C CB  . THR A 1 58  ? 11.727  0.957   8.373   1.00 24.70  ? 58  THR A CB  1 
ATOM   430  O OG1 . THR A 1 58  ? 12.526  0.119   7.542   1.00 29.25  ? 58  THR A OG1 1 
ATOM   431  C CG2 . THR A 1 58  ? 11.420  2.228   7.625   1.00 22.19  ? 58  THR A CG2 1 
ATOM   432  N N   . PRO A 1 59  ? 12.153  3.555   10.607  1.00 34.89  ? 59  PRO A N   1 
ATOM   433  C CA  . PRO A 1 59  ? 11.450  4.599   11.363  1.00 31.77  ? 59  PRO A CA  1 
ATOM   434  C C   . PRO A 1 59  ? 10.128  5.061   10.742  1.00 31.51  ? 59  PRO A C   1 
ATOM   435  O O   . PRO A 1 59  ? 9.988   5.228   9.521   1.00 29.20  ? 59  PRO A O   1 
ATOM   436  C CB  . PRO A 1 59  ? 12.475  5.717   11.455  1.00 29.96  ? 59  PRO A CB  1 
ATOM   437  C CG  . PRO A 1 59  ? 13.227  5.571   10.188  1.00 34.94  ? 59  PRO A CG  1 
ATOM   438  C CD  . PRO A 1 59  ? 13.420  4.083   10.051  1.00 33.75  ? 59  PRO A CD  1 
ATOM   439  N N   . VAL A 1 60  ? 9.141   5.188   11.600  1.00 34.59  ? 60  VAL A N   1 
ATOM   440  C CA  . VAL A 1 60  ? 7.855   5.730   11.201  1.00 41.36  ? 60  VAL A CA  1 
ATOM   441  C C   . VAL A 1 60  ? 7.678   7.054   11.904  1.00 45.89  ? 60  VAL A C   1 
ATOM   442  O O   . VAL A 1 60  ? 8.437   7.404   12.831  1.00 44.52  ? 60  VAL A O   1 
ATOM   443  C CB  . VAL A 1 60  ? 6.629   4.828   11.568  1.00 38.85  ? 60  VAL A CB  1 
ATOM   444  C CG1 . VAL A 1 60  ? 6.554   3.649   10.635  1.00 43.86  ? 60  VAL A CG1 1 
ATOM   445  C CG2 . VAL A 1 60  ? 6.716   4.337   13.002  1.00 38.36  ? 60  VAL A CG2 1 
ATOM   446  N N   . PHE A 1 61  ? 6.689   7.787   11.457  1.00 51.31  ? 61  PHE A N   1 
ATOM   447  C CA  . PHE A 1 61  ? 6.351   9.052   12.064  1.00 52.38  ? 61  PHE A CA  1 
ATOM   448  C C   . PHE A 1 61  ? 4.938   9.416   11.729  1.00 50.31  ? 61  PHE A C   1 
ATOM   449  O O   . PHE A 1 61  ? 4.339   8.878   10.807  1.00 45.27  ? 61  PHE A O   1 
ATOM   450  C CB  . PHE A 1 61  ? 7.306   10.167  11.615  1.00 57.53  ? 61  PHE A CB  1 
ATOM   451  C CG  . PHE A 1 61  ? 7.676   10.154  10.160  1.00 67.30  ? 61  PHE A CG  1 
ATOM   452  C CD1 . PHE A 1 61  ? 8.446   9.117   9.628   1.00 70.84  ? 61  PHE A CD1 1 
ATOM   453  C CD2 . PHE A 1 61  ? 7.315   11.206  9.329   1.00 69.08  ? 61  PHE A CD2 1 
ATOM   454  C CE1 . PHE A 1 61  ? 8.858   9.126   8.305   1.00 72.38  ? 61  PHE A CE1 1 
ATOM   455  C CE2 . PHE A 1 61  ? 7.724   11.219  7.998   1.00 73.88  ? 61  PHE A CE2 1 
ATOM   456  C CZ  . PHE A 1 61  ? 8.499   10.179  7.486   1.00 72.89  ? 61  PHE A CZ  1 
ATOM   457  N N   . ALA A 1 62  ? 4.381   10.257  12.530  1.00 54.62  ? 62  ALA A N   1 
ATOM   458  C CA  . ALA A 1 62  ? 3.067   10.726  12.261  1.00 58.74  ? 62  ALA A CA  1 
ATOM   459  C C   . ALA A 1 62  ? 3.171   12.156  11.753  1.00 63.08  ? 62  ALA A C   1 
ATOM   460  O O   . ALA A 1 62  ? 4.141   12.872  12.067  1.00 62.44  ? 62  ALA A O   1 
ATOM   461  C CB  . ALA A 1 62  ? 2.226   10.626  13.521  1.00 57.48  ? 62  ALA A CB  1 
ATOM   462  N N   . ILE A 1 63  ? 2.203   12.539  10.929  1.00 67.38  ? 63  ILE A N   1 
ATOM   463  C CA  . ILE A 1 63  ? 2.134   13.888  10.369  1.00 69.01  ? 63  ILE A CA  1 
ATOM   464  C C   . ILE A 1 63  ? 0.687   14.382  10.395  1.00 68.62  ? 63  ILE A C   1 
ATOM   465  O O   . ILE A 1 63  ? -0.229  13.629  10.757  1.00 67.51  ? 63  ILE A O   1 
ATOM   466  C CB  . ILE A 1 63  ? 2.655   13.937  8.911   1.00 69.26  ? 63  ILE A CB  1 
ATOM   467  C CG1 . ILE A 1 63  ? 2.175   12.709  8.146   1.00 70.68  ? 63  ILE A CG1 1 
ATOM   468  C CG2 . ILE A 1 63  ? 4.173   14.020  8.892   1.00 71.48  ? 63  ILE A CG2 1 
ATOM   469  C CD1 . ILE A 1 63  ? 2.317   12.830  6.653   1.00 76.42  ? 63  ILE A CD1 1 
ATOM   470  N N   . TRP A 1 71  ? -4.324  12.659  11.747  1.00 80.80  ? 71  TRP A N   1 
ATOM   471  C CA  . TRP A 1 71  ? -3.026  12.001  11.837  1.00 77.57  ? 71  TRP A CA  1 
ATOM   472  C C   . TRP A 1 71  ? -2.797  10.998  10.733  1.00 74.01  ? 71  TRP A C   1 
ATOM   473  O O   . TRP A 1 71  ? -3.676  10.195  10.398  1.00 72.99  ? 71  TRP A O   1 
ATOM   474  C CB  . TRP A 1 71  ? -2.865  11.306  13.174  1.00 79.28  ? 71  TRP A CB  1 
ATOM   475  C CG  . TRP A 1 71  ? -2.543  12.269  14.246  1.00 86.00  ? 71  TRP A CG  1 
ATOM   476  C CD1 . TRP A 1 71  ? -3.356  12.649  15.269  1.00 90.06  ? 71  TRP A CD1 1 
ATOM   477  C CD2 . TRP A 1 71  ? -1.305  12.977  14.414  1.00 89.62  ? 71  TRP A CD2 1 
ATOM   478  N NE1 . TRP A 1 71  ? -2.684  13.542  16.053  1.00 94.73  ? 71  TRP A NE1 1 
ATOM   479  C CE2 . TRP A 1 71  ? -1.434  13.774  15.572  1.00 92.90  ? 71  TRP A CE2 1 
ATOM   480  C CE3 . TRP A 1 71  ? -0.102  13.019  13.700  1.00 92.58  ? 71  TRP A CE3 1 
ATOM   481  C CZ2 . TRP A 1 71  ? -0.404  14.599  16.045  1.00 94.91  ? 71  TRP A CZ2 1 
ATOM   482  C CZ3 . TRP A 1 71  ? 0.927   13.838  14.162  1.00 94.85  ? 71  TRP A CZ3 1 
ATOM   483  C CH2 . TRP A 1 71  ? 0.768   14.617  15.322  1.00 95.20  ? 71  TRP A CH2 1 
ATOM   484  N N   . ALA A 1 72  ? -1.606  11.066  10.166  1.00 68.45  ? 72  ALA A N   1 
ATOM   485  C CA  . ALA A 1 72  ? -1.207  10.138  9.140   1.00 64.25  ? 72  ALA A CA  1 
ATOM   486  C C   . ALA A 1 72  ? 0.108   9.494   9.544   1.00 61.77  ? 72  ALA A C   1 
ATOM   487  O O   . ALA A 1 72  ? 1.014   10.151  10.070  1.00 60.94  ? 72  ALA A O   1 
ATOM   488  C CB  . ALA A 1 72  ? -1.080  10.837  7.793   1.00 60.88  ? 72  ALA A CB  1 
ATOM   489  N N   . LYS A 1 73  ? 0.165   8.191   9.370   1.00 57.11  ? 73  LYS A N   1 
ATOM   490  C CA  . LYS A 1 73  ? 1.366   7.439   9.650   1.00 51.36  ? 73  LYS A CA  1 
ATOM   491  C C   . LYS A 1 73  ? 2.252   7.511   8.405   1.00 50.56  ? 73  LYS A C   1 
ATOM   492  O O   . LYS A 1 73  ? 1.764   7.377   7.261   1.00 51.54  ? 73  LYS A O   1 
ATOM   493  C CB  . LYS A 1 73  ? 0.945   5.996   9.971   1.00 50.20  ? 73  LYS A CB  1 
ATOM   494  C CG  . LYS A 1 73  ? 2.034   4.932   10.153  1.00 44.96  ? 73  LYS A CG  1 
ATOM   495  C CD  . LYS A 1 73  ? 1.391   3.552   10.014  1.00 34.89  ? 73  LYS A CD  1 
ATOM   496  C CE  . LYS A 1 73  ? 2.332   2.458   10.379  1.00 31.57  ? 73  LYS A CE  1 
ATOM   497  N NZ  . LYS A 1 73  ? 3.289   2.196   9.292   1.00 33.43  ? 73  LYS A NZ  1 
ATOM   498  N N   . LEU A 1 74  ? 3.532   7.740   8.619   1.00 48.89  ? 74  LEU A N   1 
ATOM   499  C CA  . LEU A 1 74  ? 4.475   7.828   7.520   1.00 45.88  ? 74  LEU A CA  1 
ATOM   500  C C   . LEU A 1 74  ? 5.658   6.957   7.823   1.00 38.60  ? 74  LEU A C   1 
ATOM   501  O O   . LEU A 1 74  ? 6.179   6.965   8.936   1.00 35.82  ? 74  LEU A O   1 
ATOM   502  C CB  . LEU A 1 74  ? 4.938   9.280   7.308   1.00 54.35  ? 74  LEU A CB  1 
ATOM   503  C CG  . LEU A 1 74  ? 4.839   9.829   5.865   1.00 61.53  ? 74  LEU A CG  1 
ATOM   504  C CD1 . LEU A 1 74  ? 5.333   11.268  5.817   1.00 62.07  ? 74  LEU A CD1 1 
ATOM   505  C CD2 . LEU A 1 74  ? 5.639   8.963   4.897   1.00 60.53  ? 74  LEU A CD2 1 
ATOM   506  N N   . VAL A 1 75  ? 6.056   6.168   6.865   1.00 34.89  ? 75  VAL A N   1 
ATOM   507  C CA  . VAL A 1 75  ? 7.203   5.320   7.075   1.00 34.37  ? 75  VAL A CA  1 
ATOM   508  C C   . VAL A 1 75  ? 8.346   5.832   6.243   1.00 35.61  ? 75  VAL A C   1 
ATOM   509  O O   . VAL A 1 75  ? 8.159   6.191   5.077   1.00 42.16  ? 75  VAL A O   1 
ATOM   510  C CB  . VAL A 1 75  ? 6.928   3.868   6.675   1.00 35.95  ? 75  VAL A CB  1 
ATOM   511  C CG1 . VAL A 1 75  ? 7.961   2.961   7.329   1.00 34.94  ? 75  VAL A CG1 1 
ATOM   512  C CG2 . VAL A 1 75  ? 5.505   3.463   7.036   1.00 34.87  ? 75  VAL A CG2 1 
ATOM   513  N N   . ASP A 1 76  ? 9.522   5.874   6.828   1.00 35.25  ? 76  ASP A N   1 
ATOM   514  C CA  . ASP A 1 76  ? 10.689  6.342   6.108   1.00 32.43  ? 76  ASP A CA  1 
ATOM   515  C C   . ASP A 1 76  ? 11.481  5.157   5.537   1.00 29.75  ? 76  ASP A C   1 
ATOM   516  O O   . ASP A 1 76  ? 12.443  4.687   6.142   1.00 31.75  ? 76  ASP A O   1 
ATOM   517  C CB  . ASP A 1 76  ? 11.557  7.168   7.057   1.00 37.08  ? 76  ASP A CB  1 
ATOM   518  C CG  . ASP A 1 76  ? 12.825  7.690   6.414   1.00 42.09  ? 76  ASP A CG  1 
ATOM   519  O OD1 . ASP A 1 76  ? 12.851  7.843   5.152   1.00 45.49  ? 76  ASP A OD1 1 
ATOM   520  O OD2 . ASP A 1 76  ? 13.801  7.943   7.173   1.00 45.28  ? 76  ASP A OD2 1 
ATOM   521  N N   . PHE A 1 77  ? 11.099  4.693   4.357   1.00 26.69  ? 77  PHE A N   1 
ATOM   522  C CA  . PHE A 1 77  ? 11.736  3.525   3.766   1.00 27.56  ? 77  PHE A CA  1 
ATOM   523  C C   . PHE A 1 77  ? 13.040  3.832   3.011   1.00 29.04  ? 77  PHE A C   1 
ATOM   524  O O   . PHE A 1 77  ? 13.438  3.076   2.139   1.00 31.55  ? 77  PHE A O   1 
ATOM   525  C CB  . PHE A 1 77  ? 10.728  2.838   2.830   1.00 26.16  ? 77  PHE A CB  1 
ATOM   526  C CG  . PHE A 1 77  ? 9.663   2.044   3.550   1.00 25.76  ? 77  PHE A CG  1 
ATOM   527  C CD1 . PHE A 1 77  ? 10.010  0.925   4.322   1.00 27.98  ? 77  PHE A CD1 1 
ATOM   528  C CD2 . PHE A 1 77  ? 8.315   2.347   3.393   1.00 27.99  ? 77  PHE A CD2 1 
ATOM   529  C CE1 . PHE A 1 77  ? 9.037   0.129   4.919   1.00 24.04  ? 77  PHE A CE1 1 
ATOM   530  C CE2 . PHE A 1 77  ? 7.334   1.551   3.991   1.00 31.53  ? 77  PHE A CE2 1 
ATOM   531  C CZ  . PHE A 1 77  ? 7.696   0.439   4.749   1.00 28.83  ? 77  PHE A CZ  1 
ATOM   532  N N   . ARG A 1 78  ? 13.718  4.915   3.351   1.00 30.71  ? 78  ARG A N   1 
ATOM   533  C CA  . ARG A 1 78  ? 14.946  5.294   2.643   1.00 30.41  ? 78  ARG A CA  1 
ATOM   534  C C   . ARG A 1 78  ? 15.932  4.135   2.570   1.00 27.74  ? 78  ARG A C   1 
ATOM   535  O O   . ARG A 1 78  ? 16.413  3.739   1.507   1.00 27.52  ? 78  ARG A O   1 
ATOM   536  C CB  . ARG A 1 78  ? 15.621  6.471   3.364   1.00 41.87  ? 78  ARG A CB  1 
ATOM   537  C CG  . ARG A 1 78  ? 15.737  7.761   2.555   1.00 56.94  ? 78  ARG A CG  1 
ATOM   538  C CD  . ARG A 1 78  ? 16.527  8.848   3.304   1.00 65.78  ? 78  ARG A CD  1 
ATOM   539  N NE  . ARG A 1 78  ? 15.763  9.476   4.393   1.00 69.08  ? 78  ARG A NE  1 
ATOM   540  C CZ  . ARG A 1 78  ? 16.236  9.650   5.637   1.00 75.02  ? 78  ARG A CZ  1 
ATOM   541  N NH1 . ARG A 1 78  ? 17.458  9.245   5.980   1.00 79.87  ? 78  ARG A NH1 1 
ATOM   542  N NH2 . ARG A 1 78  ? 15.472  10.229  6.555   1.00 80.29  ? 78  ARG A NH2 1 
ATOM   543  N N   . GLU A 1 79  ? 16.221  3.588   3.712   1.00 27.03  ? 79  GLU A N   1 
ATOM   544  C CA  . GLU A 1 79  ? 17.192  2.539   3.799   1.00 22.61  ? 79  GLU A CA  1 
ATOM   545  C C   . GLU A 1 79  ? 16.709  1.272   3.130   1.00 24.92  ? 79  GLU A C   1 
ATOM   546  O O   . GLU A 1 79  ? 17.445  0.685   2.355   1.00 27.47  ? 79  GLU A O   1 
ATOM   547  C CB  . GLU A 1 79  ? 17.520  2.303   5.250   1.00 29.63  ? 79  GLU A CB  1 
ATOM   548  C CG  . GLU A 1 79  ? 18.894  1.719   5.460   1.00 41.89  ? 79  GLU A CG  1 
ATOM   549  C CD  . GLU A 1 79  ? 19.978  2.564   4.823   1.00 45.13  ? 79  GLU A CD  1 
ATOM   550  O OE1 . GLU A 1 79  ? 19.918  3.818   4.951   1.00 43.42  ? 79  GLU A OE1 1 
ATOM   551  O OE2 . GLU A 1 79  ? 20.884  1.973   4.186   1.00 45.64  ? 79  GLU A OE2 1 
ATOM   552  N N   . LEU A 1 80  ? 15.464  0.839   3.401   1.00 25.80  ? 80  LEU A N   1 
ATOM   553  C CA  . LEU A 1 80  ? 14.944  -0.345  2.715   1.00 25.27  ? 80  LEU A CA  1 
ATOM   554  C C   . LEU A 1 80  ? 14.988  -0.128  1.190   1.00 28.60  ? 80  LEU A C   1 
ATOM   555  O O   . LEU A 1 80  ? 15.451  -0.990  0.470   1.00 36.24  ? 80  LEU A O   1 
ATOM   556  C CB  . LEU A 1 80  ? 13.499  -0.671  3.185   1.00 24.31  ? 80  LEU A CB  1 
ATOM   557  C CG  . LEU A 1 80  ? 12.766  -1.878  2.535   1.00 25.36  ? 80  LEU A CG  1 
ATOM   558  C CD1 . LEU A 1 80  ? 13.598  -3.162  2.658   1.00 20.45  ? 80  LEU A CD1 1 
ATOM   559  C CD2 . LEU A 1 80  ? 11.386  -2.055  3.164   1.00 21.43  ? 80  LEU A CD2 1 
ATOM   560  N N   . ASN A 1 81  ? 14.573  1.054   0.716   1.00 27.42  ? 81  ASN A N   1 
ATOM   561  C CA  . ASN A 1 81  ? 14.553  1.343   -0.712  1.00 24.15  ? 81  ASN A CA  1 
ATOM   562  C C   . ASN A 1 81  ? 15.900  1.179   -1.363  1.00 25.36  ? 81  ASN A C   1 
ATOM   563  O O   . ASN A 1 81  ? 15.986  0.742   -2.506  1.00 26.57  ? 81  ASN A O   1 
ATOM   564  C CB  . ASN A 1 81  ? 13.994  2.726   -0.957  1.00 24.07  ? 81  ASN A CB  1 
ATOM   565  C CG  . ASN A 1 81  ? 12.518  2.760   -0.685  1.00 27.39  ? 81  ASN A CG  1 
ATOM   566  O OD1 . ASN A 1 81  ? 11.904  1.731   -0.451  1.00 32.53  ? 81  ASN A OD1 1 
ATOM   567  N ND2 . ASN A 1 81  ? 11.947  3.919   -0.729  1.00 23.05  ? 81  ASN A ND2 1 
ATOM   568  N N   . LYS A 1 82  ? 16.953  1.487   -0.639  1.00 30.18  ? 82  LYS A N   1 
ATOM   569  C CA  . LYS A 1 82  ? 18.310  1.310   -1.180  1.00 28.99  ? 82  LYS A CA  1 
ATOM   570  C C   . LYS A 1 82  ? 18.694  -0.157  -1.331  1.00 27.50  ? 82  LYS A C   1 
ATOM   571  O O   . LYS A 1 82  ? 19.511  -0.503  -2.191  1.00 29.24  ? 82  LYS A O   1 
ATOM   572  C CB  . LYS A 1 82  ? 19.309  1.995   -0.270  1.00 34.74  ? 82  LYS A CB  1 
ATOM   573  C CG  . LYS A 1 82  ? 19.029  3.467   -0.142  1.00 44.34  ? 82  LYS A CG  1 
ATOM   574  C CD  . LYS A 1 82  ? 19.619  4.048   1.120   1.00 56.33  ? 82  LYS A CD  1 
ATOM   575  C CE  . LYS A 1 82  ? 21.110  3.803   1.207   1.00 61.18  ? 82  LYS A CE  1 
ATOM   576  N NZ  . LYS A 1 82  ? 21.738  4.860   2.038   1.00 72.95  ? 82  LYS A NZ  1 
ATOM   577  N N   . ARG A 1 83  ? 18.105  -1.020  -0.507  1.00 24.61  ? 83  ARG A N   1 
ATOM   578  C CA  . ARG A 1 83  ? 18.464  -2.431  -0.512  1.00 22.03  ? 83  ARG A CA  1 
ATOM   579  C C   . ARG A 1 83  ? 17.564  -3.272  -1.344  1.00 20.59  ? 83  ARG A C   1 
ATOM   580  O O   . ARG A 1 83  ? 17.822  -4.452  -1.483  1.00 25.79  ? 83  ARG A O   1 
ATOM   581  C CB  . ARG A 1 83  ? 18.436  -2.969  0.894   1.00 21.79  ? 83  ARG A CB  1 
ATOM   582  C CG  . ARG A 1 83  ? 19.410  -2.273  1.796   1.00 22.46  ? 83  ARG A CG  1 
ATOM   583  C CD  . ARG A 1 83  ? 18.977  -2.382  3.228   1.00 27.79  ? 83  ARG A CD  1 
ATOM   584  N NE  . ARG A 1 83  ? 19.817  -1.548  4.045   1.00 32.19  ? 83  ARG A NE  1 
ATOM   585  C CZ  . ARG A 1 83  ? 20.934  -1.992  4.569   1.00 35.76  ? 83  ARG A CZ  1 
ATOM   586  N NH1 . ARG A 1 83  ? 21.280  -3.268  4.419   1.00 41.28  ? 83  ARG A NH1 1 
ATOM   587  N NH2 . ARG A 1 83  ? 21.698  -1.177  5.272   1.00 38.03  ? 83  ARG A NH2 1 
ATOM   588  N N   . THR A 1 84  ? 16.511  -2.674  -1.879  1.00 25.19  ? 84  THR A N   1 
ATOM   589  C CA  . THR A 1 84  ? 15.500  -3.398  -2.664  1.00 21.38  ? 84  THR A CA  1 
ATOM   590  C C   . THR A 1 84  ? 15.859  -3.449  -4.133  1.00 22.60  ? 84  THR A C   1 
ATOM   591  O O   . THR A 1 84  ? 16.444  -2.517  -4.686  1.00 24.89  ? 84  THR A O   1 
ATOM   592  C CB  . THR A 1 84  ? 14.117  -2.724  -2.507  1.00 21.99  ? 84  THR A CB  1 
ATOM   593  O OG1 . THR A 1 84  ? 13.746  -2.779  -1.147  1.00 20.67  ? 84  THR A OG1 1 
ATOM   594  C CG2 . THR A 1 84  ? 13.046  -3.420  -3.324  1.00 23.32  ? 84  THR A CG2 1 
ATOM   595  N N   . GLN A 1 85  ? 15.512  -4.564  -4.749  1.00 22.59  ? 85  GLN A N   1 
ATOM   596  C CA  . GLN A 1 85  ? 15.771  -4.760  -6.147  1.00 20.83  ? 85  GLN A CA  1 
ATOM   597  C C   . GLN A 1 85  ? 15.102  -3.671  -6.940  1.00 24.83  ? 85  GLN A C   1 
ATOM   598  O O   . GLN A 1 85  ? 14.293  -2.934  -6.395  1.00 27.08  ? 85  GLN A O   1 
ATOM   599  C CB  . GLN A 1 85  ? 15.220  -6.107  -6.588  1.00 15.39  ? 85  GLN A CB  1 
ATOM   600  C CG  . GLN A 1 85  ? 13.732  -6.258  -6.380  1.00 17.26  ? 85  GLN A CG  1 
ATOM   601  C CD  . GLN A 1 85  ? 13.123  -7.282  -7.305  1.00 18.62  ? 85  GLN A CD  1 
ATOM   602  O OE1 . GLN A 1 85  ? 12.857  -6.992  -8.465  1.00 30.30  ? 85  GLN A OE1 1 
ATOM   603  N NE2 . GLN A 1 85  ? 12.907  -8.484  -6.820  1.00 18.36  ? 85  GLN A NE2 1 
ATOM   604  N N   . ASP A 1 86  ? 15.461  -3.568  -8.207  1.00 26.63  ? 86  ASP A N   1 
ATOM   605  C CA  . ASP A 1 86  ? 14.835  -2.614  -9.105  1.00 24.30  ? 86  ASP A CA  1 
ATOM   606  C C   . ASP A 1 86  ? 13.620  -3.230  -9.731  1.00 22.56  ? 86  ASP A C   1 
ATOM   607  O O   . ASP A 1 86  ? 13.565  -4.438  -9.884  1.00 22.24  ? 86  ASP A O   1 
ATOM   608  C CB  . ASP A 1 86  ? 15.793  -2.202  -10.214 1.00 29.10  ? 86  ASP A CB  1 
ATOM   609  C CG  . ASP A 1 86  ? 17.001  -1.474  -9.680  1.00 31.32  ? 86  ASP A CG  1 
ATOM   610  O OD1 . ASP A 1 86  ? 16.814  -0.562  -8.852  1.00 33.71  ? 86  ASP A OD1 1 
ATOM   611  O OD2 . ASP A 1 86  ? 18.137  -1.822  -10.081 1.00 40.45  ? 86  ASP A OD2 1 
ATOM   612  N N   . PHE A 1 87  ? 12.673  -2.388  -10.122 1.00 23.99  ? 87  PHE A N   1 
ATOM   613  C CA  . PHE A 1 87  ? 11.453  -2.843  -10.748 1.00 23.52  ? 87  PHE A CA  1 
ATOM   614  C C   . PHE A 1 87  ? 11.348  -2.262  -12.120 1.00 27.52  ? 87  PHE A C   1 
ATOM   615  O O   . PHE A 1 87  ? 11.995  -1.248  -12.456 1.00 31.22  ? 87  PHE A O   1 
ATOM   616  C CB  . PHE A 1 87  ? 10.219  -2.400  -9.939  1.00 22.86  ? 87  PHE A CB  1 
ATOM   617  C CG  . PHE A 1 87  ? 10.163  -3.040  -8.603  1.00 22.50  ? 87  PHE A CG  1 
ATOM   618  C CD1 . PHE A 1 87  ? 10.874  -2.507  -7.544  1.00 21.14  ? 87  PHE A CD1 1 
ATOM   619  C CD2 . PHE A 1 87  ? 9.532   -4.256  -8.438  1.00 22.24  ? 87  PHE A CD2 1 
ATOM   620  C CE1 . PHE A 1 87  ? 10.974  -3.187  -6.333  1.00 23.69  ? 87  PHE A CE1 1 
ATOM   621  C CE2 . PHE A 1 87  ? 9.627   -4.949  -7.231  1.00 21.34  ? 87  PHE A CE2 1 
ATOM   622  C CZ  . PHE A 1 87  ? 10.355  -4.413  -6.177  1.00 21.34  ? 87  PHE A CZ  1 
ATOM   623  N N   . TRP A 1 88  ? 10.538  -2.876  -12.914 1.00 27.08  ? 88  TRP A N   1 
ATOM   624  C CA  . TRP A 1 88  ? 10.274  -2.342  -14.201 1.00 31.59  ? 88  TRP A CA  1 
ATOM   625  C C   . TRP A 1 88  ? 9.326   -1.195  -14.035 1.00 36.01  ? 88  TRP A C   1 
ATOM   626  O O   . TRP A 1 88  ? 8.162   -1.417  -13.753 1.00 38.15  ? 88  TRP A O   1 
ATOM   627  C CB  . TRP A 1 88  ? 9.606   -3.372  -15.070 1.00 33.27  ? 88  TRP A CB  1 
ATOM   628  C CG  . TRP A 1 88  ? 9.283   -2.831  -16.416 1.00 37.53  ? 88  TRP A CG  1 
ATOM   629  C CD1 . TRP A 1 88  ? 8.042   -2.548  -16.917 1.00 39.66  ? 88  TRP A CD1 1 
ATOM   630  C CD2 . TRP A 1 88  ? 10.235  -2.479  -17.434 1.00 36.14  ? 88  TRP A CD2 1 
ATOM   631  N NE1 . TRP A 1 88  ? 8.197   -2.056  -18.187 1.00 40.99  ? 88  TRP A NE1 1 
ATOM   632  C CE2 . TRP A 1 88  ? 9.511   -2.005  -18.534 1.00 38.35  ? 88  TRP A CE2 1 
ATOM   633  C CE3 . TRP A 1 88  ? 11.636  -2.538  -17.522 1.00 41.87  ? 88  TRP A CE3 1 
ATOM   634  C CZ2 . TRP A 1 88  ? 10.133  -1.583  -19.716 1.00 40.48  ? 88  TRP A CZ2 1 
ATOM   635  C CZ3 . TRP A 1 88  ? 12.258  -2.120  -18.696 1.00 40.60  ? 88  TRP A CZ3 1 
ATOM   636  C CH2 . TRP A 1 88  ? 11.505  -1.656  -19.778 1.00 38.77  ? 88  TRP A CH2 1 
ATOM   637  N N   . GLU A 1 89  ? 9.806   0.019   -14.157 1.00 42.33  ? 89  GLU A N   1 
ATOM   638  C CA  . GLU A 1 89  ? 8.927   1.177   -14.080 1.00 55.55  ? 89  GLU A CA  1 
ATOM   639  C C   . GLU A 1 89  ? 8.279   1.418   -15.448 1.00 61.20  ? 89  GLU A C   1 
ATOM   640  O O   . GLU A 1 89  ? 8.977   1.417   -16.469 1.00 67.88  ? 89  GLU A O   1 
ATOM   641  C CB  . GLU A 1 89  ? 9.722   2.404   -13.665 1.00 57.73  ? 89  GLU A CB  1 
ATOM   642  C CG  . GLU A 1 89  ? 10.534  2.224   -12.387 1.00 68.13  ? 89  GLU A CG  1 
ATOM   643  C CD  . GLU A 1 89  ? 9.705   2.039   -11.113 1.00 72.27  ? 89  GLU A CD  1 
ATOM   644  O OE1 . GLU A 1 89  ? 8.468   2.262   -11.134 1.00 76.85  ? 89  GLU A OE1 1 
ATOM   645  O OE2 . GLU A 1 89  ? 10.304  1.672   -10.077 1.00 75.86  ? 89  GLU A OE2 1 
ATOM   646  N N   . VAL A 1 90  ? 6.950   1.568   -15.490 1.00 67.51  ? 90  VAL A N   1 
ATOM   647  C CA  . VAL A 1 90  ? 6.254   1.806   -16.777 1.00 72.86  ? 90  VAL A CA  1 
ATOM   648  C C   . VAL A 1 90  ? 5.925   3.303   -16.962 1.00 75.90  ? 90  VAL A C   1 
ATOM   649  O O   . VAL A 1 90  ? 5.544   4.012   -16.005 1.00 77.18  ? 90  VAL A O   1 
ATOM   650  C CB  . VAL A 1 90  ? 4.933   0.984   -16.916 1.00 72.33  ? 90  VAL A CB  1 
ATOM   651  C CG1 . VAL A 1 90  ? 4.368   1.184   -18.310 1.00 71.99  ? 90  VAL A CG1 1 
ATOM   652  C CG2 . VAL A 1 90  ? 5.171   -0.500  -16.660 1.00 70.98  ? 90  VAL A CG2 1 
ATOM   653  N N   . LYS A 1 104 ? -16.848 14.427  -24.356 1.00 64.29  ? 104 LYS A N   1 
ATOM   654  C CA  . LYS A 1 104 ? -15.761 13.958  -23.495 1.00 58.65  ? 104 LYS A CA  1 
ATOM   655  C C   . LYS A 1 104 ? -16.057 14.229  -22.021 1.00 58.12  ? 104 LYS A C   1 
ATOM   656  O O   . LYS A 1 104 ? -16.304 15.372  -21.569 1.00 52.90  ? 104 LYS A O   1 
ATOM   657  C CB  . LYS A 1 104 ? -14.414 14.588  -23.925 1.00 56.69  ? 104 LYS A CB  1 
ATOM   658  C CG  . LYS A 1 104 ? -13.187 14.190  -23.125 1.00 53.82  ? 104 LYS A CG  1 
ATOM   659  C CD  . LYS A 1 104 ? -12.991 12.678  -23.066 1.00 60.13  ? 104 LYS A CD  1 
ATOM   660  C CE  . LYS A 1 104 ? -12.867 12.038  -24.451 1.00 61.46  ? 104 LYS A CE  1 
ATOM   661  N NZ  . LYS A 1 104 ? -12.475 10.583  -24.381 1.00 59.60  ? 104 LYS A NZ  1 
ATOM   662  N N   . SER A 1 105 ? -16.053 13.143  -21.290 1.00 57.14  ? 105 SER A N   1 
ATOM   663  C CA  . SER A 1 105 ? -16.236 13.174  -19.870 1.00 53.07  ? 105 SER A CA  1 
ATOM   664  C C   . SER A 1 105 ? -15.028 12.464  -19.251 1.00 47.08  ? 105 SER A C   1 
ATOM   665  O O   . SER A 1 105 ? -14.550 11.439  -19.784 1.00 40.08  ? 105 SER A O   1 
ATOM   666  C CB  . SER A 1 105 ? -17.565 12.483  -19.503 1.00 58.64  ? 105 SER A CB  1 
ATOM   667  O OG  . SER A 1 105 ? -18.689 13.188  -20.016 1.00 59.68  ? 105 SER A OG  1 
ATOM   668  N N   . VAL A 1 106 ? -14.493 13.037  -18.179 1.00 41.67  ? 106 VAL A N   1 
ATOM   669  C CA  . VAL A 1 106 ? -13.335 12.465  -17.541 1.00 44.08  ? 106 VAL A CA  1 
ATOM   670  C C   . VAL A 1 106 ? -13.451 12.539  -16.037 1.00 43.97  ? 106 VAL A C   1 
ATOM   671  O O   . VAL A 1 106 ? -13.598 13.619  -15.453 1.00 44.36  ? 106 VAL A O   1 
ATOM   672  C CB  . VAL A 1 106 ? -12.010 13.143  -17.999 1.00 45.94  ? 106 VAL A CB  1 
ATOM   673  C CG1 . VAL A 1 106 ? -10.831 12.690  -17.134 1.00 39.96  ? 106 VAL A CG1 1 
ATOM   674  C CG2 . VAL A 1 106 ? -11.741 12.788  -19.463 1.00 50.55  ? 106 VAL A CG2 1 
ATOM   675  N N   . THR A 1 107 ? -13.420 11.366  -15.434 1.00 40.35  ? 107 THR A N   1 
ATOM   676  C CA  . THR A 1 107 ? -13.441 11.232  -14.003 1.00 38.19  ? 107 THR A CA  1 
ATOM   677  C C   . THR A 1 107 ? -12.041 10.781  -13.534 1.00 37.82  ? 107 THR A C   1 
ATOM   678  O O   . THR A 1 107 ? -11.349 9.989   -14.208 1.00 35.65  ? 107 THR A O   1 
ATOM   679  C CB  . THR A 1 107 ? -14.485 10.163  -13.598 1.00 39.99  ? 107 THR A CB  1 
ATOM   680  O OG1 . THR A 1 107 ? -15.717 10.419  -14.278 1.00 42.00  ? 107 THR A OG1 1 
ATOM   681  C CG2 . THR A 1 107 ? -14.747 10.170  -12.107 1.00 37.31  ? 107 THR A CG2 1 
ATOM   682  N N   . VAL A 1 108 ? -11.612 11.318  -12.426 1.00 36.31  ? 108 VAL A N   1 
ATOM   683  C CA  . VAL A 1 108 ? -10.356 10.922  -11.837 1.00 38.97  ? 108 VAL A CA  1 
ATOM   684  C C   . VAL A 1 108 ? -10.636 10.266  -10.489 1.00 40.72  ? 108 VAL A C   1 
ATOM   685  O O   . VAL A 1 108 ? -11.068 10.928  -9.521  1.00 40.07  ? 108 VAL A O   1 
ATOM   686  C CB  . VAL A 1 108 ? -9.419  12.133  -11.641 1.00 40.00  ? 108 VAL A CB  1 
ATOM   687  C CG1 . VAL A 1 108 ? -8.140  11.704  -10.950 1.00 38.08  ? 108 VAL A CG1 1 
ATOM   688  C CG2 . VAL A 1 108 ? -9.101  12.752  -12.988 1.00 38.49  ? 108 VAL A CG2 1 
ATOM   689  N N   . LEU A 1 109 ? -10.446 8.947   -10.458 1.00 41.22  ? 109 LEU A N   1 
ATOM   690  C CA  . LEU A 1 109 ? -10.654 8.153   -9.243  1.00 39.40  ? 109 LEU A CA  1 
ATOM   691  C C   . LEU A 1 109 ? -9.375  8.062   -8.441  1.00 35.56  ? 109 LEU A C   1 
ATOM   692  O O   . LEU A 1 109 ? -8.347  7.657   -8.955  1.00 32.38  ? 109 LEU A O   1 
ATOM   693  C CB  . LEU A 1 109 ? -11.124 6.743   -9.607  1.00 37.73  ? 109 LEU A CB  1 
ATOM   694  C CG  . LEU A 1 109 ? -12.616 6.558   -9.853  1.00 37.58  ? 109 LEU A CG  1 
ATOM   695  C CD1 . LEU A 1 109 ? -12.863 5.270   -10.613 1.00 39.81  ? 109 LEU A CD1 1 
ATOM   696  C CD2 . LEU A 1 109 ? -13.361 6.539   -8.528  1.00 40.58  ? 109 LEU A CD2 1 
ATOM   697  N N   . ASP A 1 110 ? -9.428  8.444   -7.202  1.00 34.70  ? 110 ASP A N   1 
ATOM   698  C CA  . ASP A 1 110 ? -8.259  8.329   -6.368  1.00 41.71  ? 110 ASP A CA  1 
ATOM   699  C C   . ASP A 1 110 ? -8.152  6.905   -5.801  1.00 42.06  ? 110 ASP A C   1 
ATOM   700  O O   . ASP A 1 110 ? -8.988  6.509   -4.988  1.00 47.49  ? 110 ASP A O   1 
ATOM   701  C CB  . ASP A 1 110 ? -8.314  9.357   -5.237  1.00 46.28  ? 110 ASP A CB  1 
ATOM   702  C CG  . ASP A 1 110 ? -7.102  9.326   -4.318  1.00 57.24  ? 110 ASP A CG  1 
ATOM   703  O OD1 . ASP A 1 110 ? -5.963  9.116   -4.809  1.00 64.92  ? 110 ASP A OD1 1 
ATOM   704  O OD2 . ASP A 1 110 ? -7.293  9.521   -3.098  1.00 63.82  ? 110 ASP A OD2 1 
ATOM   705  N N   . VAL A 1 111 ? -7.140  6.142   -6.268  1.00 38.35  ? 111 VAL A N   1 
ATOM   706  C CA  . VAL A 1 111 ? -6.909  4.790   -5.785  1.00 35.81  ? 111 VAL A CA  1 
ATOM   707  C C   . VAL A 1 111 ? -5.662  4.729   -4.904  1.00 38.46  ? 111 VAL A C   1 
ATOM   708  O O   . VAL A 1 111 ? -5.106  3.667   -4.666  1.00 42.42  ? 111 VAL A O   1 
ATOM   709  C CB  . VAL A 1 111 ? -6.786  3.776   -6.946  1.00 29.67  ? 111 VAL A CB  1 
ATOM   710  C CG1 . VAL A 1 111 ? -8.085  3.722   -7.702  1.00 27.49  ? 111 VAL A CG1 1 
ATOM   711  C CG2 . VAL A 1 111 ? -5.651  4.134   -7.886  1.00 32.76  ? 111 VAL A CG2 1 
ATOM   712  N N   . GLY A 1 112 ? -5.257  5.876   -4.376  1.00 42.16  ? 112 GLY A N   1 
ATOM   713  C CA  . GLY A 1 112 ? -4.069  5.941   -3.534  1.00 41.81  ? 112 GLY A CA  1 
ATOM   714  C C   . GLY A 1 112 ? -4.103  4.984   -2.343  1.00 44.52  ? 112 GLY A C   1 
ATOM   715  O O   . GLY A 1 112 ? -3.110  4.307   -2.051  1.00 43.09  ? 112 GLY A O   1 
ATOM   716  N N   . ASP A 1 113 ? -5.240  4.918   -1.643  1.00 44.85  ? 113 ASP A N   1 
ATOM   717  C CA  . ASP A 1 113 ? -5.338  4.047   -0.484  1.00 44.20  ? 113 ASP A CA  1 
ATOM   718  C C   . ASP A 1 113 ? -5.552  2.579   -0.807  1.00 40.54  ? 113 ASP A C   1 
ATOM   719  O O   . ASP A 1 113 ? -5.449  1.730   0.069   1.00 39.45  ? 113 ASP A O   1 
ATOM   720  C CB  . ASP A 1 113 ? -6.388  4.547   0.486   1.00 48.07  ? 113 ASP A CB  1 
ATOM   721  C CG  . ASP A 1 113 ? -5.696  5.347   1.569   1.00 60.43  ? 113 ASP A CG  1 
ATOM   722  O OD1 . ASP A 1 113 ? -5.095  6.393   1.227   1.00 65.89  ? 113 ASP A OD1 1 
ATOM   723  O OD2 . ASP A 1 113 ? -5.707  4.914   2.755   1.00 63.65  ? 113 ASP A OD2 1 
ATOM   724  N N   . ALA A 1 114 ? -5.785  2.272   -2.055  1.00 36.71  ? 114 ALA A N   1 
ATOM   725  C CA  . ALA A 1 114 ? -5.965  0.897   -2.436  1.00 34.95  ? 114 ALA A CA  1 
ATOM   726  C C   . ALA A 1 114 ? -4.635  0.107   -2.385  1.00 34.77  ? 114 ALA A C   1 
ATOM   727  O O   . ALA A 1 114 ? -4.641  -1.108  -2.536  1.00 36.27  ? 114 ALA A O   1 
ATOM   728  C CB  . ALA A 1 114 ? -6.585  0.824   -3.820  1.00 32.12  ? 114 ALA A CB  1 
ATOM   729  N N   . TYR A 1 115 ? -3.487  0.786   -2.193  1.00 33.84  ? 115 TYR A N   1 
ATOM   730  C CA  . TYR A 1 115 ? -2.210  0.069   -2.014  1.00 30.21  ? 115 TYR A CA  1 
ATOM   731  C C   . TYR A 1 115 ? -2.348  -0.931  -0.886  1.00 27.02  ? 115 TYR A C   1 
ATOM   732  O O   . TYR A 1 115 ? -1.887  -2.032  -0.986  1.00 23.54  ? 115 TYR A O   1 
ATOM   733  C CB  . TYR A 1 115 ? -1.070  1.026   -1.650  1.00 29.49  ? 115 TYR A CB  1 
ATOM   734  C CG  . TYR A 1 115 ? -0.436  1.715   -2.837  1.00 32.76  ? 115 TYR A CG  1 
ATOM   735  C CD1 . TYR A 1 115 ? -1.207  2.119   -3.905  1.00 33.71  ? 115 TYR A CD1 1 
ATOM   736  C CD2 . TYR A 1 115 ? 0.937   1.988   -2.877  1.00 38.06  ? 115 TYR A CD2 1 
ATOM   737  C CE1 . TYR A 1 115 ? -0.643  2.776   -4.991  1.00 43.56  ? 115 TYR A CE1 1 
ATOM   738  C CE2 . TYR A 1 115 ? 1.513   2.648   -3.961  1.00 38.52  ? 115 TYR A CE2 1 
ATOM   739  C CZ  . TYR A 1 115 ? 0.717   3.039   -5.016  1.00 38.92  ? 115 TYR A CZ  1 
ATOM   740  O OH  . TYR A 1 115 ? 1.265   3.725   -6.087  1.00 52.12  ? 115 TYR A OH  1 
ATOM   741  N N   . PHE A 1 116 ? -3.042  -0.513  0.160   1.00 27.01  ? 116 PHE A N   1 
ATOM   742  C CA  . PHE A 1 116 ? -3.248  -1.314  1.346   1.00 27.76  ? 116 PHE A CA  1 
ATOM   743  C C   . PHE A 1 116 ? -4.207  -2.479  1.168   1.00 26.76  ? 116 PHE A C   1 
ATOM   744  O O   . PHE A 1 116 ? -4.565  -3.127  2.143   1.00 33.08  ? 116 PHE A O   1 
ATOM   745  C CB  . PHE A 1 116 ? -3.732  -0.416  2.448   1.00 26.29  ? 116 PHE A CB  1 
ATOM   746  C CG  . PHE A 1 116 ? -2.742  0.642   2.751   1.00 30.52  ? 116 PHE A CG  1 
ATOM   747  C CD1 . PHE A 1 116 ? -1.434  0.311   3.037   1.00 33.72  ? 116 PHE A CD1 1 
ATOM   748  C CD2 . PHE A 1 116 ? -3.113  1.963   2.782   1.00 39.76  ? 116 PHE A CD2 1 
ATOM   749  C CE1 . PHE A 1 116 ? -0.503  1.278   3.359   1.00 34.20  ? 116 PHE A CE1 1 
ATOM   750  C CE2 . PHE A 1 116 ? -2.193  2.941   3.110   1.00 43.28  ? 116 PHE A CE2 1 
ATOM   751  C CZ  . PHE A 1 116 ? -0.882  2.593   3.401   1.00 40.21  ? 116 PHE A CZ  1 
ATOM   752  N N   . SER A 1 117 ? -4.623  -2.748  -0.052  1.00 25.09  ? 117 SER A N   1 
ATOM   753  C CA  . SER A 1 117 ? -5.467  -3.890  -0.316  1.00 25.60  ? 117 SER A CA  1 
ATOM   754  C C   . SER A 1 117 ? -4.741  -4.879  -1.197  1.00 27.63  ? 117 SER A C   1 
ATOM   755  O O   . SER A 1 117 ? -5.287  -5.908  -1.556  1.00 31.04  ? 117 SER A O   1 
ATOM   756  C CB  . SER A 1 117 ? -6.752  -3.456  -1.023  1.00 27.26  ? 117 SER A CB  1 
ATOM   757  O OG  . SER A 1 117 ? -7.526  -2.593  -0.209  1.00 36.33  ? 117 SER A OG  1 
ATOM   758  N N   . VAL A 1 118 ? -3.527  -4.556  -1.610  1.00 29.78  ? 118 VAL A N   1 
ATOM   759  C CA  . VAL A 1 118 ? -2.741  -5.481  -2.428  1.00 26.12  ? 118 VAL A CA  1 
ATOM   760  C C   . VAL A 1 118 ? -1.751  -6.206  -1.504  1.00 25.57  ? 118 VAL A C   1 
ATOM   761  O O   . VAL A 1 118 ? -1.006  -5.579  -0.751  1.00 25.95  ? 118 VAL A O   1 
ATOM   762  C CB  . VAL A 1 118 ? -2.008  -4.714  -3.550  1.00 25.12  ? 118 VAL A CB  1 
ATOM   763  C CG1 . VAL A 1 118 ? -1.060  -5.619  -4.304  1.00 24.41  ? 118 VAL A CG1 1 
ATOM   764  C CG2 . VAL A 1 118 ? -3.027  -4.130  -4.511  1.00 21.31  ? 118 VAL A CG2 1 
ATOM   765  N N   . PRO A 1 119 ? -1.744  -7.536  -1.521  1.00 25.72  ? 119 PRO A N   1 
ATOM   766  C CA  . PRO A 1 119 ? -0.859  -8.328  -0.676  1.00 24.25  ? 119 PRO A CA  1 
ATOM   767  C C   . PRO A 1 119 ? 0.613   -8.098  -1.016  1.00 22.95  ? 119 PRO A C   1 
ATOM   768  O O   . PRO A 1 119 ? 0.980   -7.944  -2.180  1.00 23.79  ? 119 PRO A O   1 
ATOM   769  C CB  . PRO A 1 119 ? -1.251  -9.764  -0.988  1.00 23.80  ? 119 PRO A CB  1 
ATOM   770  C CG  . PRO A 1 119 ? -2.558  -9.664  -1.681  1.00 29.45  ? 119 PRO A CG  1 
ATOM   771  C CD  . PRO A 1 119 ? -2.501  -8.391  -2.440  1.00 25.95  ? 119 PRO A CD  1 
ATOM   772  N N   . LEU A 1 120 ? 1.445   -8.086  -0.001  1.00 21.58  ? 120 LEU A N   1 
ATOM   773  C CA  . LEU A 1 120 ? 2.876   -8.006  -0.198  1.00 20.30  ? 120 LEU A CA  1 
ATOM   774  C C   . LEU A 1 120 ? 3.470   -9.421  -0.109  1.00 26.22  ? 120 LEU A C   1 
ATOM   775  O O   . LEU A 1 120 ? 3.053   -10.196 0.745   1.00 25.75  ? 120 LEU A O   1 
ATOM   776  C CB  . LEU A 1 120 ? 3.479   -7.150  0.892   1.00 17.30  ? 120 LEU A CB  1 
ATOM   777  C CG  . LEU A 1 120 ? 4.991   -7.034  0.913   1.00 17.85  ? 120 LEU A CG  1 
ATOM   778  C CD1 . LEU A 1 120 ? 5.476   -6.312  -0.325  1.00 16.16  ? 120 LEU A CD1 1 
ATOM   779  C CD2 . LEU A 1 120 ? 5.428   -6.298  2.171   1.00 16.64  ? 120 LEU A CD2 1 
ATOM   780  N N   . ASP A 1 121 ? 4.428   -9.767  -0.990  1.00 27.25  ? 121 ASP A N   1 
ATOM   781  C CA  . ASP A 1 121 ? 5.084   -11.076 -0.944  1.00 22.09  ? 121 ASP A CA  1 
ATOM   782  C C   . ASP A 1 121 ? 5.435   -11.475 0.486   1.00 21.22  ? 121 ASP A C   1 
ATOM   783  O O   . ASP A 1 121 ? 6.129   -10.752 1.163   1.00 25.85  ? 121 ASP A O   1 
ATOM   784  C CB  . ASP A 1 121 ? 6.355   -11.041 -1.783  1.00 26.44  ? 121 ASP A CB  1 
ATOM   785  C CG  . ASP A 1 121 ? 7.126   -12.375 -1.828  1.00 29.40  ? 121 ASP A CG  1 
ATOM   786  O OD1 . ASP A 1 121 ? 6.500   -13.444 -1.966  1.00 38.96  ? 121 ASP A OD1 1 
ATOM   787  O OD2 . ASP A 1 121 ? 8.370   -12.349 -1.737  1.00 39.32  ? 121 ASP A OD2 1 
ATOM   788  N N   . GLU A 1 122 ? 4.994   -12.662 0.910   1.00 23.85  ? 122 GLU A N   1 
ATOM   789  C CA  . GLU A 1 122 ? 5.209   -13.150 2.296   1.00 26.70  ? 122 GLU A CA  1 
ATOM   790  C C   . GLU A 1 122 ? 6.643   -13.190 2.751   1.00 19.32  ? 122 GLU A C   1 
ATOM   791  O O   . GLU A 1 122 ? 6.925   -12.898 3.885   1.00 24.68  ? 122 GLU A O   1 
ATOM   792  C CB  . GLU A 1 122 ? 4.618   -14.540 2.490   1.00 31.41  ? 122 GLU A CB  1 
ATOM   793  C CG  . GLU A 1 122 ? 3.113   -14.589 2.355   1.00 56.00  ? 122 GLU A CG  1 
ATOM   794  C CD  . GLU A 1 122 ? 2.549   -15.962 2.667   1.00 67.10  ? 122 GLU A CD  1 
ATOM   795  O OE1 . GLU A 1 122 ? 3.117   -16.974 2.163   1.00 74.66  ? 122 GLU A OE1 1 
ATOM   796  O OE2 . GLU A 1 122 ? 1.538   -16.031 3.420   1.00 72.37  ? 122 GLU A OE2 1 
ATOM   797  N N   . ASP A 1 123 ? 7.541   -13.574 1.893   1.00 20.55  ? 123 ASP A N   1 
ATOM   798  C CA  . ASP A 1 123 ? 8.938   -13.630 2.276   1.00 26.54  ? 123 ASP A CA  1 
ATOM   799  C C   . ASP A 1 123 ? 9.583   -12.270 2.388   1.00 27.45  ? 123 ASP A C   1 
ATOM   800  O O   . ASP A 1 123 ? 10.681  -12.164 2.914   1.00 28.07  ? 123 ASP A O   1 
ATOM   801  C CB  . ASP A 1 123 ? 9.737   -14.466 1.288   1.00 32.19  ? 123 ASP A CB  1 
ATOM   802  C CG  . ASP A 1 123 ? 9.342   -15.928 1.357   1.00 44.02  ? 123 ASP A CG  1 
ATOM   803  O OD1 . ASP A 1 123 ? 9.234   -16.465 2.491   1.00 48.77  ? 123 ASP A OD1 1 
ATOM   804  O OD2 . ASP A 1 123 ? 9.139   -16.543 0.277   1.00 52.79  ? 123 ASP A OD2 1 
ATOM   805  N N   . PHE A 1 124 ? 8.936   -11.236 1.867   1.00 26.07  ? 124 PHE A N   1 
ATOM   806  C CA  . PHE A 1 124 ? 9.530   -9.919  1.923   1.00 23.44  ? 124 PHE A CA  1 
ATOM   807  C C   . PHE A 1 124 ? 9.020   -9.122  3.120   1.00 20.78  ? 124 PHE A C   1 
ATOM   808  O O   . PHE A 1 124 ? 9.705   -8.199  3.552   1.00 26.84  ? 124 PHE A O   1 
ATOM   809  C CB  . PHE A 1 124 ? 9.280   -9.172  0.597   1.00 20.42  ? 124 PHE A CB  1 
ATOM   810  C CG  . PHE A 1 124 ? 10.154  -7.951  0.422   1.00 20.74  ? 124 PHE A CG  1 
ATOM   811  C CD1 . PHE A 1 124 ? 11.457  -8.075  -0.046  1.00 22.62  ? 124 PHE A CD1 1 
ATOM   812  C CD2 . PHE A 1 124 ? 9.690   -6.683  0.773   1.00 23.58  ? 124 PHE A CD2 1 
ATOM   813  C CE1 . PHE A 1 124 ? 12.288  -6.964  -0.156  1.00 17.67  ? 124 PHE A CE1 1 
ATOM   814  C CE2 . PHE A 1 124 ? 10.509  -5.565  0.671   1.00 22.89  ? 124 PHE A CE2 1 
ATOM   815  C CZ  . PHE A 1 124 ? 11.814  -5.711  0.201   1.00 23.69  ? 124 PHE A CZ  1 
ATOM   816  N N   . ARG A 1 125 ? 7.864   -9.559  3.708   1.00 22.00  ? 125 ARG A N   1 
ATOM   817  C CA  . ARG A 1 125 ? 7.175   -8.812  4.783   1.00 18.73  ? 125 ARG A CA  1 
ATOM   818  C C   . ARG A 1 125 ? 8.056   -8.482  5.948   1.00 20.58  ? 125 ARG A C   1 
ATOM   819  O O   . ARG A 1 125 ? 7.906   -7.415  6.532   1.00 20.60  ? 125 ARG A O   1 
ATOM   820  C CB  . ARG A 1 125 ? 5.929   -9.546  5.312   1.00 21.01  ? 125 ARG A CB  1 
ATOM   821  C CG  . ARG A 1 125 ? 5.216   -10.351 4.270   1.00 27.48  ? 125 ARG A CG  1 
ATOM   822  C CD  . ARG A 1 125 ? 3.777   -9.956  4.041   1.00 25.36  ? 125 ARG A CD  1 
ATOM   823  N NE  . ARG A 1 125 ? 2.842   -10.949 4.579   1.00 32.94  ? 125 ARG A NE  1 
ATOM   824  C CZ  . ARG A 1 125 ? 1.808   -11.509 3.911   1.00 27.53  ? 125 ARG A CZ  1 
ATOM   825  N NH1 . ARG A 1 125 ? 1.567   -11.268 2.647   1.00 19.05  ? 125 ARG A NH1 1 
ATOM   826  N NH2 . ARG A 1 125 ? 1.028   -12.356 4.543   1.00 38.35  ? 125 ARG A NH2 1 
ATOM   827  N N   . LYS A 1 126 ? 8.973   -9.369  6.291   1.00 18.62  ? 126 LYS A N   1 
ATOM   828  C CA  . LYS A 1 126 ? 9.838   -9.158  7.440   1.00 18.32  ? 126 LYS A CA  1 
ATOM   829  C C   . LYS A 1 126 ? 10.740  -7.927  7.314   1.00 17.65  ? 126 LYS A C   1 
ATOM   830  O O   . LYS A 1 126 ? 11.152  -7.386  8.307   1.00 22.64  ? 126 LYS A O   1 
ATOM   831  C CB  . LYS A 1 126 ? 10.705  -10.378 7.642   1.00 17.80  ? 126 LYS A CB  1 
ATOM   832  C CG  . LYS A 1 126 ? 11.615  -10.617 6.474   1.00 22.07  ? 126 LYS A CG  1 
ATOM   833  C CD  . LYS A 1 126 ? 12.722  -11.569 6.847   1.00 25.55  ? 126 LYS A CD  1 
ATOM   834  C CE  . LYS A 1 126 ? 12.432  -12.951 6.342   1.00 28.34  ? 126 LYS A CE  1 
ATOM   835  N NZ  . LYS A 1 126 ? 12.525  -12.989 4.868   1.00 36.38  ? 126 LYS A NZ  1 
ATOM   836  N N   . TYR A 1 127 ? 11.074  -7.507  6.105   1.00 20.28  ? 127 TYR A N   1 
ATOM   837  C CA  . TYR A 1 127 ? 11.940  -6.321  5.909   1.00 19.21  ? 127 TYR A CA  1 
ATOM   838  C C   . TYR A 1 127 ? 11.247  -5.001  6.183   1.00 19.88  ? 127 TYR A C   1 
ATOM   839  O O   . TYR A 1 127 ? 11.908  -3.968  6.226   1.00 24.64  ? 127 TYR A O   1 
ATOM   840  C CB  . TYR A 1 127 ? 12.434  -6.298  4.476   1.00 16.83  ? 127 TYR A CB  1 
ATOM   841  C CG  . TYR A 1 127 ? 13.224  -7.498  4.190   1.00 19.27  ? 127 TYR A CG  1 
ATOM   842  C CD1 . TYR A 1 127 ? 14.220  -7.867  5.058   1.00 14.63  ? 127 TYR A CD1 1 
ATOM   843  C CD2 . TYR A 1 127 ? 12.941  -8.304  3.095   1.00 23.21  ? 127 TYR A CD2 1 
ATOM   844  C CE1 . TYR A 1 127 ? 14.924  -9.025  4.866   1.00 20.31  ? 127 TYR A CE1 1 
ATOM   845  C CE2 . TYR A 1 127 ? 13.639  -9.461  2.883   1.00 15.78  ? 127 TYR A CE2 1 
ATOM   846  C CZ  . TYR A 1 127 ? 14.633  -9.820  3.777   1.00 24.99  ? 127 TYR A CZ  1 
ATOM   847  O OH  . TYR A 1 127 ? 15.333  -10.995 3.598   1.00 32.75  ? 127 TYR A OH  1 
ATOM   848  N N   . THR A 1 128 ? 9.925   -5.029  6.336   1.00 19.59  ? 128 THR A N   1 
ATOM   849  C CA  . THR A 1 128 ? 9.132   -3.825  6.547   1.00 19.19  ? 128 THR A CA  1 
ATOM   850  C C   . THR A 1 128 ? 8.837   -3.583  8.016   1.00 18.90  ? 128 THR A C   1 
ATOM   851  O O   . THR A 1 128 ? 7.983   -2.779  8.336   1.00 27.73  ? 128 THR A O   1 
ATOM   852  C CB  . THR A 1 128 ? 7.793   -3.928  5.780   1.00 19.53  ? 128 THR A CB  1 
ATOM   853  O OG1 . THR A 1 128 ? 7.015   -5.017  6.310   1.00 24.98  ? 128 THR A OG1 1 
ATOM   854  C CG2 . THR A 1 128 ? 8.048   -4.217  4.306   1.00 16.08  ? 128 THR A CG2 1 
ATOM   855  N N   . ALA A 1 129 ? 9.550   -4.276  8.893   1.00 20.88  ? 129 ALA A N   1 
ATOM   856  C CA  . ALA A 1 129 ? 9.336   -4.137  10.322  1.00 22.29  ? 129 ALA A CA  1 
ATOM   857  C C   . ALA A 1 129 ? 9.525   -2.712  10.779  1.00 25.07  ? 129 ALA A C   1 
ATOM   858  O O   . ALA A 1 129 ? 10.426  -2.015  10.319  1.00 24.34  ? 129 ALA A O   1 
ATOM   859  C CB  . ALA A 1 129 ? 10.296  -5.017  11.088  1.00 20.58  ? 129 ALA A CB  1 
ATOM   860  N N   . PHE A 1 130 ? 8.659   -2.299  11.692  1.00 29.67  ? 130 PHE A N   1 
ATOM   861  C CA  . PHE A 1 130 ? 8.721   -0.978  12.279  1.00 27.26  ? 130 PHE A CA  1 
ATOM   862  C C   . PHE A 1 130 ? 8.225   -1.068  13.701  1.00 29.77  ? 130 PHE A C   1 
ATOM   863  O O   . PHE A 1 130 ? 7.514   -2.030  14.059  1.00 27.18  ? 130 PHE A O   1 
ATOM   864  C CB  . PHE A 1 130 ? 7.865   0.011   11.492  1.00 23.67  ? 130 PHE A CB  1 
ATOM   865  C CG  . PHE A 1 130 ? 6.405   -0.334  11.449  1.00 21.87  ? 130 PHE A CG  1 
ATOM   866  C CD1 . PHE A 1 130 ? 5.901   -1.184  10.476  1.00 23.52  ? 130 PHE A CD1 1 
ATOM   867  C CD2 . PHE A 1 130 ? 5.521   0.239   12.346  1.00 25.21  ? 130 PHE A CD2 1 
ATOM   868  C CE1 . PHE A 1 130 ? 4.539   -1.448  10.392  1.00 24.19  ? 130 PHE A CE1 1 
ATOM   869  C CE2 . PHE A 1 130 ? 4.163   -0.023  12.266  1.00 21.84  ? 130 PHE A CE2 1 
ATOM   870  C CZ  . PHE A 1 130 ? 3.669   -0.864  11.289  1.00 24.24  ? 130 PHE A CZ  1 
ATOM   871  N N   . THR A 1 131 ? 8.602   -0.084  14.503  1.00 32.19  ? 131 THR A N   1 
ATOM   872  C CA  . THR A 1 131 ? 8.256   -0.066  15.915  1.00 35.66  ? 131 THR A CA  1 
ATOM   873  C C   . THR A 1 131 ? 7.481   1.180   16.255  1.00 39.46  ? 131 THR A C   1 
ATOM   874  O O   . THR A 1 131 ? 7.877   2.274   15.858  1.00 42.45  ? 131 THR A O   1 
ATOM   875  C CB  . THR A 1 131 ? 9.521   -0.033  16.787  1.00 35.57  ? 131 THR A CB  1 
ATOM   876  O OG1 . THR A 1 131 ? 10.540  -0.832  16.186  1.00 39.54  ? 131 THR A OG1 1 
ATOM   877  C CG2 . THR A 1 131 ? 9.233   -0.565  18.188  1.00 37.73  ? 131 THR A CG2 1 
ATOM   878  N N   . ILE A 1 132 ? 6.352   1.031   16.924  1.00 40.32  ? 132 ILE A N   1 
ATOM   879  C CA  . ILE A 1 132 ? 5.733   2.198   17.513  1.00 43.33  ? 132 ILE A CA  1 
ATOM   880  C C   . ILE A 1 132 ? 6.395   2.330   18.889  1.00 48.15  ? 132 ILE A C   1 
ATOM   881  O O   . ILE A 1 132 ? 6.404   1.368   19.680  1.00 44.55  ? 132 ILE A O   1 
ATOM   882  C CB  . ILE A 1 132 ? 4.224   2.056   17.653  1.00 37.84  ? 132 ILE A CB  1 
ATOM   883  C CG1 . ILE A 1 132 ? 3.600   1.961   16.284  1.00 34.85  ? 132 ILE A CG1 1 
ATOM   884  C CG2 . ILE A 1 132 ? 3.663   3.260   18.376  1.00 40.37  ? 132 ILE A CG2 1 
ATOM   885  C CD1 . ILE A 1 132 ? 2.132   1.596   16.338  1.00 42.91  ? 132 ILE A CD1 1 
ATOM   886  N N   . PRO A 1 133 ? 7.037   3.482   19.157  1.00 56.03  ? 133 PRO A N   1 
ATOM   887  C CA  . PRO A 1 133 ? 7.743   3.741   20.426  1.00 65.42  ? 133 PRO A CA  1 
ATOM   888  C C   . PRO A 1 133 ? 6.825   3.661   21.658  1.00 74.47  ? 133 PRO A C   1 
ATOM   889  O O   . PRO A 1 133 ? 5.594   3.821   21.562  1.00 74.40  ? 133 PRO A O   1 
ATOM   890  C CB  . PRO A 1 133 ? 8.312   5.150   20.225  1.00 65.86  ? 133 PRO A CB  1 
ATOM   891  C CG  . PRO A 1 133 ? 8.384   5.286   18.745  1.00 63.85  ? 133 PRO A CG  1 
ATOM   892  C CD  . PRO A 1 133 ? 7.117   4.652   18.263  1.00 57.56  ? 133 PRO A CD  1 
ATOM   893  N N   . SER A 1 134 ? 7.429   3.396   22.815  1.00 83.45  ? 134 SER A N   1 
ATOM   894  C CA  . SER A 1 134 ? 6.667   3.341   24.064  1.00 90.98  ? 134 SER A CA  1 
ATOM   895  C C   . SER A 1 134 ? 6.662   4.693   24.755  1.00 95.54  ? 134 SER A C   1 
ATOM   896  O O   . SER A 1 134 ? 7.655   5.437   24.708  1.00 97.78  ? 134 SER A O   1 
ATOM   897  C CB  . SER A 1 134 ? 7.258   2.308   24.991  1.00 89.23  ? 134 SER A CB  1 
ATOM   898  N N   . ILE A 1 135 ? 5.550   5.014   25.404  1.00 100.87 ? 135 ILE A N   1 
ATOM   899  C CA  . ILE A 1 135 ? 5.442   6.285   26.096  1.00 104.53 ? 135 ILE A CA  1 
ATOM   900  C C   . ILE A 1 135 ? 6.471   6.351   27.226  1.00 108.11 ? 135 ILE A C   1 
ATOM   901  O O   . ILE A 1 135 ? 6.547   5.443   28.076  1.00 107.06 ? 135 ILE A O   1 
ATOM   902  C CB  . ILE A 1 135 ? 4.022   6.474   26.626  1.00 101.39 ? 135 ILE A CB  1 
ATOM   903  N N   . ASN A 1 136 ? 7.317   7.390   27.157  1.00 112.06 ? 136 ASN A N   1 
ATOM   904  C CA  . ASN A 1 136 ? 8.326   7.674   28.194  1.00 115.39 ? 136 ASN A CA  1 
ATOM   905  C C   . ASN A 1 136 ? 9.426   6.617   28.288  1.00 114.86 ? 136 ASN A C   1 
ATOM   906  O O   . ASN A 1 136 ? 10.043  6.452   29.348  1.00 115.60 ? 136 ASN A O   1 
ATOM   907  C CB  . ASN A 1 136 ? 7.647   7.845   29.559  1.00 118.96 ? 136 ASN A CB  1 
ATOM   908  N N   . ASN A 1 137 ? 9.680   5.922   27.176  1.00 114.55 ? 137 ASN A N   1 
ATOM   909  C CA  . ASN A 1 137 ? 10.702  4.864   27.138  1.00 114.29 ? 137 ASN A CA  1 
ATOM   910  C C   . ASN A 1 137 ? 10.394  3.759   28.159  1.00 113.04 ? 137 ASN A C   1 
ATOM   911  O O   . ASN A 1 137 ? 11.253  2.915   28.465  1.00 110.26 ? 137 ASN A O   1 
ATOM   912  C CB  . ASN A 1 137 ? 12.089  5.457   27.394  1.00 114.64 ? 137 ASN A CB  1 
ATOM   913  N N   . GLU A 1 138 ? 9.151   3.782   28.670  1.00 111.53 ? 138 GLU A N   1 
ATOM   914  C CA  . GLU A 1 138 ? 8.703   2.806   29.646  1.00 110.29 ? 138 GLU A CA  1 
ATOM   915  C C   . GLU A 1 138 ? 8.670   1.411   29.017  1.00 109.42 ? 138 GLU A C   1 
ATOM   916  O O   . GLU A 1 138 ? 9.657   0.666   29.090  1.00 110.50 ? 138 GLU A O   1 
ATOM   917  C CB  . GLU A 1 138 ? 7.320   3.207   30.166  1.00 108.39 ? 138 GLU A CB  1 
ATOM   918  N N   . THR A 1 139 ? 7.538   1.071   28.385  1.00 105.77 ? 139 THR A N   1 
ATOM   919  C CA  . THR A 1 139 ? 7.376   -0.229  27.735  1.00 100.07 ? 139 THR A CA  1 
ATOM   920  C C   . THR A 1 139 ? 8.379   -0.413  26.569  1.00 96.98  ? 139 THR A C   1 
ATOM   921  O O   . THR A 1 139 ? 9.054   0.536   26.156  1.00 95.86  ? 139 THR A O   1 
ATOM   922  C CB  . THR A 1 139 ? 5.938   -0.356  27.233  1.00 98.61  ? 139 THR A CB  1 
ATOM   923  N N   . PRO A 1 140 ? 8.540   -1.658  26.067  1.00 92.71  ? 140 PRO A N   1 
ATOM   924  C CA  . PRO A 1 140 ? 9.444   -1.966  24.939  1.00 88.77  ? 140 PRO A CA  1 
ATOM   925  C C   . PRO A 1 140 ? 8.986   -1.388  23.560  1.00 83.90  ? 140 PRO A C   1 
ATOM   926  O O   . PRO A 1 140 ? 9.826   -1.055  22.707  1.00 87.57  ? 140 PRO A O   1 
ATOM   927  C CB  . PRO A 1 140 ? 9.474   -3.508  24.927  1.00 89.51  ? 140 PRO A CB  1 
ATOM   928  C CG  . PRO A 1 140 ? 9.119   -3.866  26.325  1.00 88.95  ? 140 PRO A CG  1 
ATOM   929  C CD  . PRO A 1 140 ? 8.011   -2.913  26.650  1.00 92.90  ? 140 PRO A CD  1 
ATOM   930  N N   . GLY A 1 141 ? 7.674   -1.282  23.327  1.00 74.08  ? 141 GLY A N   1 
ATOM   931  C CA  . GLY A 1 141 ? 7.202   -0.796  22.032  1.00 62.10  ? 141 GLY A CA  1 
ATOM   932  C C   . GLY A 1 141 ? 6.665   -1.923  21.161  1.00 54.84  ? 141 GLY A C   1 
ATOM   933  O O   . GLY A 1 141 ? 7.208   -3.036  21.164  1.00 54.72  ? 141 GLY A O   1 
ATOM   934  N N   . ILE A 1 142 ? 5.602   -1.643  20.406  1.00 48.54  ? 142 ILE A N   1 
ATOM   935  C CA  . ILE A 1 142 ? 4.975   -2.675  19.578  1.00 43.72  ? 142 ILE A CA  1 
ATOM   936  C C   . ILE A 1 142 ? 5.616   -2.770  18.218  1.00 37.80  ? 142 ILE A C   1 
ATOM   937  O O   . ILE A 1 142 ? 5.764   -1.762  17.531  1.00 37.02  ? 142 ILE A O   1 
ATOM   938  C CB  . ILE A 1 142 ? 3.483   -2.423  19.337  1.00 43.12  ? 142 ILE A CB  1 
ATOM   939  C CG1 . ILE A 1 142 ? 2.827   -1.855  20.580  1.00 49.47  ? 142 ILE A CG1 1 
ATOM   940  C CG2 . ILE A 1 142 ? 2.817   -3.723  18.925  1.00 41.62  ? 142 ILE A CG2 1 
ATOM   941  C CD1 . ILE A 1 142 ? 2.780   -0.337  20.598  1.00 55.18  ? 142 ILE A CD1 1 
ATOM   942  N N   . ARG A 1 143 ? 5.949   -3.987  17.822  1.00 34.54  ? 143 ARG A N   1 
ATOM   943  C CA  . ARG A 1 143 ? 6.545   -4.215  16.535  1.00 28.52  ? 143 ARG A CA  1 
ATOM   944  C C   . ARG A 1 143 ? 5.522   -4.799  15.577  1.00 29.50  ? 143 ARG A C   1 
ATOM   945  O O   . ARG A 1 143 ? 4.716   -5.665  15.944  1.00 29.24  ? 143 ARG A O   1 
ATOM   946  C CB  . ARG A 1 143 ? 7.714   -5.160  16.689  1.00 26.94  ? 143 ARG A CB  1 
ATOM   947  C CG  . ARG A 1 143 ? 8.750   -4.704  17.705  1.00 31.91  ? 143 ARG A CG  1 
ATOM   948  C CD  . ARG A 1 143 ? 9.969   -4.107  17.041  1.00 28.14  ? 143 ARG A CD  1 
ATOM   949  N NE  . ARG A 1 143 ? 10.765  -5.115  16.339  1.00 26.15  ? 143 ARG A NE  1 
ATOM   950  C CZ  . ARG A 1 143 ? 11.355  -4.886  15.158  1.00 25.21  ? 143 ARG A CZ  1 
ATOM   951  N NH1 . ARG A 1 143 ? 11.245  -3.711  14.586  1.00 29.98  ? 143 ARG A NH1 1 
ATOM   952  N NH2 . ARG A 1 143 ? 12.059  -5.835  14.558  1.00 20.48  ? 143 ARG A NH2 1 
ATOM   953  N N   . TYR A 1 144 ? 5.531   -4.293  14.360  1.00 27.40  ? 144 TYR A N   1 
ATOM   954  C CA  . TYR A 1 144 ? 4.651   -4.797  13.334  1.00 23.23  ? 144 TYR A CA  1 
ATOM   955  C C   . TYR A 1 144 ? 5.421   -4.931  12.038  1.00 24.12  ? 144 TYR A C   1 
ATOM   956  O O   . TYR A 1 144 ? 6.532   -4.411  11.908  1.00 25.99  ? 144 TYR A O   1 
ATOM   957  C CB  . TYR A 1 144 ? 3.503   -3.831  13.049  1.00 26.43  ? 144 TYR A CB  1 
ATOM   958  C CG  . TYR A 1 144 ? 2.494   -3.599  14.142  1.00 31.25  ? 144 TYR A CG  1 
ATOM   959  C CD1 . TYR A 1 144 ? 1.337   -4.379  14.238  1.00 30.45  ? 144 TYR A CD1 1 
ATOM   960  C CD2 . TYR A 1 144 ? 2.636   -2.507  15.002  1.00 35.03  ? 144 TYR A CD2 1 
ATOM   961  C CE1 . TYR A 1 144 ? 0.340   -4.070  15.157  1.00 38.66  ? 144 TYR A CE1 1 
ATOM   962  C CE2 . TYR A 1 144 ? 1.648   -2.184  15.926  1.00 42.07  ? 144 TYR A CE2 1 
ATOM   963  C CZ  . TYR A 1 144 ? 0.497   -2.965  16.002  1.00 45.28  ? 144 TYR A CZ  1 
ATOM   964  O OH  . TYR A 1 144 ? -0.500  -2.633  16.911  1.00 52.07  ? 144 TYR A OH  1 
ATOM   965  N N   . GLN A 1 145 ? 4.822   -5.634  11.092  1.00 22.30  ? 145 GLN A N   1 
ATOM   966  C CA  . GLN A 1 145 ? 5.325   -5.675  9.737   1.00 22.28  ? 145 GLN A CA  1 
ATOM   967  C C   . GLN A 1 145 ? 4.134   -5.540  8.832   1.00 23.87  ? 145 GLN A C   1 
ATOM   968  O O   . GLN A 1 145 ? 2.997   -5.767  9.263   1.00 25.84  ? 145 GLN A O   1 
ATOM   969  C CB  . GLN A 1 145 ? 6.049   -6.978  9.426   1.00 19.55  ? 145 GLN A CB  1 
ATOM   970  C CG  . GLN A 1 145 ? 5.160   -8.209  9.467   1.00 23.73  ? 145 GLN A CG  1 
ATOM   971  C CD  . GLN A 1 145 ? 5.923   -9.498  9.214   1.00 27.08  ? 145 GLN A CD  1 
ATOM   972  O OE1 . GLN A 1 145 ? 5.367   -10.459 8.712   1.00 27.28  ? 145 GLN A OE1 1 
ATOM   973  N NE2 . GLN A 1 145 ? 7.194   -9.530  9.561   1.00 25.62  ? 145 GLN A NE2 1 
ATOM   974  N N   . TYR A 1 146 ? 4.383   -5.161  7.594   1.00 23.19  ? 146 TYR A N   1 
ATOM   975  C CA  . TYR A 1 146 ? 3.323   -5.014  6.630   1.00 20.95  ? 146 TYR A CA  1 
ATOM   976  C C   . TYR A 1 146 ? 2.976   -6.319  5.951   1.00 22.79  ? 146 TYR A C   1 
ATOM   977  O O   . TYR A 1 146 ? 3.859   -7.129  5.658   1.00 22.13  ? 146 TYR A O   1 
ATOM   978  C CB  . TYR A 1 146 ? 3.737   -3.992  5.572   1.00 21.73  ? 146 TYR A CB  1 
ATOM   979  C CG  . TYR A 1 146 ? 3.394   -2.583  5.952   1.00 22.70  ? 146 TYR A CG  1 
ATOM   980  C CD1 . TYR A 1 146 ? 4.235   -1.822  6.768   1.00 23.44  ? 146 TYR A CD1 1 
ATOM   981  C CD2 . TYR A 1 146 ? 2.203   -2.013  5.496   1.00 24.95  ? 146 TYR A CD2 1 
ATOM   982  C CE1 . TYR A 1 146 ? 3.889   -0.524  7.116   1.00 24.70  ? 146 TYR A CE1 1 
ATOM   983  C CE2 . TYR A 1 146 ? 1.853   -0.720  5.841   1.00 25.04  ? 146 TYR A CE2 1 
ATOM   984  C CZ  . TYR A 1 146 ? 2.695   0.017   6.646   1.00 26.54  ? 146 TYR A CZ  1 
ATOM   985  O OH  . TYR A 1 146 ? 2.348   1.301   6.973   1.00 35.48  ? 146 TYR A OH  1 
ATOM   986  N N   . ASN A 1 147 ? 1.674   -6.488  5.675   1.00 22.68  ? 147 ASN A N   1 
ATOM   987  C CA  . ASN A 1 147 ? 1.167   -7.639  4.917   1.00 18.95  ? 147 ASN A CA  1 
ATOM   988  C C   . ASN A 1 147 ? 0.735   -7.178  3.535   1.00 20.47  ? 147 ASN A C   1 
ATOM   989  O O   . ASN A 1 147 ? 0.354   -7.972  2.675   1.00 20.67  ? 147 ASN A O   1 
ATOM   990  C CB  . ASN A 1 147 ? -0.060  -8.247  5.613   1.00 18.80  ? 147 ASN A CB  1 
ATOM   991  C CG  . ASN A 1 147 ? 0.233   -8.756  6.993   1.00 20.24  ? 147 ASN A CG  1 
ATOM   992  O OD1 . ASN A 1 147 ? 1.313   -9.266  7.250   1.00 24.47  ? 147 ASN A OD1 1 
ATOM   993  N ND2 . ASN A 1 147 ? -0.730  -8.628  7.888   1.00 24.57  ? 147 ASN A ND2 1 
ATOM   994  N N   . VAL A 1 148 ? 0.767   -5.873  3.338   1.00 21.26  ? 148 VAL A N   1 
ATOM   995  C CA  . VAL A 1 148 ? 0.299   -5.273  2.096   1.00 22.37  ? 148 VAL A CA  1 
ATOM   996  C C   . VAL A 1 148 ? 1.318   -4.261  1.614   1.00 21.32  ? 148 VAL A C   1 
ATOM   997  O O   . VAL A 1 148 ? 2.243   -3.960  2.341   1.00 23.01  ? 148 VAL A O   1 
ATOM   998  C CB  . VAL A 1 148 ? -1.073  -4.583  2.325   1.00 21.67  ? 148 VAL A CB  1 
ATOM   999  C CG1 . VAL A 1 148 ? -2.141  -5.631  2.603   1.00 19.86  ? 148 VAL A CG1 1 
ATOM   1000 C CG2 . VAL A 1 148 ? -0.991  -3.602  3.492   1.00 18.46  ? 148 VAL A CG2 1 
ATOM   1001 N N   . LEU A 1 149 ? 1.172   -3.730  0.403   1.00 25.66  ? 149 LEU A N   1 
ATOM   1002 C CA  . LEU A 1 149 ? 2.151   -2.728  -0.087  1.00 26.40  ? 149 LEU A CA  1 
ATOM   1003 C C   . LEU A 1 149 ? 2.169   -1.494  0.814   1.00 25.94  ? 149 LEU A C   1 
ATOM   1004 O O   . LEU A 1 149 ? 1.125   -0.868  1.029   1.00 25.21  ? 149 LEU A O   1 
ATOM   1005 C CB  . LEU A 1 149 ? 1.814   -2.255  -1.507  1.00 21.55  ? 149 LEU A CB  1 
ATOM   1006 C CG  . LEU A 1 149 ? 1.671   -3.326  -2.579  1.00 23.14  ? 149 LEU A CG  1 
ATOM   1007 C CD1 . LEU A 1 149 ? 1.255   -2.684  -3.888  1.00 18.24  ? 149 LEU A CD1 1 
ATOM   1008 C CD2 . LEU A 1 149 ? 2.970   -4.104  -2.721  1.00 17.17  ? 149 LEU A CD2 1 
ATOM   1009 N N   . PRO A 1 150 ? 3.330   -1.145  1.401   1.00 24.82  ? 150 PRO A N   1 
ATOM   1010 C CA  . PRO A 1 150 ? 3.442   0.033   2.246   1.00 21.51  ? 150 PRO A CA  1 
ATOM   1011 C C   . PRO A 1 150 ? 3.605   1.243   1.332   1.00 28.05  ? 150 PRO A C   1 
ATOM   1012 O O   . PRO A 1 150 ? 4.083   1.133   0.192   1.00 26.51  ? 150 PRO A O   1 
ATOM   1013 C CB  . PRO A 1 150 ? 4.708   -0.197  3.075   1.00 16.25  ? 150 PRO A CB  1 
ATOM   1014 C CG  . PRO A 1 150 ? 5.159   -1.580  2.717   1.00 18.89  ? 150 PRO A CG  1 
ATOM   1015 C CD  . PRO A 1 150 ? 4.611   -1.862  1.342   1.00 17.07  ? 150 PRO A CD  1 
ATOM   1016 N N   . GLN A 1 151 ? 3.220   2.395   1.793   1.00 32.20  ? 151 GLN A N   1 
ATOM   1017 C CA  . GLN A 1 151 ? 3.380   3.564   0.973   1.00 36.21  ? 151 GLN A CA  1 
ATOM   1018 C C   . GLN A 1 151 ? 4.760   4.155   1.172   1.00 32.32  ? 151 GLN A C   1 
ATOM   1019 O O   . GLN A 1 151 ? 5.257   4.244   2.295   1.00 39.19  ? 151 GLN A O   1 
ATOM   1020 C CB  . GLN A 1 151 ? 2.265   4.581   1.251   1.00 41.61  ? 151 GLN A CB  1 
ATOM   1021 C CG  . GLN A 1 151 ? 0.913   4.119   0.698   1.00 55.34  ? 151 GLN A CG  1 
ATOM   1022 C CD  . GLN A 1 151 ? -0.173  5.162   0.846   1.00 65.28  ? 151 GLN A CD  1 
ATOM   1023 O OE1 . GLN A 1 151 ? -0.214  5.888   1.848   1.00 71.35  ? 151 GLN A OE1 1 
ATOM   1024 N NE2 . GLN A 1 151 ? -1.060  5.251   -0.144  1.00 68.37  ? 151 GLN A NE2 1 
ATOM   1025 N N   . GLY A 1 152 ? 5.391   4.510   0.072   1.00 29.01  ? 152 GLY A N   1 
ATOM   1026 C CA  . GLY A 1 152 ? 6.706   5.077   0.146   1.00 26.70  ? 152 GLY A CA  1 
ATOM   1027 C C   . GLY A 1 152 ? 7.782   4.043   -0.049  1.00 31.39  ? 152 GLY A C   1 
ATOM   1028 O O   . GLY A 1 152 ? 8.970   4.380   -0.029  1.00 36.18  ? 152 GLY A O   1 
ATOM   1029 N N   . TRP A 1 153 ? 7.382   2.776   -0.192  1.00 30.08  ? 153 TRP A N   1 
ATOM   1030 C CA  . TRP A 1 153 ? 8.344   1.718   -0.485  1.00 27.11  ? 153 TRP A CA  1 
ATOM   1031 C C   . TRP A 1 153 ? 8.578   1.659   -2.004  1.00 25.60  ? 153 TRP A C   1 
ATOM   1032 O O   . TRP A 1 153 ? 7.655   1.853   -2.785  1.00 28.62  ? 153 TRP A O   1 
ATOM   1033 C CB  . TRP A 1 153 ? 7.860   0.368   0.077   1.00 21.72  ? 153 TRP A CB  1 
ATOM   1034 C CG  . TRP A 1 153 ? 8.722   -0.773  -0.312  1.00 18.71  ? 153 TRP A CG  1 
ATOM   1035 C CD1 . TRP A 1 153 ? 10.062  -0.920  -0.082  1.00 17.86  ? 153 TRP A CD1 1 
ATOM   1036 C CD2 . TRP A 1 153 ? 8.321   -1.886  -1.106  1.00 20.11  ? 153 TRP A CD2 1 
ATOM   1037 N NE1 . TRP A 1 153 ? 10.502  -2.049  -0.716  1.00 19.34  ? 153 TRP A NE1 1 
ATOM   1038 C CE2 . TRP A 1 153 ? 9.479   -2.667  -1.351  1.00 19.21  ? 153 TRP A CE2 1 
ATOM   1039 C CE3 . TRP A 1 153 ? 7.096   -2.287  -1.646  1.00 17.32  ? 153 TRP A CE3 1 
ATOM   1040 C CZ2 . TRP A 1 153 ? 9.452   -3.832  -2.108  1.00 21.34  ? 153 TRP A CZ2 1 
ATOM   1041 C CZ3 . TRP A 1 153 ? 7.064   -3.449  -2.393  1.00 19.28  ? 153 TRP A CZ3 1 
ATOM   1042 C CH2 . TRP A 1 153 ? 8.232   -4.208  -2.625  1.00 21.94  ? 153 TRP A CH2 1 
ATOM   1043 N N   . LYS A 1 154 ? 9.815   1.399   -2.391  1.00 27.55  ? 154 LYS A N   1 
ATOM   1044 C CA  . LYS A 1 154 ? 10.243  1.393   -3.793  1.00 23.81  ? 154 LYS A CA  1 
ATOM   1045 C C   . LYS A 1 154 ? 9.385   0.562   -4.762  1.00 25.46  ? 154 LYS A C   1 
ATOM   1046 O O   . LYS A 1 154 ? 9.102   1.011   -5.878  1.00 28.67  ? 154 LYS A O   1 
ATOM   1047 C CB  . LYS A 1 154 ? 11.705  0.921   -3.834  1.00 27.49  ? 154 LYS A CB  1 
ATOM   1048 C CG  . LYS A 1 154 ? 12.346  0.844   -5.215  1.00 26.17  ? 154 LYS A CG  1 
ATOM   1049 C CD  . LYS A 1 154 ? 13.792  0.412   -5.087  1.00 23.06  ? 154 LYS A CD  1 
ATOM   1050 C CE  . LYS A 1 154 ? 14.423  0.149   -6.436  1.00 25.36  ? 154 LYS A CE  1 
ATOM   1051 N NZ  . LYS A 1 154 ? 15.802  -0.381  -6.281  1.00 28.86  ? 154 LYS A NZ  1 
ATOM   1052 N N   . GLY A 1 155 ? 8.976   -0.642  -4.379  1.00 22.63  ? 155 GLY A N   1 
ATOM   1053 C CA  . GLY A 1 155 ? 8.231   -1.470  -5.318  1.00 16.59  ? 155 GLY A CA  1 
ATOM   1054 C C   . GLY A 1 155 ? 6.710   -1.288  -5.344  1.00 17.10  ? 155 GLY A C   1 
ATOM   1055 O O   . GLY A 1 155 ? 6.051   -1.876  -6.188  1.00 21.64  ? 155 GLY A O   1 
ATOM   1056 N N   . SER A 1 156 ? 6.125   -0.498  -4.440  1.00 19.66  ? 156 SER A N   1 
ATOM   1057 C CA  . SER A 1 156 ? 4.671   -0.377  -4.402  1.00 17.53  ? 156 SER A CA  1 
ATOM   1058 C C   . SER A 1 156 ? 4.034   0.160   -5.679  1.00 22.46  ? 156 SER A C   1 
ATOM   1059 O O   . SER A 1 156 ? 3.052   -0.420  -6.156  1.00 27.02  ? 156 SER A O   1 
ATOM   1060 C CB  . SER A 1 156 ? 4.245   0.461   -3.236  1.00 19.59  ? 156 SER A CB  1 
ATOM   1061 O OG  . SER A 1 156 ? 4.509   -0.217  -2.043  1.00 24.24  ? 156 SER A OG  1 
ATOM   1062 N N   . PRO A 1 157 ? 4.526   1.281   -6.264  1.00 21.50  ? 157 PRO A N   1 
ATOM   1063 C CA  . PRO A 1 157 ? 3.943   1.826   -7.487  1.00 19.92  ? 157 PRO A CA  1 
ATOM   1064 C C   . PRO A 1 157 ? 3.930   0.806   -8.602  1.00 20.45  ? 157 PRO A C   1 
ATOM   1065 O O   . PRO A 1 157 ? 2.906   0.612   -9.231  1.00 23.87  ? 157 PRO A O   1 
ATOM   1066 C CB  . PRO A 1 157 ? 4.832   3.023   -7.814  1.00 18.79  ? 157 PRO A CB  1 
ATOM   1067 C CG  . PRO A 1 157 ? 5.299   3.446   -6.470  1.00 22.10  ? 157 PRO A CG  1 
ATOM   1068 C CD  . PRO A 1 157 ? 5.625   2.156   -5.782  1.00 23.92  ? 157 PRO A CD  1 
ATOM   1069 N N   . ALA A 1 158 ? 5.051   0.113   -8.811  1.00 20.68  ? 158 ALA A N   1 
ATOM   1070 C CA  . ALA A 1 158 ? 5.156   -0.840  -9.907  1.00 20.80  ? 158 ALA A CA  1 
ATOM   1071 C C   . ALA A 1 158 ? 4.301   -2.091  -9.687  1.00 24.64  ? 158 ALA A C   1 
ATOM   1072 O O   . ALA A 1 158 ? 3.696   -2.641  -10.638 1.00 27.31  ? 158 ALA A O   1 
ATOM   1073 C CB  . ALA A 1 158 ? 6.610   -1.218  -10.136 1.00 21.24  ? 158 ALA A CB  1 
ATOM   1074 N N   . ILE A 1 159 ? 4.245   -2.579  -8.454  1.00 28.84  ? 159 ILE A N   1 
ATOM   1075 C CA  . ILE A 1 159 ? 3.424   -3.771  -8.181  1.00 27.17  ? 159 ILE A CA  1 
ATOM   1076 C C   . ILE A 1 159 ? 1.932   -3.406  -8.176  1.00 25.33  ? 159 ILE A C   1 
ATOM   1077 O O   . ILE A 1 159 ? 1.109   -4.173  -8.657  1.00 28.32  ? 159 ILE A O   1 
ATOM   1078 C CB  . ILE A 1 159 ? 3.833   -4.456  -6.848  1.00 24.87  ? 159 ILE A CB  1 
ATOM   1079 C CG1 . ILE A 1 159 ? 5.287   -4.978  -6.952  1.00 22.65  ? 159 ILE A CG1 1 
ATOM   1080 C CG2 . ILE A 1 159 ? 2.862   -5.579  -6.525  1.00 20.84  ? 159 ILE A CG2 1 
ATOM   1081 C CD1 . ILE A 1 159 ? 5.886   -5.410  -5.618  1.00 24.24  ? 159 ILE A CD1 1 
ATOM   1082 N N   . PHE A 1 160 ? 1.596   -2.214  -7.670  1.00 26.39  ? 160 PHE A N   1 
ATOM   1083 C CA  . PHE A 1 160 ? 0.220   -1.750  -7.687  1.00 27.37  ? 160 PHE A CA  1 
ATOM   1084 C C   . PHE A 1 160 ? -0.313  -1.573  -9.135  1.00 30.33  ? 160 PHE A C   1 
ATOM   1085 O O   . PHE A 1 160 ? -1.353  -2.130  -9.502  1.00 31.75  ? 160 PHE A O   1 
ATOM   1086 C CB  . PHE A 1 160 ? 0.114   -0.434  -6.936  1.00 24.94  ? 160 PHE A CB  1 
ATOM   1087 C CG  . PHE A 1 160 ? -1.302  0.022   -6.840  1.00 30.38  ? 160 PHE A CG  1 
ATOM   1088 C CD1 . PHE A 1 160 ? -2.201  -0.662  -6.035  1.00 30.47  ? 160 PHE A CD1 1 
ATOM   1089 C CD2 . PHE A 1 160 ? -1.748  1.121   -7.560  1.00 32.00  ? 160 PHE A CD2 1 
ATOM   1090 C CE1 . PHE A 1 160 ? -3.525  -0.254  -5.935  1.00 32.06  ? 160 PHE A CE1 1 
ATOM   1091 C CE2 . PHE A 1 160 ? -3.072  1.527   -7.466  1.00 31.60  ? 160 PHE A CE2 1 
ATOM   1092 C CZ  . PHE A 1 160 ? -3.957  0.838   -6.651  1.00 30.82  ? 160 PHE A CZ  1 
ATOM   1093 N N   . GLN A 1 161 ? 0.390   -0.782  -9.950  1.00 30.49  ? 161 GLN A N   1 
ATOM   1094 C CA  . GLN A 1 161 ? 0.008   -0.583  -11.332 1.00 28.34  ? 161 GLN A CA  1 
ATOM   1095 C C   . GLN A 1 161 ? -0.197  -1.908  -12.052 1.00 29.67  ? 161 GLN A C   1 
ATOM   1096 O O   . GLN A 1 161 ? -1.196  -2.088  -12.741 1.00 31.86  ? 161 GLN A O   1 
ATOM   1097 C CB  . GLN A 1 161 ? 1.073   0.318   -12.004 1.00 37.42  ? 161 GLN A CB  1 
ATOM   1098 C CG  . GLN A 1 161 ? 1.425   0.033   -13.473 1.00 63.31  ? 161 GLN A CG  1 
ATOM   1099 C CD  . GLN A 1 161 ? 0.484   0.652   -14.502 1.00 77.58  ? 161 GLN A CD  1 
ATOM   1100 O OE1 . GLN A 1 161 ? 0.374   0.150   -15.634 1.00 86.30  ? 161 GLN A OE1 1 
ATOM   1101 N NE2 . GLN A 1 161 ? -0.191  1.748   -14.161 1.00 85.92  ? 161 GLN A NE2 1 
ATOM   1102 N N   . SER A 1 162 ? 0.728   -2.848  -11.859 1.00 28.34  ? 162 SER A N   1 
ATOM   1103 C CA  . SER A 1 162 ? 0.632   -4.176  -12.471 1.00 25.40  ? 162 SER A CA  1 
ATOM   1104 C C   . SER A 1 162 ? -0.632  -4.937  -12.019 1.00 25.74  ? 162 SER A C   1 
ATOM   1105 O O   . SER A 1 162 ? -1.349  -5.520  -12.830 1.00 27.00  ? 162 SER A O   1 
ATOM   1106 C CB  . SER A 1 162 ? 1.885   -4.974  -12.095 1.00 32.93  ? 162 SER A CB  1 
ATOM   1107 O OG  . SER A 1 162 ? 1.827   -6.319  -12.549 1.00 45.87  ? 162 SER A OG  1 
ATOM   1108 N N   . SER A 1 163 ? -0.896  -4.940  -10.729 1.00 25.45  ? 163 SER A N   1 
ATOM   1109 C CA  . SER A 1 163 ? -2.067  -5.607  -10.190 1.00 27.12  ? 163 SER A CA  1 
ATOM   1110 C C   . SER A 1 163 ? -3.336  -4.931  -10.675 1.00 31.72  ? 163 SER A C   1 
ATOM   1111 O O   . SER A 1 163 ? -4.278  -5.589  -11.088 1.00 34.71  ? 163 SER A O   1 
ATOM   1112 C CB  . SER A 1 163 ? -2.015  -5.556  -8.674  1.00 24.96  ? 163 SER A CB  1 
ATOM   1113 O OG  . SER A 1 163 ? -0.805  -6.132  -8.217  1.00 35.48  ? 163 SER A OG  1 
ATOM   1114 N N   . MET A 1 164 ? -3.348  -3.603  -10.614 1.00 33.66  ? 164 MET A N   1 
ATOM   1115 C CA  . MET A 1 164 ? -4.493  -2.824  -11.073 1.00 33.02  ? 164 MET A CA  1 
ATOM   1116 C C   . MET A 1 164 ? -4.806  -3.191  -12.515 1.00 33.18  ? 164 MET A C   1 
ATOM   1117 O O   . MET A 1 164 ? -5.935  -3.494  -12.848 1.00 36.66  ? 164 MET A O   1 
ATOM   1118 C CB  . MET A 1 164 ? -4.181  -1.321  -10.950 1.00 34.59  ? 164 MET A CB  1 
ATOM   1119 C CG  . MET A 1 164 ? -5.303  -0.375  -11.359 1.00 44.24  ? 164 MET A CG  1 
ATOM   1120 S SD  . MET A 1 164 ? -6.826  -0.605  -10.420 1.00 49.25  ? 164 MET A SD  1 
ATOM   1121 C CE  . MET A 1 164 ? -6.219  -0.336  -8.771  1.00 48.28  ? 164 MET A CE  1 
ATOM   1122 N N   . THR A 1 165 ? -3.792  -3.216  -13.348 1.00 33.50  ? 165 THR A N   1 
ATOM   1123 C CA  . THR A 1 165 ? -3.952  -3.596  -14.735 1.00 31.94  ? 165 THR A CA  1 
ATOM   1124 C C   . THR A 1 165 ? -4.634  -4.961  -14.922 1.00 35.31  ? 165 THR A C   1 
ATOM   1125 O O   . THR A 1 165 ? -5.478  -5.117  -15.805 1.00 37.54  ? 165 THR A O   1 
ATOM   1126 C CB  . THR A 1 165 ? -2.587  -3.608  -15.404 1.00 32.46  ? 165 THR A CB  1 
ATOM   1127 O OG1 . THR A 1 165 ? -2.094  -2.279  -15.463 1.00 32.23  ? 165 THR A OG1 1 
ATOM   1128 C CG2 . THR A 1 165 ? -2.669  -4.159  -16.797 1.00 31.23  ? 165 THR A CG2 1 
ATOM   1129 N N   . LYS A 1 166 ? -4.289  -5.944  -14.108 1.00 36.13  ? 166 LYS A N   1 
ATOM   1130 C CA  . LYS A 1 166 ? -4.898  -7.273  -14.243 1.00 38.74  ? 166 LYS A CA  1 
ATOM   1131 C C   . LYS A 1 166 ? -6.345  -7.282  -13.753 1.00 37.94  ? 166 LYS A C   1 
ATOM   1132 O O   . LYS A 1 166 ? -7.216  -7.936  -14.331 1.00 38.53  ? 166 LYS A O   1 
ATOM   1133 C CB  . LYS A 1 166 ? -4.064  -8.319  -13.492 1.00 43.20  ? 166 LYS A CB  1 
ATOM   1134 C CG  . LYS A 1 166 ? -2.642  -8.459  -14.046 1.00 55.84  ? 166 LYS A CG  1 
ATOM   1135 C CD  . LYS A 1 166 ? -1.820  -9.513  -13.311 1.00 58.89  ? 166 LYS A CD  1 
ATOM   1136 C CE  . LYS A 1 166 ? -0.491  -9.760  -14.017 1.00 63.32  ? 166 LYS A CE  1 
ATOM   1137 N NZ  . LYS A 1 166 ? 0.285   -10.840 -13.349 1.00 69.64  ? 166 LYS A NZ  1 
ATOM   1138 N N   . ILE A 1 167 ? -6.591  -6.567  -12.688 1.00 37.03  ? 167 ILE A N   1 
ATOM   1139 C CA  . ILE A 1 167 ? -7.937  -6.396  -12.174 1.00 37.82  ? 167 ILE A CA  1 
ATOM   1140 C C   . ILE A 1 167 ? -8.858  -5.710  -13.216 1.00 42.37  ? 167 ILE A C   1 
ATOM   1141 O O   . ILE A 1 167 ? -10.019 -6.091  -13.367 1.00 45.36  ? 167 ILE A O   1 
ATOM   1142 C CB  . ILE A 1 167 ? -7.875  -5.545  -10.881 1.00 37.32  ? 167 ILE A CB  1 
ATOM   1143 C CG1 . ILE A 1 167 ? -7.344  -6.421  -9.743  1.00 34.95  ? 167 ILE A CG1 1 
ATOM   1144 C CG2 . ILE A 1 167 ? -9.232  -4.936  -10.535 1.00 38.45  ? 167 ILE A CG2 1 
ATOM   1145 C CD1 . ILE A 1 167 ? -6.999  -5.663  -8.481  1.00 41.58  ? 167 ILE A CD1 1 
ATOM   1146 N N   . LEU A 1 168 ? -8.335  -4.714  -13.943 1.00 40.65  ? 168 LEU A N   1 
ATOM   1147 C CA  . LEU A 1 168 ? -9.133  -3.956  -14.901 1.00 40.45  ? 168 LEU A CA  1 
ATOM   1148 C C   . LEU A 1 168 ? -9.250  -4.607  -16.253 1.00 46.77  ? 168 LEU A C   1 
ATOM   1149 O O   . LEU A 1 168 ? -10.099 -4.190  -17.030 1.00 49.95  ? 168 LEU A O   1 
ATOM   1150 C CB  . LEU A 1 168 ? -8.558  -2.563  -15.108 1.00 35.33  ? 168 LEU A CB  1 
ATOM   1151 C CG  . LEU A 1 168 ? -8.654  -1.614  -13.931 1.00 35.69  ? 168 LEU A CG  1 
ATOM   1152 C CD1 . LEU A 1 168 ? -7.885  -0.346  -14.234 1.00 36.85  ? 168 LEU A CD1 1 
ATOM   1153 C CD2 . LEU A 1 168 ? -10.107 -1.313  -13.623 1.00 39.10  ? 168 LEU A CD2 1 
ATOM   1154 N N   . ALA A 1 169 ? -8.417  -5.610  -16.557 1.00 52.31  ? 169 ALA A N   1 
ATOM   1155 C CA  . ALA A 1 169 ? -8.451  -6.256  -17.893 1.00 57.05  ? 169 ALA A CA  1 
ATOM   1156 C C   . ALA A 1 169 ? -9.881  -6.646  -18.344 1.00 57.02  ? 169 ALA A C   1 
ATOM   1157 O O   . ALA A 1 169 ? -10.321 -6.239  -19.443 1.00 54.81  ? 169 ALA A O   1 
ATOM   1158 C CB  . ALA A 1 169 ? -7.516  -7.473  -17.952 1.00 58.01  ? 169 ALA A CB  1 
ATOM   1159 N N   . PRO A 1 170 ? -10.635 -7.420  -17.514 1.00 54.58  ? 170 PRO A N   1 
ATOM   1160 C CA  . PRO A 1 170 ? -12.004 -7.835  -17.846 1.00 55.98  ? 170 PRO A CA  1 
ATOM   1161 C C   . PRO A 1 170 ? -12.965 -6.648  -18.033 1.00 57.67  ? 170 PRO A C   1 
ATOM   1162 O O   . PRO A 1 170 ? -13.855 -6.698  -18.883 1.00 62.01  ? 170 PRO A O   1 
ATOM   1163 C CB  . PRO A 1 170 ? -12.400 -8.732  -16.667 1.00 56.28  ? 170 PRO A CB  1 
ATOM   1164 C CG  . PRO A 1 170 ? -11.556 -8.216  -15.563 1.00 54.68  ? 170 PRO A CG  1 
ATOM   1165 C CD  . PRO A 1 170 ? -10.228 -7.983  -16.214 1.00 52.15  ? 170 PRO A CD  1 
ATOM   1166 N N   . PHE A 1 171 ? -12.787 -5.581  -17.263 1.00 54.49  ? 171 PHE A N   1 
ATOM   1167 C CA  . PHE A 1 171 ? -13.667 -4.439  -17.395 1.00 52.28  ? 171 PHE A CA  1 
ATOM   1168 C C   . PHE A 1 171 ? -13.398 -3.724  -18.690 1.00 53.66  ? 171 PHE A C   1 
ATOM   1169 O O   . PHE A 1 171 ? -14.318 -3.345  -19.382 1.00 55.06  ? 171 PHE A O   1 
ATOM   1170 C CB  . PHE A 1 171 ? -13.491 -3.473  -16.229 1.00 51.47  ? 171 PHE A CB  1 
ATOM   1171 C CG  . PHE A 1 171 ? -14.447 -2.309  -16.244 1.00 47.84  ? 171 PHE A CG  1 
ATOM   1172 C CD1 . PHE A 1 171 ? -15.687 -2.403  -15.615 1.00 45.83  ? 171 PHE A CD1 1 
ATOM   1173 C CD2 . PHE A 1 171 ? -14.103 -1.117  -16.863 1.00 47.42  ? 171 PHE A CD2 1 
ATOM   1174 C CE1 . PHE A 1 171 ? -16.554 -1.327  -15.588 1.00 41.28  ? 171 PHE A CE1 1 
ATOM   1175 C CE2 . PHE A 1 171 ? -14.967 -0.033  -16.842 1.00 49.11  ? 171 PHE A CE2 1 
ATOM   1176 C CZ  . PHE A 1 171 ? -16.195 -0.140  -16.206 1.00 47.38  ? 171 PHE A CZ  1 
ATOM   1177 N N   . LYS A 1 172 ? -12.134 -3.539  -19.017 1.00 59.55  ? 172 LYS A N   1 
ATOM   1178 C CA  . LYS A 1 172 ? -11.778 -2.852  -20.247 1.00 64.52  ? 172 LYS A CA  1 
ATOM   1179 C C   . LYS A 1 172 ? -12.314 -3.615  -21.440 1.00 65.73  ? 172 LYS A C   1 
ATOM   1180 O O   . LYS A 1 172 ? -12.761 -3.013  -22.423 1.00 65.04  ? 172 LYS A O   1 
ATOM   1181 C CB  . LYS A 1 172 ? -10.264 -2.716  -20.399 1.00 68.01  ? 172 LYS A CB  1 
ATOM   1182 C CG  . LYS A 1 172 ? -9.591  -1.687  -19.507 1.00 74.20  ? 172 LYS A CG  1 
ATOM   1183 C CD  . LYS A 1 172 ? -8.199  -1.379  -20.057 1.00 82.61  ? 172 LYS A CD  1 
ATOM   1184 C CE  . LYS A 1 172 ? -7.355  -0.509  -19.124 1.00 89.17  ? 172 LYS A CE  1 
ATOM   1185 N NZ  . LYS A 1 172 ? -6.863  -1.250  -17.918 1.00 94.75  ? 172 LYS A NZ  1 
ATOM   1186 N N   . ALA A 1 173 ? -12.247 -4.943  -21.355 1.00 65.32  ? 173 ALA A N   1 
ATOM   1187 C CA  . ALA A 1 173 ? -12.760 -5.775  -22.429 1.00 69.15  ? 173 ALA A CA  1 
ATOM   1188 C C   . ALA A 1 173 ? -14.234 -5.447  -22.682 1.00 70.47  ? 173 ALA A C   1 
ATOM   1189 O O   . ALA A 1 173 ? -14.602 -5.067  -23.800 1.00 76.04  ? 173 ALA A O   1 
ATOM   1190 C CB  . ALA A 1 173 ? -12.592 -7.257  -22.090 1.00 67.76  ? 173 ALA A CB  1 
ATOM   1191 N N   . ALA A 1 174 ? -15.055 -5.554  -21.623 1.00 67.58  ? 174 ALA A N   1 
ATOM   1192 C CA  . ALA A 1 174 ? -16.489 -5.300  -21.716 1.00 63.57  ? 174 ALA A CA  1 
ATOM   1193 C C   . ALA A 1 174 ? -16.825 -3.836  -22.071 1.00 65.45  ? 174 ALA A C   1 
ATOM   1194 O O   . ALA A 1 174 ? -17.884 -3.551  -22.627 1.00 69.65  ? 174 ALA A O   1 
ATOM   1195 C CB  . ALA A 1 174 ? -17.165 -5.706  -20.409 1.00 58.50  ? 174 ALA A CB  1 
ATOM   1196 N N   . ASN A 1 175 ? -15.945 -2.900  -21.771 1.00 67.50  ? 175 ASN A N   1 
ATOM   1197 C CA  . ASN A 1 175 ? -16.237 -1.509  -22.077 1.00 69.06  ? 175 ASN A CA  1 
ATOM   1198 C C   . ASN A 1 175 ? -15.097 -0.857  -22.827 1.00 75.23  ? 175 ASN A C   1 
ATOM   1199 O O   . ASN A 1 175 ? -14.408 0.019   -22.299 1.00 77.32  ? 175 ASN A O   1 
ATOM   1200 C CB  . ASN A 1 175 ? -16.538 -0.736  -20.796 1.00 67.17  ? 175 ASN A CB  1 
ATOM   1201 C CG  . ASN A 1 175 ? -17.600 -1.414  -19.968 1.00 67.94  ? 175 ASN A CG  1 
ATOM   1202 O OD1 . ASN A 1 175 ? -17.324 -1.947  -18.903 1.00 74.89  ? 175 ASN A OD1 1 
ATOM   1203 N ND2 . ASN A 1 175 ? -18.815 -1.429  -20.455 1.00 70.49  ? 175 ASN A ND2 1 
ATOM   1204 N N   . PRO A 1 176 ? -14.895 -1.255  -24.097 1.00 80.85  ? 176 PRO A N   1 
ATOM   1205 C CA  . PRO A 1 176 ? -13.825 -0.706  -24.951 1.00 84.46  ? 176 PRO A CA  1 
ATOM   1206 C C   . PRO A 1 176 ? -14.151 0.718   -25.419 1.00 88.35  ? 176 PRO A C   1 
ATOM   1207 O O   . PRO A 1 176 ? -13.388 1.327   -26.180 1.00 91.74  ? 176 PRO A O   1 
ATOM   1208 C CB  . PRO A 1 176 ? -13.783 -1.699  -26.104 1.00 83.16  ? 176 PRO A CB  1 
ATOM   1209 C CG  . PRO A 1 176 ? -15.220 -2.062  -26.244 1.00 82.68  ? 176 PRO A CG  1 
ATOM   1210 C CD  . PRO A 1 176 ? -15.688 -2.269  -24.832 1.00 81.30  ? 176 PRO A CD  1 
ATOM   1211 N N   . ASP A 1 177 ? -15.296 1.233   -24.954 1.00 89.78  ? 177 ASP A N   1 
ATOM   1212 C CA  . ASP A 1 177 ? -15.763 2.583   -25.308 1.00 90.01  ? 177 ASP A CA  1 
ATOM   1213 C C   . ASP A 1 177 ? -15.318 3.625   -24.264 1.00 87.36  ? 177 ASP A C   1 
ATOM   1214 O O   . ASP A 1 177 ? -15.715 4.814   -24.308 1.00 86.68  ? 177 ASP A O   1 
ATOM   1215 C CB  . ASP A 1 177 ? -17.307 2.574   -25.458 1.00 94.79  ? 177 ASP A CB  1 
ATOM   1216 C CG  . ASP A 1 177 ? -18.047 1.617   -24.508 1.00 98.42  ? 177 ASP A CG  1 
ATOM   1217 O OD1 . ASP A 1 177 ? -17.940 0.380   -24.696 1.00 99.00  ? 177 ASP A OD1 1 
ATOM   1218 O OD2 . ASP A 1 177 ? -18.752 2.103   -23.584 1.00 100.38 ? 177 ASP A OD2 1 
ATOM   1219 N N   . ILE A 1 178 ? -14.482 3.148   -23.335 1.00 82.58  ? 178 ILE A N   1 
ATOM   1220 C CA  . ILE A 1 178 ? -13.979 3.944   -22.232 1.00 73.85  ? 178 ILE A CA  1 
ATOM   1221 C C   . ILE A 1 178 ? -12.456 3.837   -22.176 1.00 70.61  ? 178 ILE A C   1 
ATOM   1222 O O   . ILE A 1 178 ? -11.897 2.742   -22.310 1.00 71.61  ? 178 ILE A O   1 
ATOM   1223 C CB  . ILE A 1 178 ? -14.548 3.413   -20.899 1.00 70.14  ? 178 ILE A CB  1 
ATOM   1224 C CG1 . ILE A 1 178 ? -16.071 3.437   -20.922 1.00 67.66  ? 178 ILE A CG1 1 
ATOM   1225 C CG2 . ILE A 1 178 ? -14.031 4.244   -19.753 1.00 70.85  ? 178 ILE A CG2 1 
ATOM   1226 C CD1 . ILE A 1 178 ? -16.698 2.652   -19.796 1.00 69.65  ? 178 ILE A CD1 1 
ATOM   1227 N N   . VAL A 1 179 ? -11.789 4.963   -22.005 1.00 64.74  ? 179 VAL A N   1 
ATOM   1228 C CA  . VAL A 1 179 ? -10.342 4.965   -21.869 1.00 61.48  ? 179 VAL A CA  1 
ATOM   1229 C C   . VAL A 1 179 ? -9.965  5.020   -20.389 1.00 60.20  ? 179 VAL A C   1 
ATOM   1230 O O   . VAL A 1 179 ? -10.151 6.051   -19.725 1.00 62.90  ? 179 VAL A O   1 
ATOM   1231 C CB  . VAL A 1 179 ? -9.710  6.169   -22.624 1.00 60.25  ? 179 VAL A CB  1 
ATOM   1232 C CG1 . VAL A 1 179 ? -8.252  6.386   -22.212 1.00 60.92  ? 179 VAL A CG1 1 
ATOM   1233 C CG2 . VAL A 1 179 ? -9.794  5.917   -24.116 1.00 63.52  ? 179 VAL A CG2 1 
ATOM   1234 N N   . ILE A 1 180 ? -9.492  3.903   -19.852 1.00 55.20  ? 180 ILE A N   1 
ATOM   1235 C CA  . ILE A 1 180 ? -9.048  3.894   -18.472 1.00 50.01  ? 180 ILE A CA  1 
ATOM   1236 C C   . ILE A 1 180 ? -7.536  3.985   -18.464 1.00 49.70  ? 180 ILE A C   1 
ATOM   1237 O O   . ILE A 1 180 ? -6.848  3.125   -19.024 1.00 51.01  ? 180 ILE A O   1 
ATOM   1238 C CB  . ILE A 1 180 ? -9.486  2.623   -17.717 1.00 46.58  ? 180 ILE A CB  1 
ATOM   1239 C CG1 . ILE A 1 180 ? -10.967 2.356   -17.928 1.00 41.42  ? 180 ILE A CG1 1 
ATOM   1240 C CG2 . ILE A 1 180 ? -9.202  2.797   -16.234 1.00 43.80  ? 180 ILE A CG2 1 
ATOM   1241 C CD1 . ILE A 1 180 ? -11.451 1.102   -17.239 1.00 46.64  ? 180 ILE A CD1 1 
ATOM   1242 N N   . TYR A 1 181 ? -7.021  5.021   -17.856 1.00 47.07  ? 181 TYR A N   1 
ATOM   1243 C CA  . TYR A 1 181 ? -5.597  5.224   -17.825 1.00 46.46  ? 181 TYR A CA  1 
ATOM   1244 C C   . TYR A 1 181 ? -5.157  5.477   -16.404 1.00 43.89  ? 181 TYR A C   1 
ATOM   1245 O O   . TYR A 1 181 ? -5.823  6.174   -15.666 1.00 43.08  ? 181 TYR A O   1 
ATOM   1246 C CB  . TYR A 1 181 ? -5.239  6.407   -18.753 1.00 55.59  ? 181 TYR A CB  1 
ATOM   1247 C CG  . TYR A 1 181 ? -3.937  7.099   -18.407 1.00 69.64  ? 181 TYR A CG  1 
ATOM   1248 C CD1 . TYR A 1 181 ? -2.712  6.456   -18.576 1.00 77.66  ? 181 TYR A CD1 1 
ATOM   1249 C CD2 . TYR A 1 181 ? -3.934  8.373   -17.832 1.00 75.82  ? 181 TYR A CD2 1 
ATOM   1250 C CE1 . TYR A 1 181 ? -1.519  7.060   -18.181 1.00 82.52  ? 181 TYR A CE1 1 
ATOM   1251 C CE2 . TYR A 1 181 ? -2.752  8.987   -17.432 1.00 80.62  ? 181 TYR A CE2 1 
ATOM   1252 C CZ  . TYR A 1 181 ? -1.546  8.326   -17.603 1.00 84.03  ? 181 TYR A CZ  1 
ATOM   1253 O OH  . TYR A 1 181 ? -0.373  8.936   -17.221 1.00 84.49  ? 181 TYR A OH  1 
ATOM   1254 N N   . GLN A 1 182 ? -4.050  4.911   -15.999 1.00 48.12  ? 182 GLN A N   1 
ATOM   1255 C CA  . GLN A 1 182 ? -3.590  5.145   -14.655 1.00 52.34  ? 182 GLN A CA  1 
ATOM   1256 C C   . GLN A 1 182 ? -2.279  5.933   -14.609 1.00 56.83  ? 182 GLN A C   1 
ATOM   1257 O O   . GLN A 1 182 ? -1.282  5.537   -15.190 1.00 57.53  ? 182 GLN A O   1 
ATOM   1258 C CB  . GLN A 1 182 ? -3.398  3.827   -13.882 1.00 51.69  ? 182 GLN A CB  1 
ATOM   1259 C CG  . GLN A 1 182 ? -3.366  4.034   -12.357 1.00 57.32  ? 182 GLN A CG  1 
ATOM   1260 C CD  . GLN A 1 182 ? -2.691  2.921   -11.565 1.00 52.09  ? 182 GLN A CD  1 
ATOM   1261 O OE1 . GLN A 1 182 ? -1.966  3.197   -10.599 1.00 50.57  ? 182 GLN A OE1 1 
ATOM   1262 N NE2 . GLN A 1 182 ? -2.917  1.668   -11.947 1.00 49.43  ? 182 GLN A NE2 1 
ATOM   1263 N N   . TYR A 1 183 ? -2.331  7.069   -13.973 1.00 65.58  ? 183 TYR A N   1 
ATOM   1264 C CA  . TYR A 1 183 ? -1.139  7.771   -13.551 1.00 74.39  ? 183 TYR A CA  1 
ATOM   1265 C C   . TYR A 1 183 ? -1.102  7.333   -12.093 1.00 77.63  ? 183 TYR A C   1 
ATOM   1266 O O   . TYR A 1 183 ? -2.152  7.326   -11.464 1.00 87.48  ? 183 TYR A O   1 
ATOM   1267 C CB  . TYR A 1 183 ? -1.381  9.264   -13.684 1.00 84.84  ? 183 TYR A CB  1 
ATOM   1268 C CG  . TYR A 1 183 ? -0.193  10.098  -14.122 1.00 97.99  ? 183 TYR A CG  1 
ATOM   1269 C CD1 . TYR A 1 183 ? 0.865   9.561   -14.867 1.00 102.76 ? 183 TYR A CD1 1 
ATOM   1270 C CD2 . TYR A 1 183 ? -0.143  11.461  -13.802 1.00 104.63 ? 183 TYR A CD2 1 
ATOM   1271 C CE1 . TYR A 1 183 ? 1.935   10.362  -15.282 1.00 109.53 ? 183 TYR A CE1 1 
ATOM   1272 C CE2 . TYR A 1 183 ? 0.915   12.266  -14.207 1.00 109.47 ? 183 TYR A CE2 1 
ATOM   1273 C CZ  . TYR A 1 183 ? 1.956   11.718  -14.939 1.00 111.54 ? 183 TYR A CZ  1 
ATOM   1274 O OH  . TYR A 1 183 ? 3.007   12.528  -15.328 1.00 111.82 ? 183 TYR A OH  1 
ATOM   1275 N N   . MET A 1 184 ? 0.023   6.947   -11.537 1.00 77.26  ? 184 MET A N   1 
ATOM   1276 C CA  . MET A 1 184 ? -0.031  6.286   -10.213 1.00 78.27  ? 184 MET A CA  1 
ATOM   1277 C C   . MET A 1 184 ? -0.863  7.026   -9.191  1.00 71.69  ? 184 MET A C   1 
ATOM   1278 O O   . MET A 1 184 ? -0.808  8.259   -9.120  1.00 73.95  ? 184 MET A O   1 
ATOM   1279 C CB  . MET A 1 184 ? 1.367   6.002   -9.658  1.00 92.72  ? 184 MET A CB  1 
ATOM   1280 C CG  . MET A 1 184 ? 2.037   7.143   -8.918  1.00 102.09 ? 184 MET A CG  1 
ATOM   1281 S SD  . MET A 1 184 ? 3.565   6.596   -8.126  1.00 113.94 ? 184 MET A SD  1 
ATOM   1282 C CE  . MET A 1 184 ? 4.655   6.490   -9.548  1.00 108.26 ? 184 MET A CE  1 
ATOM   1283 N N   . ASP A 1 185 ? -1.631  6.246   -8.420  1.00 63.67  ? 185 ASP A N   1 
ATOM   1284 C CA  . ASP A 1 185 ? -2.535  6.764   -7.376  1.00 58.13  ? 185 ASP A CA  1 
ATOM   1285 C C   . ASP A 1 185 ? -3.864  7.266   -7.918  1.00 49.54  ? 185 ASP A C   1 
ATOM   1286 O O   . ASP A 1 185 ? -4.794  7.397   -7.133  1.00 48.87  ? 185 ASP A O   1 
ATOM   1287 C CB  . ASP A 1 185 ? -1.905  7.888   -6.536  1.00 64.62  ? 185 ASP A CB  1 
ATOM   1288 C CG  . ASP A 1 185 ? -1.055  7.405   -5.365  1.00 71.52  ? 185 ASP A CG  1 
ATOM   1289 O OD1 . ASP A 1 185 ? -0.205  6.497   -5.582  1.00 72.02  ? 185 ASP A OD1 1 
ATOM   1290 O OD2 . ASP A 1 185 ? -1.225  7.953   -4.227  1.00 68.25  ? 185 ASP A OD2 1 
ATOM   1291 N N   . ASP A 1 186 ? -3.945  7.563   -9.219  1.00 41.81  ? 186 ASP A N   1 
ATOM   1292 C CA  . ASP A 1 186 ? -5.167  8.101   -9.826  1.00 37.45  ? 186 ASP A CA  1 
ATOM   1293 C C   . ASP A 1 186 ? -5.567  7.270   -10.978 1.00 32.72  ? 186 ASP A C   1 
ATOM   1294 O O   . ASP A 1 186 ? -4.753  6.870   -11.772 1.00 33.54  ? 186 ASP A O   1 
ATOM   1295 C CB  . ASP A 1 186 ? -4.962  9.513   -10.396 1.00 33.32  ? 186 ASP A CB  1 
ATOM   1296 C CG  . ASP A 1 186 ? -4.595  10.544  -9.369  1.00 40.49  ? 186 ASP A CG  1 
ATOM   1297 O OD1 . ASP A 1 186 ? -5.259  10.616  -8.300  1.00 38.87  ? 186 ASP A OD1 1 
ATOM   1298 O OD2 . ASP A 1 186 ? -3.639  11.304  -9.637  1.00 43.55  ? 186 ASP A OD2 1 
ATOM   1299 N N   . LEU A 1 187 ? -6.839  6.997   -11.073 1.00 34.78  ? 187 LEU A N   1 
ATOM   1300 C CA  . LEU A 1 187 ? -7.362  6.305   -12.211 1.00 35.23  ? 187 LEU A CA  1 
ATOM   1301 C C   . LEU A 1 187 ? -8.102  7.356   -13.045 1.00 38.42  ? 187 LEU A C   1 
ATOM   1302 O O   . LEU A 1 187 ? -8.953  8.091   -12.531 1.00 41.45  ? 187 LEU A O   1 
ATOM   1303 C CB  . LEU A 1 187 ? -8.288  5.191   -11.707 1.00 31.79  ? 187 LEU A CB  1 
ATOM   1304 C CG  . LEU A 1 187 ? -8.403  3.939   -12.563 1.00 34.43  ? 187 LEU A CG  1 
ATOM   1305 C CD1 . LEU A 1 187 ? -7.026  3.420   -12.957 1.00 28.96  ? 187 LEU A CD1 1 
ATOM   1306 C CD2 . LEU A 1 187 ? -9.173  2.892   -11.796 1.00 33.07  ? 187 LEU A CD2 1 
ATOM   1307 N N   . TYR A 1 188 ? -7.726  7.495   -14.297 1.00 38.48  ? 188 TYR A N   1 
ATOM   1308 C CA  . TYR A 1 188 ? -8.350  8.477   -15.171 1.00 35.70  ? 188 TYR A CA  1 
ATOM   1309 C C   . TYR A 1 188 ? -9.318  7.765   -16.087 1.00 38.75  ? 188 TYR A C   1 
ATOM   1310 O O   . TYR A 1 188 ? -8.917  6.894   -16.870 1.00 35.70  ? 188 TYR A O   1 
ATOM   1311 C CB  . TYR A 1 188 ? -7.291  9.210   -16.013 1.00 34.96  ? 188 TYR A CB  1 
ATOM   1312 C CG  . TYR A 1 188 ? -6.404  10.159  -15.226 1.00 36.29  ? 188 TYR A CG  1 
ATOM   1313 C CD1 . TYR A 1 188 ? -5.218  9.727   -14.623 1.00 38.19  ? 188 TYR A CD1 1 
ATOM   1314 C CD2 . TYR A 1 188 ? -6.767  11.492  -15.060 1.00 42.40  ? 188 TYR A CD2 1 
ATOM   1315 C CE1 . TYR A 1 188 ? -4.431  10.601  -13.884 1.00 36.14  ? 188 TYR A CE1 1 
ATOM   1316 C CE2 . TYR A 1 188 ? -5.987  12.372  -14.321 1.00 40.17  ? 188 TYR A CE2 1 
ATOM   1317 C CZ  . TYR A 1 188 ? -4.827  11.923  -13.733 1.00 38.04  ? 188 TYR A CZ  1 
ATOM   1318 O OH  . TYR A 1 188 ? -4.068  12.789  -12.981 1.00 42.66  ? 188 TYR A OH  1 
ATOM   1319 N N   . VAL A 1 189 ? -10.589 8.106   -15.980 1.00 38.15  ? 189 VAL A N   1 
ATOM   1320 C CA  . VAL A 1 189 ? -11.597 7.470   -16.817 1.00 38.57  ? 189 VAL A CA  1 
ATOM   1321 C C   . VAL A 1 189 ? -12.255 8.480   -17.738 1.00 38.85  ? 189 VAL A C   1 
ATOM   1322 O O   . VAL A 1 189 ? -12.828 9.481   -17.288 1.00 36.96  ? 189 VAL A O   1 
ATOM   1323 C CB  . VAL A 1 189 ? -12.695 6.772   -15.998 1.00 38.83  ? 189 VAL A CB  1 
ATOM   1324 C CG1 . VAL A 1 189 ? -13.379 5.757   -16.879 1.00 31.52  ? 189 VAL A CG1 1 
ATOM   1325 C CG2 . VAL A 1 189 ? -12.121 6.099   -14.755 1.00 37.12  ? 189 VAL A CG2 1 
ATOM   1326 N N   . GLY A 1 190 ? -12.180 8.218   -19.017 1.00 39.76  ? 190 GLY A N   1 
ATOM   1327 C CA  . GLY A 1 190 ? -12.766 9.120   -19.973 1.00 41.74  ? 190 GLY A CA  1 
ATOM   1328 C C   . GLY A 1 190 ? -13.612 8.397   -20.981 1.00 44.19  ? 190 GLY A C   1 
ATOM   1329 O O   . GLY A 1 190 ? -13.380 7.228   -21.282 1.00 38.74  ? 190 GLY A O   1 
ATOM   1330 N N   . SER A 1 191 ? -14.624 9.079   -21.463 1.00 52.26  ? 191 SER A N   1 
ATOM   1331 C CA  . SER A 1 191 ? -15.495 8.534   -22.505 1.00 58.89  ? 191 SER A CA  1 
ATOM   1332 C C   . SER A 1 191 ? -16.281 9.685   -23.120 1.00 61.22  ? 191 SER A C   1 
ATOM   1333 O O   . SER A 1 191 ? -16.353 10.772  -22.534 1.00 59.33  ? 191 SER A O   1 
ATOM   1334 C CB  . SER A 1 191 ? -16.469 7.487   -21.936 1.00 56.82  ? 191 SER A CB  1 
ATOM   1335 O OG  . SER A 1 191 ? -17.472 8.092   -21.128 1.00 54.03  ? 191 SER A OG  1 
ATOM   1336 N N   . ASP A 1 192 ? -16.842 9.467   -24.294 1.00 65.72  ? 192 ASP A N   1 
ATOM   1337 C CA  . ASP A 1 192 ? -17.650 10.502  -24.915 1.00 72.91  ? 192 ASP A CA  1 
ATOM   1338 C C   . ASP A 1 192 ? -19.142 10.288  -24.642 1.00 73.50  ? 192 ASP A C   1 
ATOM   1339 O O   . ASP A 1 192 ? -20.004 10.919  -25.269 1.00 79.05  ? 192 ASP A O   1 
ATOM   1340 C CB  . ASP A 1 192 ? -17.356 10.574  -26.413 1.00 82.31  ? 192 ASP A CB  1 
ATOM   1341 C CG  . ASP A 1 192 ? -15.955 11.111  -26.686 1.00 87.77  ? 192 ASP A CG  1 
ATOM   1342 O OD1 . ASP A 1 192 ? -15.670 12.268  -26.287 1.00 90.29  ? 192 ASP A OD1 1 
ATOM   1343 O OD2 . ASP A 1 192 ? -15.137 10.374  -27.292 1.00 92.17  ? 192 ASP A OD2 1 
ATOM   1344 N N   . LEU A 1 193 ? -19.425 9.392   -23.685 1.00 69.47  ? 193 LEU A N   1 
ATOM   1345 C CA  . LEU A 1 193 ? -20.783 9.147   -23.230 1.00 65.36  ? 193 LEU A CA  1 
ATOM   1346 C C   . LEU A 1 193 ? -21.347 10.405  -22.589 1.00 65.65  ? 193 LEU A C   1 
ATOM   1347 O O   . LEU A 1 193 ? -20.610 11.235  -22.029 1.00 62.05  ? 193 LEU A O   1 
ATOM   1348 C CB  . LEU A 1 193 ? -20.818 8.063   -22.146 1.00 65.05  ? 193 LEU A CB  1 
ATOM   1349 C CG  . LEU A 1 193 ? -20.337 6.666   -22.487 1.00 63.55  ? 193 LEU A CG  1 
ATOM   1350 C CD1 . LEU A 1 193 ? -20.209 5.857   -21.213 1.00 67.34  ? 193 LEU A CD1 1 
ATOM   1351 C CD2 . LEU A 1 193 ? -21.309 5.989   -23.423 1.00 65.37  ? 193 LEU A CD2 1 
ATOM   1352 N N   . ALA A 1 194 ? -22.657 10.531  -22.633 1.00 66.87  ? 194 ALA A N   1 
ATOM   1353 C CA  . ALA A 1 194 ? -23.295 11.634  -21.961 1.00 67.79  ? 194 ALA A CA  1 
ATOM   1354 C C   . ALA A 1 194 ? -23.038 11.501  -20.466 1.00 64.14  ? 194 ALA A C   1 
ATOM   1355 O O   . ALA A 1 194 ? -22.809 10.394  -19.965 1.00 66.53  ? 194 ALA A O   1 
ATOM   1356 C CB  . ALA A 1 194 ? -24.783 11.630  -22.261 1.00 75.05  ? 194 ALA A CB  1 
ATOM   1357 N N   . ILE A 1 195 ? -23.103 12.617  -19.766 1.00 60.65  ? 195 ILE A N   1 
ATOM   1358 C CA  . ILE A 1 195 ? -22.782 12.662  -18.350 1.00 59.01  ? 195 ILE A CA  1 
ATOM   1359 C C   . ILE A 1 195 ? -23.488 11.578  -17.525 1.00 56.41  ? 195 ILE A C   1 
ATOM   1360 O O   . ILE A 1 195 ? -22.958 11.140  -16.517 1.00 59.34  ? 195 ILE A O   1 
ATOM   1361 C CB  . ILE A 1 195 ? -23.096 14.059  -17.753 1.00 61.84  ? 195 ILE A CB  1 
ATOM   1362 C CG1 . ILE A 1 195 ? -22.400 15.164  -18.570 1.00 66.72  ? 195 ILE A CG1 1 
ATOM   1363 C CG2 . ILE A 1 195 ? -22.626 14.123  -16.298 1.00 66.51  ? 195 ILE A CG2 1 
ATOM   1364 C CD1 . ILE A 1 195 ? -23.178 15.652  -19.779 1.00 66.67  ? 195 ILE A CD1 1 
ATOM   1365 N N   . GLY A 1 196 ? -24.649 11.126  -17.957 1.00 53.97  ? 196 GLY A N   1 
ATOM   1366 C CA  . GLY A 1 196 ? -25.365 10.119  -17.195 1.00 48.95  ? 196 GLY A CA  1 
ATOM   1367 C C   . GLY A 1 196 ? -24.898 8.704   -17.464 1.00 48.73  ? 196 GLY A C   1 
ATOM   1368 O O   . GLY A 1 196 ? -24.716 7.939   -16.527 1.00 47.08  ? 196 GLY A O   1 
ATOM   1369 N N   . ALA A 1 197 ? -24.723 8.337   -18.747 1.00 49.71  ? 197 ALA A N   1 
ATOM   1370 C CA  . ALA A 1 197 ? -24.264 6.983   -19.098 1.00 50.72  ? 197 ALA A CA  1 
ATOM   1371 C C   . ALA A 1 197 ? -22.777 6.796   -18.763 1.00 53.80  ? 197 ALA A C   1 
ATOM   1372 O O   . ALA A 1 197 ? -22.302 5.669   -18.596 1.00 55.52  ? 197 ALA A O   1 
ATOM   1373 C CB  . ALA A 1 197 ? -24.521 6.689   -20.571 1.00 51.10  ? 197 ALA A CB  1 
ATOM   1374 N N   . HIS A 1 198 ? -22.036 7.906   -18.692 1.00 52.90  ? 198 HIS A N   1 
ATOM   1375 C CA  . HIS A 1 198 ? -20.640 7.864   -18.272 1.00 52.49  ? 198 HIS A CA  1 
ATOM   1376 C C   . HIS A 1 198 ? -20.544 7.636   -16.734 1.00 52.72  ? 198 HIS A C   1 
ATOM   1377 O O   . HIS A 1 198 ? -19.768 6.804   -16.272 1.00 55.41  ? 198 HIS A O   1 
ATOM   1378 C CB  . HIS A 1 198 ? -19.924 9.178   -18.674 1.00 50.16  ? 198 HIS A CB  1 
ATOM   1379 C CG  . HIS A 1 198 ? -18.570 9.365   -18.035 1.00 49.53  ? 198 HIS A CG  1 
ATOM   1380 N ND1 . HIS A 1 198 ? -17.397 8.841   -18.555 1.00 45.47  ? 198 HIS A ND1 1 
ATOM   1381 C CD2 . HIS A 1 198 ? -18.197 9.993   -16.879 1.00 43.96  ? 198 HIS A CD2 1 
ATOM   1382 C CE1 . HIS A 1 198 ? -16.364 9.122   -17.791 1.00 46.40  ? 198 HIS A CE1 1 
ATOM   1383 N NE2 . HIS A 1 198 ? -16.839 9.815   -16.776 1.00 46.05  ? 198 HIS A NE2 1 
ATOM   1384 N N   . ARG A 1 199 ? -21.341 8.389   -15.968 1.00 49.60  ? 199 ARG A N   1 
ATOM   1385 C CA  . ARG A 1 199 ? -21.374 8.291   -14.505 1.00 47.29  ? 199 ARG A CA  1 
ATOM   1386 C C   . ARG A 1 199 ? -21.784 6.915   -14.044 1.00 47.21  ? 199 ARG A C   1 
ATOM   1387 O O   . ARG A 1 199 ? -21.414 6.469   -12.954 1.00 48.82  ? 199 ARG A O   1 
ATOM   1388 C CB  . ARG A 1 199 ? -22.390 9.267   -13.974 1.00 55.45  ? 199 ARG A CB  1 
ATOM   1389 C CG  . ARG A 1 199 ? -22.460 9.333   -12.475 1.00 63.15  ? 199 ARG A CG  1 
ATOM   1390 C CD  . ARG A 1 199 ? -21.678 10.536  -11.959 1.00 74.42  ? 199 ARG A CD  1 
ATOM   1391 N NE  . ARG A 1 199 ? -21.701 10.600  -10.504 1.00 75.34  ? 199 ARG A NE  1 
ATOM   1392 C CZ  . ARG A 1 199 ? -21.250 9.608   -9.758  1.00 75.73  ? 199 ARG A CZ  1 
ATOM   1393 N NH1 . ARG A 1 199 ? -20.727 8.526   -10.345 1.00 76.18  ? 199 ARG A NH1 1 
ATOM   1394 N NH2 . ARG A 1 199 ? -21.303 9.696   -8.432  1.00 76.76  ? 199 ARG A NH2 1 
ATOM   1395 N N   . THR A 1 200 ? -22.620 6.297   -14.845 1.00 46.11  ? 200 THR A N   1 
ATOM   1396 C CA  . THR A 1 200 ? -23.075 4.936   -14.603 1.00 48.15  ? 200 THR A CA  1 
ATOM   1397 C C   . THR A 1 200 ? -21.913 3.936   -14.809 1.00 45.76  ? 200 THR A C   1 
ATOM   1398 O O   . THR A 1 200 ? -21.782 2.937   -14.075 1.00 42.71  ? 200 THR A O   1 
ATOM   1399 C CB  . THR A 1 200 ? -24.237 4.623   -15.576 1.00 49.31  ? 200 THR A CB  1 
ATOM   1400 O OG1 . THR A 1 200 ? -25.426 5.282   -15.111 1.00 52.64  ? 200 THR A OG1 1 
ATOM   1401 C CG2 . THR A 1 200 ? -24.472 3.127   -15.705 1.00 51.19  ? 200 THR A CG2 1 
ATOM   1402 N N   . LYS A 1 201 ? -21.087 4.223   -15.820 1.00 42.52  ? 201 LYS A N   1 
ATOM   1403 C CA  . LYS A 1 201 ? -19.922 3.425   -16.100 1.00 38.23  ? 201 LYS A CA  1 
ATOM   1404 C C   . LYS A 1 201 ? -18.910 3.556   -15.002 1.00 35.48  ? 201 LYS A C   1 
ATOM   1405 O O   . LYS A 1 201 ? -18.314 2.585   -14.602 1.00 41.49  ? 201 LYS A O   1 
ATOM   1406 C CB  . LYS A 1 201 ? -19.328 3.821   -17.430 1.00 40.83  ? 201 LYS A CB  1 
ATOM   1407 C CG  . LYS A 1 201 ? -19.985 3.063   -18.561 1.00 47.44  ? 201 LYS A CG  1 
ATOM   1408 C CD  . LYS A 1 201 ? -20.062 1.580   -18.201 1.00 55.31  ? 201 LYS A CD  1 
ATOM   1409 C CE  . LYS A 1 201 ? -20.687 0.749   -19.300 1.00 60.32  ? 201 LYS A CE  1 
ATOM   1410 N NZ  . LYS A 1 201 ? -19.956 0.924   -20.583 1.00 71.96  ? 201 LYS A NZ  1 
ATOM   1411 N N   . ILE A 1 202 ? -18.752 4.748   -14.484 1.00 33.60  ? 202 ILE A N   1 
ATOM   1412 C CA  . ILE A 1 202 ? -17.857 4.954   -13.375 1.00 34.32  ? 202 ILE A CA  1 
ATOM   1413 C C   . ILE A 1 202 ? -18.307 4.113   -12.184 1.00 37.36  ? 202 ILE A C   1 
ATOM   1414 O O   . ILE A 1 202 ? -17.490 3.584   -11.435 1.00 42.95  ? 202 ILE A O   1 
ATOM   1415 C CB  . ILE A 1 202 ? -17.818 6.449   -12.964 1.00 31.70  ? 202 ILE A CB  1 
ATOM   1416 C CG1 . ILE A 1 202 ? -17.298 7.288   -14.119 1.00 29.14  ? 202 ILE A CG1 1 
ATOM   1417 C CG2 . ILE A 1 202 ? -16.958 6.656   -11.728 1.00 35.21  ? 202 ILE A CG2 1 
ATOM   1418 C CD1 . ILE A 1 202 ? -16.063 6.741   -14.775 1.00 32.34  ? 202 ILE A CD1 1 
ATOM   1419 N N   . GLU A 1 203 ? -19.609 3.963   -12.031 1.00 40.44  ? 203 GLU A N   1 
ATOM   1420 C CA  . GLU A 1 203 ? -20.155 3.232   -10.899 1.00 38.20  ? 203 GLU A CA  1 
ATOM   1421 C C   . GLU A 1 203 ? -20.021 1.736   -11.051 1.00 37.91  ? 203 GLU A C   1 
ATOM   1422 O O   . GLU A 1 203 ? -19.859 1.030   -10.048 1.00 38.59  ? 203 GLU A O   1 
ATOM   1423 C CB  . GLU A 1 203 ? -21.607 3.620   -10.685 1.00 42.24  ? 203 GLU A CB  1 
ATOM   1424 C CG  . GLU A 1 203 ? -21.762 5.054   -10.212 1.00 48.88  ? 203 GLU A CG  1 
ATOM   1425 C CD  . GLU A 1 203 ? -21.050 5.301   -8.891  1.00 50.81  ? 203 GLU A CD  1 
ATOM   1426 O OE1 . GLU A 1 203 ? -20.908 4.335   -8.101  1.00 56.33  ? 203 GLU A OE1 1 
ATOM   1427 O OE2 . GLU A 1 203 ? -20.635 6.462   -8.634  1.00 46.72  ? 203 GLU A OE2 1 
ATOM   1428 N N   . GLU A 1 204 ? -20.118 1.252   -12.288 1.00 36.97  ? 204 GLU A N   1 
ATOM   1429 C CA  . GLU A 1 204 ? -19.900 -0.162  -12.559 1.00 37.92  ? 204 GLU A CA  1 
ATOM   1430 C C   . GLU A 1 204 ? -18.438 -0.494  -12.323 1.00 39.43  ? 204 GLU A C   1 
ATOM   1431 O O   . GLU A 1 204 ? -18.111 -1.590  -11.877 1.00 42.81  ? 204 GLU A O   1 
ATOM   1432 C CB  . GLU A 1 204 ? -20.252 -0.502  -13.995 1.00 44.88  ? 204 GLU A CB  1 
ATOM   1433 C CG  . GLU A 1 204 ? -21.712 -0.282  -14.348 1.00 58.08  ? 204 GLU A CG  1 
ATOM   1434 C CD  . GLU A 1 204 ? -22.080 -0.834  -15.724 1.00 64.42  ? 204 GLU A CD  1 
ATOM   1435 O OE1 . GLU A 1 204 ? -21.179 -0.971  -16.595 1.00 64.09  ? 204 GLU A OE1 1 
ATOM   1436 O OE2 . GLU A 1 204 ? -23.280 -1.136  -15.933 1.00 73.29  ? 204 GLU A OE2 1 
ATOM   1437 N N   . LEU A 1 205 ? -17.558 0.465   -12.652 1.00 39.93  ? 205 LEU A N   1 
ATOM   1438 C CA  . LEU A 1 205 ? -16.132 0.319   -12.397 1.00 33.71  ? 205 LEU A CA  1 
ATOM   1439 C C   . LEU A 1 205 ? -15.880 0.204   -10.902 1.00 32.64  ? 205 LEU A C   1 
ATOM   1440 O O   . LEU A 1 205 ? -15.257 -0.743  -10.457 1.00 36.20  ? 205 LEU A O   1 
ATOM   1441 C CB  . LEU A 1 205 ? -15.351 1.514   -12.960 1.00 31.25  ? 205 LEU A CB  1 
ATOM   1442 C CG  . LEU A 1 205 ? -13.850 1.546   -12.648 1.00 33.84  ? 205 LEU A CG  1 
ATOM   1443 C CD1 . LEU A 1 205 ? -13.162 0.318   -13.231 1.00 31.35  ? 205 LEU A CD1 1 
ATOM   1444 C CD2 . LEU A 1 205 ? -13.230 2.815   -13.185 1.00 30.65  ? 205 LEU A CD2 1 
ATOM   1445 N N   . ARG A 1 206 ? -16.385 1.155   -10.134 1.00 29.21  ? 206 ARG A N   1 
ATOM   1446 C CA  . ARG A 1 206 ? -16.208 1.140   -8.692  1.00 30.89  ? 206 ARG A CA  1 
ATOM   1447 C C   . ARG A 1 206 ? -16.669 -0.165  -8.061  1.00 36.56  ? 206 ARG A C   1 
ATOM   1448 O O   . ARG A 1 206 ? -16.036 -0.652  -7.126  1.00 37.85  ? 206 ARG A O   1 
ATOM   1449 C CB  . ARG A 1 206 ? -16.959 2.300   -8.057  1.00 31.26  ? 206 ARG A CB  1 
ATOM   1450 C CG  . ARG A 1 206 ? -16.489 3.652   -8.548  1.00 35.32  ? 206 ARG A CG  1 
ATOM   1451 C CD  . ARG A 1 206 ? -17.282 4.758   -7.904  1.00 37.31  ? 206 ARG A CD  1 
ATOM   1452 N NE  . ARG A 1 206 ? -17.129 4.739   -6.457  1.00 42.54  ? 206 ARG A NE  1 
ATOM   1453 C CZ  . ARG A 1 206 ? -18.134 4.944   -5.611  1.00 48.70  ? 206 ARG A CZ  1 
ATOM   1454 N NH1 . ARG A 1 206 ? -19.362 5.177   -6.058  1.00 49.30  ? 206 ARG A NH1 1 
ATOM   1455 N NH2 . ARG A 1 206 ? -17.909 4.919   -4.308  1.00 52.12  ? 206 ARG A NH2 1 
ATOM   1456 N N   . GLN A 1 207 ? -17.772 -0.737  -8.568  1.00 41.75  ? 207 GLN A N   1 
ATOM   1457 C CA  . GLN A 1 207 ? -18.292 -1.999  -8.007  1.00 44.28  ? 207 GLN A CA  1 
ATOM   1458 C C   . GLN A 1 207 ? -17.424 -3.186  -8.395  1.00 38.87  ? 207 GLN A C   1 
ATOM   1459 O O   . GLN A 1 207 ? -17.244 -4.106  -7.612  1.00 39.23  ? 207 GLN A O   1 
ATOM   1460 C CB  . GLN A 1 207 ? -19.760 -2.240  -8.424  1.00 51.29  ? 207 GLN A CB  1 
ATOM   1461 C CG  . GLN A 1 207 ? -20.792 -1.378  -7.667  1.00 66.46  ? 207 GLN A CG  1 
ATOM   1462 C CD  . GLN A 1 207 ? -20.891 -1.670  -6.144  1.00 77.50  ? 207 GLN A CD  1 
ATOM   1463 O OE1 . GLN A 1 207 ? -20.864 -2.837  -5.698  1.00 81.83  ? 207 GLN A OE1 1 
ATOM   1464 N NE2 . GLN A 1 207 ? -21.033 -0.613  -5.330  1.00 77.62  ? 207 GLN A NE2 1 
ATOM   1465 N N   . HIS A 1 208 ? -16.889 -3.158  -9.602  1.00 35.51  ? 208 HIS A N   1 
ATOM   1466 C CA  . HIS A 1 208 ? -15.961 -4.180  -10.043 1.00 32.49  ? 208 HIS A CA  1 
ATOM   1467 C C   . HIS A 1 208 ? -14.708 -4.167  -9.169  1.00 37.04  ? 208 HIS A C   1 
ATOM   1468 O O   . HIS A 1 208 ? -14.232 -5.213  -8.723  1.00 43.81  ? 208 HIS A O   1 
ATOM   1469 C CB  . HIS A 1 208 ? -15.592 -3.905  -11.481 1.00 28.89  ? 208 HIS A CB  1 
ATOM   1470 C CG  . HIS A 1 208 ? -14.443 -4.690  -12.016 1.00 33.75  ? 208 HIS A CG  1 
ATOM   1471 N ND1 . HIS A 1 208 ? -14.586 -5.922  -12.624 1.00 33.68  ? 208 HIS A ND1 1 
ATOM   1472 C CD2 . HIS A 1 208 ? -13.126 -4.372  -12.161 1.00 33.74  ? 208 HIS A CD2 1 
ATOM   1473 C CE1 . HIS A 1 208 ? -13.443 -6.343  -13.130 1.00 32.73  ? 208 HIS A CE1 1 
ATOM   1474 N NE2 . HIS A 1 208 ? -12.560 -5.410  -12.852 1.00 35.20  ? 208 HIS A NE2 1 
ATOM   1475 N N   . LEU A 1 209 ? -14.164 -2.977  -8.928  1.00 38.22  ? 209 LEU A N   1 
ATOM   1476 C CA  . LEU A 1 209 ? -12.976 -2.862  -8.079  1.00 36.94  ? 209 LEU A CA  1 
ATOM   1477 C C   . LEU A 1 209 ? -13.281 -3.386  -6.696  1.00 34.39  ? 209 LEU A C   1 
ATOM   1478 O O   . LEU A 1 209 ? -12.444 -4.028  -6.070  1.00 35.25  ? 209 LEU A O   1 
ATOM   1479 C CB  . LEU A 1 209 ? -12.503 -1.407  -7.973  1.00 33.11  ? 209 LEU A CB  1 
ATOM   1480 C CG  . LEU A 1 209 ? -11.890 -0.772  -9.219  1.00 30.29  ? 209 LEU A CG  1 
ATOM   1481 C CD1 . LEU A 1 209 ? -11.443 0.636   -8.889  1.00 29.33  ? 209 LEU A CD1 1 
ATOM   1482 C CD2 . LEU A 1 209 ? -10.721 -1.593  -9.721  1.00 33.38  ? 209 LEU A CD2 1 
ATOM   1483 N N   . LEU A 1 210 ? -14.493 -3.121  -6.238  1.00 33.88  ? 210 LEU A N   1 
ATOM   1484 C CA  . LEU A 1 210 ? -14.927 -3.573  -4.935  1.00 38.70  ? 210 LEU A CA  1 
ATOM   1485 C C   . LEU A 1 210 ? -14.978 -5.091  -4.844  1.00 39.18  ? 210 LEU A C   1 
ATOM   1486 O O   . LEU A 1 210 ? -14.678 -5.660  -3.800  1.00 39.40  ? 210 LEU A O   1 
ATOM   1487 C CB  . LEU A 1 210 ? -16.287 -2.991  -4.620  1.00 41.36  ? 210 LEU A CB  1 
ATOM   1488 C CG  . LEU A 1 210 ? -16.634 -2.912  -3.143  1.00 43.08  ? 210 LEU A CG  1 
ATOM   1489 C CD1 . LEU A 1 210 ? -15.433 -2.417  -2.357  1.00 46.19  ? 210 LEU A CD1 1 
ATOM   1490 C CD2 . LEU A 1 210 ? -17.821 -1.989  -2.947  1.00 47.69  ? 210 LEU A CD2 1 
ATOM   1491 N N   . ARG A 1 211 ? -15.371 -5.738  -5.927  1.00 42.78  ? 211 ARG A N   1 
ATOM   1492 C CA  . ARG A 1 211 ? -15.363 -7.199  -5.976  1.00 49.17  ? 211 ARG A CA  1 
ATOM   1493 C C   . ARG A 1 211 ? -13.956 -7.714  -5.649  1.00 50.99  ? 211 ARG A C   1 
ATOM   1494 O O   . ARG A 1 211 ? -13.777 -8.790  -5.058  1.00 54.69  ? 211 ARG A O   1 
ATOM   1495 C CB  . ARG A 1 211 ? -15.754 -7.686  -7.378  1.00 53.07  ? 211 ARG A CB  1 
ATOM   1496 C CG  . ARG A 1 211 ? -17.239 -7.611  -7.703  1.00 65.48  ? 211 ARG A CG  1 
ATOM   1497 C CD  . ARG A 1 211 ? -17.490 -7.876  -9.183  1.00 71.87  ? 211 ARG A CD  1 
ATOM   1498 N NE  . ARG A 1 211 ? -18.767 -8.556  -9.407  1.00 81.62  ? 211 ARG A NE  1 
ATOM   1499 C CZ  . ARG A 1 211 ? -18.857 -9.775  -9.968  1.00 87.30  ? 211 ARG A CZ  1 
ATOM   1500 N NH1 . ARG A 1 211 ? -17.755 -10.420 -10.339 1.00 92.42  ? 211 ARG A NH1 1 
ATOM   1501 N NH2 . ARG A 1 211 ? -20.042 -10.350 -10.153 1.00 87.33  ? 211 ARG A NH2 1 
ATOM   1502 N N   . TRP A 1 212 ? -12.968 -6.903  -6.001  1.00 50.76  ? 212 TRP A N   1 
ATOM   1503 C CA  . TRP A 1 212 ? -11.577 -7.259  -5.830  1.00 44.65  ? 212 TRP A CA  1 
ATOM   1504 C C   . TRP A 1 212 ? -10.911 -6.670  -4.590  1.00 39.31  ? 212 TRP A C   1 
ATOM   1505 O O   . TRP A 1 212 ? -9.698  -6.619  -4.501  1.00 40.68  ? 212 TRP A O   1 
ATOM   1506 C CB  . TRP A 1 212 ? -10.847 -6.808  -7.056  1.00 45.85  ? 212 TRP A CB  1 
ATOM   1507 C CG  . TRP A 1 212 ? -11.082 -7.693  -8.195  1.00 45.19  ? 212 TRP A CG  1 
ATOM   1508 C CD1 . TRP A 1 212 ? -11.993 -7.525  -9.203  1.00 46.42  ? 212 TRP A CD1 1 
ATOM   1509 C CD2 . TRP A 1 212 ? -10.303 -8.848  -8.502  1.00 48.78  ? 212 TRP A CD2 1 
ATOM   1510 N NE1 . TRP A 1 212 ? -11.801 -8.523  -10.130 1.00 51.51  ? 212 TRP A NE1 1 
ATOM   1511 C CE2 . TRP A 1 212 ? -10.778 -9.352  -9.742  1.00 54.35  ? 212 TRP A CE2 1 
ATOM   1512 C CE3 . TRP A 1 212 ? -9.247  -9.498  -7.852  1.00 47.21  ? 212 TRP A CE3 1 
ATOM   1513 C CZ2 . TRP A 1 212 ? -10.224 -10.482 -10.348 1.00 56.84  ? 212 TRP A CZ2 1 
ATOM   1514 C CZ3 . TRP A 1 212 ? -8.697  -10.620 -8.450  1.00 53.28  ? 212 TRP A CZ3 1 
ATOM   1515 C CH2 . TRP A 1 212 ? -9.181  -11.103 -9.683  1.00 57.30  ? 212 TRP A CH2 1 
ATOM   1516 N N   . GLY A 1 213 ? -11.682 -6.205  -3.656  1.00 37.42  ? 213 GLY A N   1 
ATOM   1517 C CA  . GLY A 1 213 ? -11.094 -5.717  -2.433  1.00 40.66  ? 213 GLY A CA  1 
ATOM   1518 C C   . GLY A 1 213 ? -10.685 -4.273  -2.466  1.00 43.61  ? 213 GLY A C   1 
ATOM   1519 O O   . GLY A 1 213 ? -10.402 -3.697  -1.417  1.00 50.89  ? 213 GLY A O   1 
ATOM   1520 N N   . LEU A 1 214 ? -10.649 -3.661  -3.634  1.00 44.81  ? 214 LEU A N   1 
ATOM   1521 C CA  . LEU A 1 214 ? -10.243 -2.256  -3.707  1.00 45.50  ? 214 LEU A CA  1 
ATOM   1522 C C   . LEU A 1 214 ? -11.458 -1.329  -3.554  1.00 48.51  ? 214 LEU A C   1 
ATOM   1523 O O   . LEU A 1 214 ? -12.461 -1.496  -4.257  1.00 51.49  ? 214 LEU A O   1 
ATOM   1524 C CB  . LEU A 1 214 ? -9.514  -1.994  -5.041  1.00 42.45  ? 214 LEU A CB  1 
ATOM   1525 C CG  . LEU A 1 214 ? -8.398  -2.990  -5.434  1.00 44.04  ? 214 LEU A CG  1 
ATOM   1526 C CD1 . LEU A 1 214 ? -7.789  -2.620  -6.775  1.00 43.52  ? 214 LEU A CD1 1 
ATOM   1527 C CD2 . LEU A 1 214 ? -7.315  -2.996  -4.382  1.00 41.82  ? 214 LEU A CD2 1 
ATOM   1528 N N   . THR A 1 215 ? -11.410 -0.397  -2.593  1.00 53.62  ? 215 THR A N   1 
ATOM   1529 C CA  . THR A 1 215 ? -12.509 0.575   -2.446  1.00 58.35  ? 215 THR A CA  1 
ATOM   1530 C C   . THR A 1 215 ? -12.079 1.922   -3.035  1.00 57.51  ? 215 THR A C   1 
ATOM   1531 O O   . THR A 1 215 ? -10.979 2.422   -2.734  1.00 57.26  ? 215 THR A O   1 
ATOM   1532 C CB  . THR A 1 215 ? -12.986 0.789   -0.973  1.00 60.33  ? 215 THR A CB  1 
ATOM   1533 O OG1 . THR A 1 215 ? -11.969 1.435   -0.226  1.00 70.59  ? 215 THR A OG1 1 
ATOM   1534 C CG2 . THR A 1 215 ? -13.325 -0.531  -0.289  1.00 63.24  ? 215 THR A CG2 1 
ATOM   1535 N N   . THR A 1 216 ? -12.920 2.461   -3.923  1.00 59.29  ? 216 THR A N   1 
ATOM   1536 C CA  . THR A 1 216 ? -12.656 3.739   -4.583  1.00 57.81  ? 216 THR A CA  1 
ATOM   1537 C C   . THR A 1 216 ? -13.896 4.609   -4.544  1.00 59.73  ? 216 THR A C   1 
ATOM   1538 O O   . THR A 1 216 ? -14.024 5.510   -5.416  1.00 65.48  ? 216 THR A O   1 
ATOM   1539 C CB  . THR A 1 216 ? -12.227 3.548   -6.063  1.00 55.21  ? 216 THR A CB  1 
ATOM   1540 O OG1 . THR A 1 216 ? -13.258 2.893   -6.817  1.00 53.07  ? 216 THR A OG1 1 
ATOM   1541 C CG2 . THR A 1 216 ? -10.954 2.720   -6.135  1.00 60.31  ? 216 THR A CG2 1 
ATOM   1542 O OXT . THR A 1 216 ? -14.741 4.371   -3.646  1.00 60.99  ? 216 THR A OXT 1 
HETATM 1543 O O   . HOH B 2 .   ? 15.039  -15.640 9.335   1.00 63.72  ? 600 HOH A O   1 
HETATM 1544 O O   . HOH B 2 .   ? 13.133  -17.124 11.923  1.00 35.32  ? 601 HOH A O   1 
HETATM 1545 O O   . HOH B 2 .   ? 9.070   -15.407 11.367  1.00 46.96  ? 602 HOH A O   1 
HETATM 1546 O O   . HOH B 2 .   ? 10.458  -13.197 10.378  1.00 45.24  ? 603 HOH A O   1 
HETATM 1547 O O   . HOH B 2 .   ? 8.661   -11.287 10.962  1.00 22.29  ? 604 HOH A O   1 
HETATM 1548 O O   . HOH B 2 .   ? 7.812   -12.244 13.468  1.00 41.09  ? 605 HOH A O   1 
HETATM 1549 O O   . HOH B 2 .   ? 7.522   -15.270 16.964  1.00 52.89  ? 606 HOH A O   1 
HETATM 1550 O O   . HOH B 2 .   ? 3.670   -13.237 11.205  1.00 80.16  ? 607 HOH A O   1 
HETATM 1551 O O   . HOH B 2 .   ? 2.693   -10.773 8.868   1.00 51.68  ? 608 HOH A O   1 
HETATM 1552 O O   . HOH B 2 .   ? 2.554   -13.171 7.014   1.00 54.45  ? 609 HOH A O   1 
HETATM 1553 O O   . HOH B 2 .   ? 5.011   -13.810 6.134   1.00 71.25  ? 610 HOH A O   1 
HETATM 1554 O O   . HOH B 2 .   ? 6.779   -12.995 8.444   1.00 51.16  ? 611 HOH A O   1 
HETATM 1555 O O   . HOH B 2 .   ? 8.632   -12.419 5.908   1.00 22.52  ? 612 HOH A O   1 
HETATM 1556 O O   . HOH B 2 .   ? 13.483  -12.674 10.452  1.00 37.84  ? 613 HOH A O   1 
HETATM 1557 O O   . HOH B 2 .   ? 16.344  -12.475 9.532   1.00 43.40  ? 614 HOH A O   1 
HETATM 1558 O O   . HOH B 2 .   ? 18.458  -11.292 4.867   1.00 54.02  ? 615 HOH A O   1 
HETATM 1559 O O   . HOH B 2 .   ? 21.933  -12.430 7.125   1.00 79.17  ? 616 HOH A O   1 
HETATM 1560 O O   . HOH B 2 .   ? 12.800  -15.491 -1.296  1.00 64.55  ? 617 HOH A O   1 
HETATM 1561 O O   . HOH B 2 .   ? 10.702  -13.835 -2.828  1.00 58.43  ? 618 HOH A O   1 
HETATM 1562 O O   . HOH B 2 .   ? 12.423  -11.996 0.042   1.00 34.58  ? 619 HOH A O   1 
HETATM 1563 O O   . HOH B 2 .   ? 17.719  -9.220  -6.225  1.00 54.09  ? 620 HOH A O   1 
HETATM 1564 O O   . HOH B 2 .   ? 18.916  -6.993  -7.977  1.00 42.06  ? 621 HOH A O   1 
HETATM 1565 O O   . HOH B 2 .   ? 17.016  -5.823  -9.672  1.00 40.96  ? 622 HOH A O   1 
HETATM 1566 O O   . HOH B 2 .   ? 18.442  -4.354  -11.410 1.00 34.31  ? 623 HOH A O   1 
HETATM 1567 O O   . HOH B 2 .   ? 14.414  0.217   -12.762 1.00 52.72  ? 624 HOH A O   1 
HETATM 1568 O O   . HOH B 2 .   ? 13.747  3.173   -13.175 1.00 54.03  ? 625 HOH A O   1 
HETATM 1569 O O   . HOH B 2 .   ? 13.301  0.336   -9.965  1.00 35.66  ? 626 HOH A O   1 
HETATM 1570 O O   . HOH B 2 .   ? 7.692   0.969   -8.417  1.00 45.44  ? 627 HOH A O   1 
HETATM 1571 O O   . HOH B 2 .   ? 5.640   2.433   -11.996 1.00 45.36  ? 628 HOH A O   1 
HETATM 1572 O O   . HOH B 2 .   ? 5.613   0.200   -13.535 1.00 47.03  ? 629 HOH A O   1 
HETATM 1573 O O   . HOH B 2 .   ? 4.256   -2.050  -13.646 1.00 51.23  ? 630 HOH A O   1 
HETATM 1574 O O   . HOH B 2 .   ? 4.696   -6.263  -18.053 1.00 134.50 ? 631 HOH A O   1 
HETATM 1575 O O   . HOH B 2 .   ? 5.928   -2.169  -20.049 1.00 52.76  ? 632 HOH A O   1 
HETATM 1576 O O   . HOH B 2 .   ? 11.943  0.283   -15.748 1.00 50.68  ? 633 HOH A O   1 
HETATM 1577 O O   . HOH B 2 .   ? 3.561   6.825   -20.328 1.00 57.57  ? 634 HOH A O   1 
HETATM 1578 O O   . HOH B 2 .   ? 1.594   5.040   -18.865 1.00 70.59  ? 635 HOH A O   1 
HETATM 1579 O O   . HOH B 2 .   ? 2.565   9.929   -21.250 1.00 74.92  ? 636 HOH A O   1 
HETATM 1580 O O   . HOH B 2 .   ? -7.406  10.343  -24.447 1.00 77.56  ? 637 HOH A O   1 
HETATM 1581 O O   . HOH B 2 .   ? -13.148 14.086  -12.049 1.00 59.93  ? 638 HOH A O   1 
HETATM 1582 O O   . HOH B 2 .   ? -7.074  12.537  -7.390  1.00 55.19  ? 639 HOH A O   1 
HETATM 1583 O O   . HOH B 2 .   ? -3.182  13.507  -8.049  1.00 49.42  ? 640 HOH A O   1 
HETATM 1584 O O   . HOH B 2 .   ? -1.453  10.711  -7.735  1.00 100.90 ? 641 HOH A O   1 
HETATM 1585 O O   . HOH B 2 .   ? 1.012   2.714   -9.679  1.00 42.55  ? 642 HOH A O   1 
HETATM 1586 O O   . HOH B 2 .   ? -3.763  0.548   -14.928 1.00 64.12  ? 643 HOH A O   1 
HETATM 1587 O O   . HOH B 2 .   ? -5.932  -3.771  -18.140 1.00 43.25  ? 644 HOH A O   1 
HETATM 1588 O O   . HOH B 2 .   ? -8.178  -10.829 -14.018 1.00 61.97  ? 645 HOH A O   1 
HETATM 1589 O O   . HOH B 2 .   ? -19.750 -3.794  -12.767 1.00 63.76  ? 646 HOH A O   1 
HETATM 1590 O O   . HOH B 2 .   ? -19.965 -3.329  -17.011 1.00 70.45  ? 647 HOH A O   1 
HETATM 1591 O O   . HOH B 2 .   ? -22.642 2.499   -6.944  1.00 58.48  ? 648 HOH A O   1 
HETATM 1592 O O   . HOH B 2 .   ? -14.192 0.370   -5.520  1.00 41.90  ? 649 HOH A O   1 
HETATM 1593 O O   . HOH B 2 .   ? -8.950  -0.298  -1.144  1.00 59.33  ? 650 HOH A O   1 
HETATM 1594 O O   . HOH B 2 .   ? -7.442  -0.095  1.711   1.00 50.01  ? 651 HOH A O   1 
HETATM 1595 O O   . HOH B 2 .   ? -9.752  -1.790  2.827   1.00 88.21  ? 652 HOH A O   1 
HETATM 1596 O O   . HOH B 2 .   ? -5.693  1.477   6.180   1.00 70.61  ? 653 HOH A O   1 
HETATM 1597 O O   . HOH B 2 .   ? -2.553  6.677   8.270   1.00 69.00  ? 654 HOH A O   1 
HETATM 1598 O O   . HOH B 2 .   ? 2.472   3.432   4.904   1.00 47.43  ? 655 HOH A O   1 
HETATM 1599 O O   . HOH B 2 .   ? 4.461   5.690   4.349   1.00 53.99  ? 656 HOH A O   1 
HETATM 1600 O O   . HOH B 2 .   ? 10.305  6.517   2.056   1.00 56.78  ? 657 HOH A O   1 
HETATM 1601 O O   . HOH B 2 .   ? 13.427  6.097   -1.161  1.00 71.38  ? 658 HOH A O   1 
HETATM 1602 O O   . HOH B 2 .   ? 16.304  5.389   -0.710  1.00 52.69  ? 659 HOH A O   1 
HETATM 1603 O O   . HOH B 2 .   ? 17.374  1.650   -4.741  1.00 38.01  ? 660 HOH A O   1 
HETATM 1604 O O   . HOH B 2 .   ? 14.221  1.492   5.720   1.00 25.75  ? 661 HOH A O   1 
HETATM 1605 O O   . HOH B 2 .   ? 14.972  4.027   6.488   1.00 31.07  ? 662 HOH A O   1 
HETATM 1606 O O   . HOH B 2 .   ? 16.968  5.838   7.309   1.00 52.79  ? 663 HOH A O   1 
HETATM 1607 O O   . HOH B 2 .   ? 22.271  1.690   8.337   1.00 84.63  ? 664 HOH A O   1 
HETATM 1608 O O   . HOH B 2 .   ? 20.420  -0.585  8.209   1.00 44.10  ? 665 HOH A O   1 
HETATM 1609 O O   . HOH B 2 .   ? 21.722  -5.184  8.302   1.00 66.59  ? 666 HOH A O   1 
HETATM 1610 O O   . HOH B 2 .   ? 23.283  -5.520  4.046   1.00 54.45  ? 667 HOH A O   1 
HETATM 1611 O O   . HOH B 2 .   ? 12.305  -2.475  8.402   1.00 22.44  ? 668 HOH A O   1 
HETATM 1612 O O   . HOH B 2 .   ? 10.356  1.911   13.674  1.00 29.26  ? 669 HOH A O   1 
HETATM 1613 O O   . HOH B 2 .   ? 18.221  -5.332  15.181  1.00 52.34  ? 670 HOH A O   1 
HETATM 1614 O O   . HOH B 2 .   ? 23.990  -1.380  16.788  1.00 75.47  ? 671 HOH A O   1 
HETATM 1615 O O   . HOH B 2 .   ? 10.771  -8.098  17.070  1.00 41.48  ? 672 HOH A O   1 
HETATM 1616 O O   . HOH B 2 .   ? 4.552   -6.587  19.336  1.00 55.92  ? 673 HOH A O   1 
HETATM 1617 O O   . HOH B 2 .   ? -1.190  -9.394  14.585  1.00 38.63  ? 674 HOH A O   1 
HETATM 1618 O O   . HOH B 2 .   ? -3.451  -9.048  11.029  1.00 44.04  ? 675 HOH A O   1 
HETATM 1619 O O   . HOH B 2 .   ? -3.941  -13.286 13.222  1.00 75.22  ? 676 HOH A O   1 
HETATM 1620 O O   . HOH B 2 .   ? -1.943  -9.330  2.787   1.00 40.00  ? 677 HOH A O   1 
HETATM 1621 O O   . HOH B 2 .   ? -3.207  -13.173 -2.431  1.00 61.26  ? 678 HOH A O   1 
HETATM 1622 O O   . HOH B 2 .   ? -0.626  -15.256 -3.961  1.00 69.91  ? 679 HOH A O   1 
HETATM 1623 O O   . HOH B 2 .   ? 2.925   -14.214 -1.052  1.00 44.64  ? 680 HOH A O   1 
HETATM 1624 O O   . HOH B 2 .   ? 4.574   -8.356  -3.398  1.00 23.37  ? 681 HOH A O   1 
HETATM 1625 O O   . HOH B 2 .   ? 2.122   -8.289  -4.551  1.00 22.10  ? 682 HOH A O   1 
HETATM 1626 O O   . HOH B 2 .   ? 0.320   -8.270  -6.536  1.00 30.87  ? 683 HOH A O   1 
HETATM 1627 O O   . HOH B 2 .   ? 1.101   -7.999  -10.651 1.00 36.43  ? 684 HOH A O   1 
HETATM 1628 O O   . HOH B 2 .   ? 2.786   -9.965  -11.671 1.00 58.23  ? 685 HOH A O   1 
HETATM 1629 O O   . HOH B 2 .   ? -8.594  4.518   -2.477  1.00 65.69  ? 686 HOH A O   1 
HETATM 1630 O O   . HOH B 2 .   ? -14.375 -6.457  -0.953  1.00 66.25  ? 687 HOH A O   1 
HETATM 1631 O O   . HOH B 2 .   ? -8.506  14.150  -23.163 1.00 120.26 ? 688 HOH A O   1 
HETATM 1632 O O   . HOH B 2 .   ? -8.169  10.772  -20.118 1.00 53.39  ? 689 HOH A O   1 
# 
